data_9N0U
#
_entry.id   9N0U
#
_cell.length_a   1.00
_cell.length_b   1.00
_cell.length_c   1.00
_cell.angle_alpha   90.00
_cell.angle_beta   90.00
_cell.angle_gamma   90.00
#
_symmetry.space_group_name_H-M   'P 1'
#
loop_
_entity.id
_entity.type
_entity.pdbx_description
1 polymer 'RNA-directed RNA polymerase'
2 polymer 'P protein'
3 non-polymer 'ZINC ION'
#
loop_
_entity_poly.entity_id
_entity_poly.type
_entity_poly.pdbx_seq_one_letter_code
_entity_poly.pdbx_strand_id
1 'polypeptide(L)'
;MSFHASLLREEETPRPVAGINRTDQSLKNPLLGTEVSFCLKSSSLPHHVRALGQIKARNLASCDYYLLFRQVVLPPEVYP
IGVLIRAAEAILTVIVSAWKLEHMTKTLYSSVRYALTNPRVRAQLELHIAYQRIVGQVSYSREADIGPKRLGNMSLQFVQ
SLVIATIDTTSCLMTYNHFLAAADTAKSRCHLLIASVVQGALWEQGSFLDHIINLIDTIDSINLPHDDYFTIIKSISPYS
QGLVMGRHNVSVSSDFASVFTIPESCPQLDSLLKKLLQLDPVLLLMVSSVQKSWYFPEIRMVDGSREQLHKMRVELETPQ
ALLSYGHTLLSIFRAEFIKGYVSKNAKWPPVHLLPGCDKSIKNARELGRWSPAFDRRWQLFAKVVILRIADLDMDPDFND
IVSDKAIISSRRDWVFEYNAAAFWKKYGERLERPPARSGPSRLVNALIDGRLDNIPALLEPFYRGAVEFEDRLTVLVPKE
KELKVKGRFFSKQTLAIRIYQVVAEAALKNEVMPYLKTHSMTMSSTALTHLLNRLSHTITKGDSFVINLDYSSWCNGFRP
ELQAPICRQLDQMFNCGYFFRTGCTLPCFTTFIIQDRFNPPYSFRGEPVEDGVTCAVGTKTMGEGMRQKLWTILTSCWEI
IALREINVTFNILGQGDNQTIIIHKSASQNNQLLAERALGALYKHARLAGHNLKVEECWVSDCLYEYGKKLFFRGVPVPG
CLKQLSRVTDSTGELFPNLYSKLACLTSSCLSAAMADTSPWVALATGVCLYLIELYVELPPAIMQDESLLTTLCLVGPSI
GGLPTPATLPSVFFRGMSDPLPFQLALLQTLIKTTGVTCSLVNRVVKLRIAPYPDWLSLVTDPTSLNIAQVYRPERQIRR
WIEEAIATSSHSSRIATFFQQPLTEMAQLLARDLSTMMPLRPRDMSALFALSNVAYGLSIIDLFQKSSTVVSASQAVHIE
DVALESVRYKESIIQGLLDTTEGYNMQPYLEGCTYLAAKQLRRLTWGRDLVGVTMPFVAEQFHPHSSVGAKAELYLDAII
YCPQETLRSHHLTTRGDQPLYLGSNTAVKVQRGEITGLTKSRAANLVKDTLVLHQWYKVRKVTDPHLNTLMARFLLEKGY
TSDARPSIQGGTLTHRLPSRGDSRQGLTGYVNILSTWLRFSSDYLHSFSKSSDDYTIHFQHVFTYGCLYADSVIRSGGVI
STPYLLSASCKTCFEKIDSEEFVLACEPQYRGAEWLITKPVTVPEQIIDAEVEFDPCVSASYCLGILIGKSFLVDIRASG
QDIMEQRTWANLERFSISDMQKLPWSIVIRSLWRFLIGARLLQFEKAGLIRMLYAATGPTFSFLMKVFQDSALLMDCAPL
DRLSPRINFHSRGDLVAKLVLLPFINPGIVEIEVSGINSKYHAVSEANMDLYIAAAKSVGVKPTQFVEETNDFTARGHHH
GCYSLSWSKSRNQSQVLKMVVRKLKLCVLYIYPTVDPAVALDLCHLPALTIILVLGGDPAYYERLLEMDLCGAVSSRVDI
PHSLAARTHKGFTIGPDTGPGVIRLDKLESVCYAHPCLEELEFNAYLDSELVDISDMCCLPLATPCKALFRPIYRSLQSF
RLALMDNYSFVMDLILIRGLDIRPHLEEFDELLVVGQHILGQPVLVEVVYYVGVVGKRPVLARHPWSADLKRITVGGRAP
CPSAARLRDEDCQGSLLVGLPAGLTQLLIID
;
A
2 'polypeptide(L)'
;MAARPSSLVDSLEDEEDPQTLRRERSGSPRPRKIPRNALTQPVDQLLKDLRKNPSMISDPDQRTGREQLSNDELIKKLVT
ELAENSMIEAEEVRGTLGDISARIEAGFESLSALQVETIQTAQRCDHSDSIRILGENIKILDRSMKTMMETMKLMMEKVD
LLYASTAVGTSAPMLPSHPAPPRIYPQLPSAPTADEWDIIP
;
B,C,D,E
#
loop_
_chem_comp.id
_chem_comp.type
_chem_comp.name
_chem_comp.formula
ZN non-polymer 'ZINC ION' 'Zn 2'
#
# COMPACT_ATOMS: atom_id res chain seq x y z
N ALA A 18 34.77 3.19 -17.37
CA ALA A 18 34.59 2.90 -15.95
C ALA A 18 33.29 2.12 -15.71
N GLY A 19 32.78 2.21 -14.50
CA GLY A 19 31.51 1.58 -14.16
C GLY A 19 30.33 2.44 -14.57
N ILE A 20 29.13 1.94 -14.27
CA ILE A 20 27.93 2.72 -14.55
C ILE A 20 27.82 3.84 -13.54
N ASN A 21 27.38 5.01 -14.01
CA ASN A 21 27.30 6.20 -13.19
C ASN A 21 25.98 6.89 -13.43
N ARG A 22 25.46 7.54 -12.38
CA ARG A 22 24.26 8.39 -12.41
C ARG A 22 23.04 7.63 -12.97
N THR A 23 22.83 6.45 -12.40
CA THR A 23 22.01 5.39 -13.00
C THR A 23 20.54 5.78 -13.10
N ASP A 24 20.00 6.45 -12.09
CA ASP A 24 18.57 6.68 -11.99
C ASP A 24 18.08 7.66 -13.05
N GLN A 25 16.90 7.38 -13.60
CA GLN A 25 16.27 8.25 -14.58
C GLN A 25 15.06 8.99 -14.02
N SER A 26 14.75 8.82 -12.74
CA SER A 26 13.72 9.60 -12.06
C SER A 26 14.10 9.71 -10.60
N LEU A 27 13.45 10.62 -9.89
CA LEU A 27 13.79 10.88 -8.49
C LEU A 27 13.22 9.78 -7.60
N LYS A 28 14.09 9.00 -7.00
CA LYS A 28 13.72 7.92 -6.10
C LYS A 28 14.37 8.01 -4.74
N ASN A 29 15.41 8.80 -4.59
CA ASN A 29 16.15 9.00 -3.36
C ASN A 29 15.87 10.38 -2.79
N PRO A 30 16.00 10.54 -1.47
CA PRO A 30 15.86 11.87 -0.87
C PRO A 30 17.00 12.80 -1.27
N LEU A 31 16.71 14.09 -1.22
CA LEU A 31 17.67 15.14 -1.59
C LEU A 31 18.47 15.51 -0.35
N LEU A 32 19.73 15.08 -0.30
CA LEU A 32 20.61 15.40 0.82
C LEU A 32 21.82 16.15 0.30
N GLY A 33 22.41 16.94 1.19
CA GLY A 33 23.53 17.78 0.80
C GLY A 33 24.77 17.67 1.68
N THR A 34 25.04 16.48 2.19
CA THR A 34 26.27 16.29 2.95
C THR A 34 27.48 16.16 2.04
N GLU A 35 27.27 15.63 0.83
CA GLU A 35 28.36 15.48 -0.13
C GLU A 35 28.87 16.82 -0.62
N VAL A 36 27.96 17.77 -0.82
CA VAL A 36 28.36 19.11 -1.25
C VAL A 36 29.15 19.81 -0.15
N SER A 37 28.77 19.59 1.11
CA SER A 37 29.51 20.19 2.22
C SER A 37 30.87 19.52 2.39
N PHE A 38 30.96 18.22 2.09
CA PHE A 38 32.26 17.55 2.14
C PHE A 38 33.15 18.00 1.00
N CYS A 39 32.55 18.30 -0.16
CA CYS A 39 33.32 18.72 -1.33
C CYS A 39 33.88 20.13 -1.15
N LEU A 40 33.09 21.04 -0.59
CA LEU A 40 33.49 22.43 -0.47
C LEU A 40 34.41 22.70 0.71
N LYS A 41 34.90 21.68 1.41
CA LYS A 41 35.81 21.84 2.52
C LYS A 41 37.08 21.02 2.27
N SER A 42 37.54 21.07 1.02
CA SER A 42 38.86 20.57 0.59
C SER A 42 39.02 19.07 0.83
N SER A 43 38.16 18.29 0.19
CA SER A 43 38.32 16.84 0.22
C SER A 43 39.47 16.42 -0.69
N SER A 44 40.10 15.30 -0.35
CA SER A 44 41.22 14.78 -1.11
C SER A 44 40.79 13.80 -2.19
N LEU A 45 39.49 13.59 -2.37
CA LEU A 45 39.02 12.73 -3.44
C LEU A 45 39.26 13.40 -4.79
N PRO A 46 39.69 12.65 -5.81
CA PRO A 46 40.00 13.26 -7.11
C PRO A 46 38.83 13.93 -7.82
N HIS A 47 37.62 13.36 -7.74
CA HIS A 47 36.50 13.97 -8.44
C HIS A 47 35.96 15.18 -7.68
N HIS A 48 36.18 15.24 -6.36
CA HIS A 48 35.79 16.42 -5.60
C HIS A 48 36.65 17.62 -5.95
N VAL A 49 37.94 17.40 -6.25
CA VAL A 49 38.83 18.49 -6.66
C VAL A 49 38.37 19.07 -8.01
N ARG A 50 38.03 18.18 -8.94
CA ARG A 50 37.53 18.61 -10.24
C ARG A 50 36.21 19.36 -10.11
N ALA A 51 35.31 18.86 -9.27
CA ALA A 51 34.03 19.54 -9.07
C ALA A 51 34.20 20.88 -8.34
N LEU A 52 35.21 21.00 -7.49
CA LEU A 52 35.47 22.27 -6.82
C LEU A 52 36.08 23.27 -7.79
N GLY A 53 36.77 22.79 -8.81
CA GLY A 53 37.41 23.69 -9.76
C GLY A 53 36.42 24.51 -10.58
N GLN A 54 35.31 23.89 -11.00
CA GLN A 54 34.43 24.56 -11.96
C GLN A 54 33.49 25.56 -11.32
N ILE A 55 33.46 25.66 -9.99
CA ILE A 55 32.51 26.58 -9.36
C ILE A 55 32.98 28.02 -9.56
N LYS A 56 32.01 28.92 -9.72
CA LYS A 56 32.28 30.31 -10.03
C LYS A 56 32.45 31.12 -8.75
N ALA A 57 32.50 32.44 -8.90
CA ALA A 57 32.70 33.32 -7.75
C ALA A 57 31.48 33.33 -6.85
N ARG A 58 30.29 33.32 -7.43
CA ARG A 58 29.04 33.23 -6.67
C ARG A 58 28.56 31.79 -6.71
N ASN A 59 28.90 31.02 -5.69
CA ASN A 59 28.40 29.65 -5.54
C ASN A 59 27.25 29.66 -4.55
N LEU A 60 26.03 29.48 -5.05
CA LEU A 60 24.88 29.37 -4.17
C LEU A 60 24.90 28.03 -3.44
N ALA A 61 24.18 27.99 -2.33
CA ALA A 61 24.03 26.76 -1.59
C ALA A 61 23.13 25.80 -2.37
N SER A 62 23.24 24.51 -2.04
CA SER A 62 22.48 23.49 -2.76
C SER A 62 20.99 23.54 -2.42
N CYS A 63 20.62 24.23 -1.33
CA CYS A 63 19.23 24.32 -0.95
C CYS A 63 18.45 25.25 -1.88
N ASP A 64 19.13 26.22 -2.48
CA ASP A 64 18.50 27.17 -3.40
C ASP A 64 18.67 26.78 -4.85
N TYR A 65 18.69 25.46 -5.12
CA TYR A 65 18.82 24.95 -6.49
C TYR A 65 17.60 25.33 -7.33
N TYR A 66 16.44 25.47 -6.69
CA TYR A 66 15.25 25.87 -7.41
C TYR A 66 15.29 27.33 -7.82
N LEU A 67 16.01 28.17 -7.06
CA LEU A 67 16.22 29.56 -7.47
C LEU A 67 17.08 29.66 -8.72
N LEU A 68 17.93 28.65 -8.96
CA LEU A 68 18.77 28.66 -10.14
C LEU A 68 18.09 27.95 -11.31
N PHE A 69 17.34 26.89 -11.03
CA PHE A 69 16.60 26.18 -12.07
C PHE A 69 15.29 26.85 -12.48
N ARG A 70 14.83 27.85 -11.74
CA ARG A 70 13.58 28.51 -12.06
C ARG A 70 13.77 29.67 -13.03
N GLN A 71 15.03 29.96 -13.40
CA GLN A 71 15.37 31.03 -14.31
C GLN A 71 15.58 30.56 -15.75
N VAL A 72 15.25 29.30 -16.05
CA VAL A 72 15.48 28.76 -17.39
C VAL A 72 14.41 29.26 -18.35
N VAL A 73 14.85 29.82 -19.47
CA VAL A 73 13.96 30.25 -20.55
C VAL A 73 14.50 29.67 -21.86
N LEU A 74 13.60 29.17 -22.71
CA LEU A 74 13.98 28.62 -23.99
C LEU A 74 13.55 29.55 -25.12
N PRO A 75 14.24 29.49 -26.26
CA PRO A 75 13.74 30.17 -27.45
C PRO A 75 12.41 29.58 -27.88
N PRO A 76 11.52 30.39 -28.45
CA PRO A 76 10.18 29.90 -28.77
C PRO A 76 10.16 28.95 -29.96
N GLU A 77 9.37 27.88 -29.82
CA GLU A 77 9.09 26.90 -30.88
C GLU A 77 10.34 26.24 -31.43
N VAL A 78 11.18 25.74 -30.53
CA VAL A 78 12.48 25.19 -30.92
C VAL A 78 12.33 23.77 -31.47
N TYR A 79 11.25 23.06 -31.11
CA TYR A 79 11.03 21.69 -31.58
C TYR A 79 9.78 21.62 -32.45
N PRO A 80 9.85 21.18 -33.71
CA PRO A 80 8.66 21.15 -34.56
C PRO A 80 7.73 20.01 -34.19
N ILE A 81 6.56 20.35 -33.64
CA ILE A 81 5.63 19.35 -33.12
C ILE A 81 4.23 19.51 -33.70
N GLY A 82 4.12 20.15 -34.87
CA GLY A 82 2.81 20.28 -35.51
C GLY A 82 2.28 18.96 -36.05
N VAL A 83 3.21 18.06 -36.44
CA VAL A 83 2.85 16.72 -36.88
C VAL A 83 2.17 15.95 -35.75
N LEU A 84 2.64 16.15 -34.51
CA LEU A 84 2.01 15.56 -33.34
C LEU A 84 0.59 16.09 -33.14
N ILE A 85 0.37 17.38 -33.42
CA ILE A 85 -0.96 17.98 -33.21
C ILE A 85 -1.96 17.41 -34.21
N ARG A 86 -1.57 17.36 -35.49
CA ARG A 86 -2.44 16.79 -36.51
C ARG A 86 -2.64 15.29 -36.31
N ALA A 87 -1.59 14.60 -35.86
CA ALA A 87 -1.70 13.17 -35.57
C ALA A 87 -2.65 12.90 -34.41
N ALA A 88 -2.56 13.71 -33.35
CA ALA A 88 -3.42 13.49 -32.17
C ALA A 88 -4.87 13.78 -32.49
N GLU A 89 -5.13 14.80 -33.33
CA GLU A 89 -6.48 15.01 -33.82
C GLU A 89 -6.97 13.82 -34.65
N ALA A 90 -6.09 13.24 -35.47
CA ALA A 90 -6.47 12.06 -36.25
C ALA A 90 -6.78 10.85 -35.37
N ILE A 91 -5.94 10.58 -34.36
CA ILE A 91 -6.14 9.42 -33.48
C ILE A 91 -7.44 9.55 -32.70
N LEU A 92 -7.70 10.73 -32.14
CA LEU A 92 -8.93 10.90 -31.38
C LEU A 92 -10.16 10.90 -32.28
N THR A 93 -10.04 11.38 -33.51
CA THR A 93 -11.17 11.28 -34.45
C THR A 93 -11.47 9.83 -34.80
N VAL A 94 -10.43 9.00 -34.96
CA VAL A 94 -10.63 7.58 -35.22
C VAL A 94 -11.31 6.88 -34.04
N ILE A 95 -10.89 7.18 -32.81
CA ILE A 95 -11.50 6.52 -31.65
C ILE A 95 -12.95 6.95 -31.44
N VAL A 96 -13.22 8.26 -31.56
CA VAL A 96 -14.58 8.78 -31.42
C VAL A 96 -15.48 8.28 -32.54
N SER A 97 -14.95 8.12 -33.75
CA SER A 97 -15.74 7.54 -34.83
C SER A 97 -15.93 6.03 -34.63
N ALA A 98 -14.99 5.38 -33.95
CA ALA A 98 -15.09 3.94 -33.72
C ALA A 98 -16.15 3.61 -32.69
N TRP A 99 -16.30 4.44 -31.66
CA TRP A 99 -17.38 4.20 -30.70
C TRP A 99 -18.75 4.58 -31.22
N LYS A 100 -18.84 5.20 -32.41
CA LYS A 100 -20.08 5.70 -33.00
C LYS A 100 -20.79 6.68 -32.08
N LEU A 101 -19.98 7.48 -31.36
CA LEU A 101 -20.47 8.53 -30.48
C LEU A 101 -19.87 9.83 -31.01
N GLU A 102 -20.48 10.40 -32.04
CA GLU A 102 -19.78 11.37 -32.87
C GLU A 102 -20.20 12.82 -32.62
N HIS A 103 -20.75 13.12 -31.45
CA HIS A 103 -20.87 14.51 -31.04
C HIS A 103 -19.64 14.96 -30.26
N MET A 104 -18.74 14.04 -29.97
CA MET A 104 -17.65 14.27 -29.04
C MET A 104 -16.41 14.87 -29.70
N THR A 105 -16.23 14.67 -31.01
CA THR A 105 -14.95 14.96 -31.64
C THR A 105 -14.72 16.47 -31.79
N LYS A 106 -15.80 17.24 -31.99
CA LYS A 106 -15.66 18.68 -32.17
C LYS A 106 -15.26 19.36 -30.86
N THR A 107 -15.57 18.72 -29.73
CA THR A 107 -15.06 19.17 -28.45
C THR A 107 -13.64 18.63 -28.20
N LEU A 108 -13.34 17.42 -28.68
CA LEU A 108 -12.10 16.74 -28.35
C LEU A 108 -10.87 17.22 -29.13
N TYR A 109 -10.92 17.26 -30.46
CA TYR A 109 -9.73 17.68 -31.21
C TYR A 109 -9.47 19.17 -31.04
N SER A 110 -10.54 19.95 -30.83
CA SER A 110 -10.38 21.37 -30.51
C SER A 110 -9.71 21.55 -29.16
N SER A 111 -10.02 20.69 -28.19
CA SER A 111 -9.38 20.74 -26.88
C SER A 111 -7.89 20.44 -26.98
N VAL A 112 -7.53 19.41 -27.76
CA VAL A 112 -6.11 19.07 -27.91
C VAL A 112 -5.36 20.16 -28.67
N ARG A 113 -5.99 20.74 -29.69
CA ARG A 113 -5.37 21.83 -30.45
C ARG A 113 -5.17 23.07 -29.60
N TYR A 114 -6.16 23.43 -28.77
CA TYR A 114 -6.03 24.59 -27.90
C TYR A 114 -5.04 24.31 -26.78
N ALA A 115 -4.88 23.04 -26.40
CA ALA A 115 -3.87 22.68 -25.42
C ALA A 115 -2.46 22.86 -25.98
N LEU A 116 -2.22 22.42 -27.21
CA LEU A 116 -0.86 22.45 -27.75
C LEU A 116 -0.57 23.67 -28.62
N THR A 117 -1.49 24.62 -28.76
CA THR A 117 -1.21 25.83 -29.52
C THR A 117 -0.88 27.03 -28.62
N ASN A 118 -1.39 27.06 -27.40
CA ASN A 118 -1.09 28.13 -26.45
C ASN A 118 0.39 28.09 -26.07
N PRO A 119 1.11 29.22 -26.22
CA PRO A 119 2.58 29.21 -25.98
C PRO A 119 3.03 28.84 -24.59
N ARG A 120 2.24 29.14 -23.54
CA ARG A 120 2.71 28.87 -22.19
C ARG A 120 2.69 27.38 -21.87
N VAL A 121 1.74 26.65 -22.44
CA VAL A 121 1.76 25.19 -22.35
C VAL A 121 2.90 24.63 -23.18
N ARG A 122 3.08 25.19 -24.38
CA ARG A 122 4.03 24.68 -25.37
C ARG A 122 5.47 24.81 -24.89
N ALA A 123 5.79 25.91 -24.20
CA ALA A 123 7.14 26.09 -23.66
C ALA A 123 7.45 25.07 -22.59
N GLN A 124 6.46 24.68 -21.79
CA GLN A 124 6.69 23.65 -20.78
C GLN A 124 6.82 22.26 -21.41
N LEU A 125 6.09 21.99 -22.51
CA LEU A 125 6.39 20.78 -23.29
C LEU A 125 7.84 20.76 -23.77
N GLU A 126 8.30 21.85 -24.36
CA GLU A 126 9.66 21.85 -24.92
C GLU A 126 10.72 21.75 -23.82
N LEU A 127 10.42 22.31 -22.65
CA LEU A 127 11.33 22.17 -21.51
C LEU A 127 11.35 20.74 -20.99
N HIS A 128 10.19 20.07 -20.99
CA HIS A 128 10.10 18.65 -20.64
C HIS A 128 10.95 17.79 -21.57
N ILE A 129 10.89 18.06 -22.88
CA ILE A 129 11.70 17.30 -23.83
C ILE A 129 13.19 17.59 -23.64
N ALA A 130 13.53 18.83 -23.24
CA ALA A 130 14.94 19.17 -23.01
C ALA A 130 15.53 18.40 -21.83
N TYR A 131 14.87 18.41 -20.67
CA TYR A 131 15.36 17.61 -19.55
C TYR A 131 15.32 16.11 -19.84
N GLN A 132 14.30 15.64 -20.56
CA GLN A 132 14.21 14.21 -20.84
C GLN A 132 15.33 13.75 -21.77
N ARG A 133 15.71 14.59 -22.73
CA ARG A 133 16.80 14.23 -23.63
C ARG A 133 18.14 14.24 -22.91
N ILE A 134 18.36 15.20 -21.99
CA ILE A 134 19.64 15.20 -21.29
C ILE A 134 19.73 14.04 -20.28
N VAL A 135 18.60 13.68 -19.67
CA VAL A 135 18.59 12.47 -18.83
C VAL A 135 18.82 11.22 -19.68
N GLY A 136 18.32 11.21 -20.92
CA GLY A 136 18.59 10.11 -21.81
C GLY A 136 20.05 9.98 -22.19
N GLN A 137 20.74 11.12 -22.33
CA GLN A 137 22.15 11.06 -22.70
C GLN A 137 23.06 10.74 -21.52
N VAL A 138 22.88 11.40 -20.37
CA VAL A 138 23.94 11.38 -19.36
C VAL A 138 23.86 10.13 -18.49
N SER A 139 22.70 9.47 -18.44
CA SER A 139 22.55 8.33 -17.54
C SER A 139 23.18 7.08 -18.11
N TYR A 140 23.64 6.20 -17.20
CA TYR A 140 24.23 4.88 -17.51
C TYR A 140 25.43 4.98 -18.44
N SER A 141 26.35 5.89 -18.12
CA SER A 141 27.49 6.16 -18.97
C SER A 141 28.77 5.71 -18.31
N ARG A 142 29.67 5.14 -19.11
CA ARG A 142 31.01 4.83 -18.65
C ARG A 142 31.92 6.05 -18.69
N GLU A 143 31.45 7.16 -19.25
CA GLU A 143 32.17 8.42 -19.19
C GLU A 143 31.97 9.03 -17.81
N ALA A 144 33.07 9.33 -17.13
CA ALA A 144 32.99 9.87 -15.78
C ALA A 144 32.50 11.32 -15.79
N ASP A 145 33.05 12.13 -16.68
CA ASP A 145 32.75 13.56 -16.72
C ASP A 145 32.26 13.92 -18.10
N ILE A 146 30.97 14.18 -18.21
CA ILE A 146 30.36 14.63 -19.45
C ILE A 146 30.45 16.16 -19.52
N GLY A 147 30.88 16.66 -20.67
CA GLY A 147 31.12 18.08 -20.86
C GLY A 147 29.88 18.95 -20.87
N PRO A 148 30.04 20.21 -21.30
CA PRO A 148 28.96 21.19 -21.15
C PRO A 148 27.76 20.88 -22.02
N LYS A 149 26.60 20.79 -21.38
CA LYS A 149 25.35 20.49 -22.06
C LYS A 149 24.42 21.66 -21.83
N ARG A 150 24.02 22.33 -22.91
CA ARG A 150 23.27 23.58 -22.81
C ARG A 150 21.78 23.30 -22.82
N LEU A 151 21.11 23.71 -21.74
CA LEU A 151 19.67 23.64 -21.61
C LEU A 151 19.16 25.07 -21.61
N GLY A 152 18.82 25.59 -22.79
CA GLY A 152 18.36 26.96 -22.90
C GLY A 152 19.50 27.93 -22.64
N ASN A 153 19.43 28.61 -21.50
CA ASN A 153 20.45 29.55 -21.07
C ASN A 153 21.29 29.04 -19.90
N MET A 154 21.37 27.72 -19.72
CA MET A 154 22.09 27.12 -18.60
C MET A 154 23.14 26.15 -19.13
N SER A 155 24.29 26.12 -18.46
CA SER A 155 25.35 25.18 -18.74
C SER A 155 25.47 24.19 -17.60
N LEU A 156 25.66 22.92 -17.94
CA LEU A 156 25.71 21.84 -16.97
C LEU A 156 26.99 21.04 -17.15
N GLN A 157 27.72 20.84 -16.06
CA GLN A 157 28.86 19.95 -16.02
C GLN A 157 28.56 18.82 -15.04
N PHE A 158 28.82 17.60 -15.49
CA PHE A 158 28.33 16.40 -14.83
C PHE A 158 29.57 15.62 -14.36
N VAL A 159 30.02 15.89 -13.13
CA VAL A 159 31.19 15.23 -12.59
C VAL A 159 30.72 14.16 -11.62
N GLN A 160 30.58 12.92 -12.13
CA GLN A 160 30.05 11.73 -11.44
C GLN A 160 28.69 12.07 -10.84
N SER A 161 28.49 11.95 -9.53
CA SER A 161 27.19 12.26 -8.93
C SER A 161 26.95 13.76 -8.89
N LEU A 162 28.01 14.55 -8.82
CA LEU A 162 27.89 15.99 -8.64
C LEU A 162 27.55 16.68 -9.95
N VAL A 163 26.70 17.70 -9.86
CA VAL A 163 26.21 18.46 -11.00
C VAL A 163 26.54 19.94 -10.76
N ILE A 164 27.12 20.59 -11.77
CA ILE A 164 27.53 21.99 -11.66
C ILE A 164 26.68 22.76 -12.66
N ALA A 165 25.78 23.61 -12.17
CA ALA A 165 24.98 24.46 -13.03
C ALA A 165 25.52 25.88 -13.03
N THR A 166 25.30 26.59 -14.14
CA THR A 166 25.76 27.97 -14.30
C THR A 166 24.83 28.69 -15.27
N ILE A 167 24.45 29.93 -14.96
CA ILE A 167 23.81 30.76 -15.97
C ILE A 167 24.74 31.87 -16.47
N ASP A 168 25.09 32.85 -15.62
CA ASP A 168 25.95 33.93 -16.08
C ASP A 168 27.23 33.95 -15.26
N THR A 169 27.17 34.20 -13.96
CA THR A 169 28.29 34.08 -13.03
C THR A 169 27.89 33.34 -11.77
N THR A 170 26.62 33.01 -11.63
CA THR A 170 26.12 32.28 -10.48
C THR A 170 26.19 30.78 -10.73
N SER A 171 26.44 30.02 -9.66
CA SER A 171 26.68 28.59 -9.76
C SER A 171 26.11 27.89 -8.55
N CYS A 172 25.88 26.59 -8.69
CA CYS A 172 25.37 25.76 -7.61
C CYS A 172 25.93 24.35 -7.76
N LEU A 173 26.73 23.93 -6.78
CA LEU A 173 27.13 22.53 -6.69
C LEU A 173 25.96 21.70 -6.20
N MET A 174 25.54 20.75 -7.03
CA MET A 174 24.38 19.93 -6.73
C MET A 174 24.79 18.47 -6.76
N THR A 175 23.92 17.61 -6.25
CA THR A 175 23.93 16.20 -6.57
C THR A 175 22.97 15.94 -7.72
N TYR A 176 22.98 14.70 -8.22
CA TYR A 176 22.22 14.38 -9.42
C TYR A 176 20.72 14.29 -9.12
N ASN A 177 20.36 14.03 -7.86
CA ASN A 177 18.95 13.99 -7.47
C ASN A 177 18.31 15.37 -7.53
N HIS A 178 19.09 16.42 -7.36
CA HIS A 178 18.58 17.78 -7.55
C HIS A 178 18.14 18.02 -8.99
N PHE A 179 18.97 17.58 -9.94
CA PHE A 179 18.62 17.69 -11.36
C PHE A 179 17.43 16.82 -11.71
N LEU A 180 17.35 15.62 -11.12
CA LEU A 180 16.18 14.77 -11.34
C LEU A 180 14.92 15.38 -10.75
N ALA A 181 15.04 16.08 -9.61
CA ALA A 181 13.88 16.76 -9.02
C ALA A 181 13.42 17.91 -9.89
N ALA A 182 14.36 18.66 -10.48
CA ALA A 182 13.99 19.73 -11.41
C ALA A 182 13.30 19.17 -12.66
N ALA A 183 13.83 18.07 -13.19
CA ALA A 183 13.23 17.43 -14.37
C ALA A 183 11.82 16.93 -14.06
N ASP A 184 11.63 16.33 -12.88
CA ASP A 184 10.31 15.83 -12.49
C ASP A 184 9.34 16.97 -12.24
N THR A 185 9.82 18.11 -11.73
CA THR A 185 8.96 19.28 -11.56
C THR A 185 8.46 19.81 -12.91
N ALA A 186 9.36 19.87 -13.90
CA ALA A 186 8.95 20.30 -15.24
C ALA A 186 7.98 19.31 -15.88
N LYS A 187 8.22 18.01 -15.67
CA LYS A 187 7.34 16.97 -16.19
C LYS A 187 5.94 17.05 -15.56
N SER A 188 5.90 17.31 -14.25
CA SER A 188 4.63 17.44 -13.55
C SER A 188 3.85 18.65 -14.03
N ARG A 189 4.54 19.77 -14.29
CA ARG A 189 3.82 20.94 -14.78
C ARG A 189 3.33 20.74 -16.20
N CYS A 190 4.06 20.00 -17.04
CA CYS A 190 3.57 19.68 -18.39
C CYS A 190 2.29 18.86 -18.33
N HIS A 191 2.25 17.84 -17.45
CA HIS A 191 1.03 17.07 -17.23
C HIS A 191 -0.12 17.93 -16.71
N LEU A 192 0.16 18.83 -15.77
CA LEU A 192 -0.91 19.64 -15.18
C LEU A 192 -1.50 20.61 -16.20
N LEU A 193 -0.63 21.24 -17.02
CA LEU A 193 -1.12 22.19 -18.02
C LEU A 193 -1.92 21.50 -19.12
N ILE A 194 -1.55 20.28 -19.50
CA ILE A 194 -2.35 19.58 -20.50
C ILE A 194 -3.68 19.13 -19.91
N ALA A 195 -3.65 18.55 -18.71
CA ALA A 195 -4.85 17.98 -18.10
C ALA A 195 -5.85 19.06 -17.71
N SER A 196 -5.37 20.26 -17.37
CA SER A 196 -6.28 21.36 -17.05
C SER A 196 -7.11 21.77 -18.25
N VAL A 197 -6.50 21.86 -19.43
CA VAL A 197 -7.22 22.24 -20.64
C VAL A 197 -8.21 21.15 -21.04
N VAL A 198 -7.76 19.88 -21.01
CA VAL A 198 -8.65 18.79 -21.44
C VAL A 198 -9.81 18.60 -20.47
N GLN A 199 -9.56 18.77 -19.16
CA GLN A 199 -10.65 18.70 -18.19
C GLN A 199 -11.60 19.87 -18.30
N GLY A 200 -11.08 21.09 -18.45
CA GLY A 200 -11.94 22.25 -18.46
C GLY A 200 -12.70 22.41 -19.76
N ALA A 201 -12.31 21.67 -20.80
CA ALA A 201 -13.10 21.64 -22.02
C ALA A 201 -14.42 20.90 -21.83
N LEU A 202 -14.54 20.09 -20.78
CA LEU A 202 -15.65 19.14 -20.60
C LEU A 202 -16.50 19.43 -19.37
N TRP A 203 -16.66 20.69 -18.99
CA TRP A 203 -17.61 21.08 -17.95
C TRP A 203 -18.61 22.06 -18.55
N GLU A 204 -19.66 22.32 -17.80
CA GLU A 204 -20.46 23.51 -18.04
C GLU A 204 -19.68 24.76 -17.64
N GLN A 205 -18.86 24.64 -16.60
CA GLN A 205 -17.94 25.69 -16.20
C GLN A 205 -16.83 25.83 -17.25
N GLY A 206 -16.38 27.06 -17.44
CA GLY A 206 -15.45 27.38 -18.50
C GLY A 206 -14.03 26.94 -18.20
N SER A 207 -13.11 27.41 -19.04
CA SER A 207 -11.71 27.05 -18.92
C SER A 207 -11.09 27.69 -17.68
N PHE A 208 -10.19 26.95 -17.05
CA PHE A 208 -9.53 27.44 -15.85
C PHE A 208 -8.02 27.46 -16.00
N LEU A 209 -7.50 27.52 -17.22
CA LEU A 209 -6.06 27.51 -17.43
C LEU A 209 -5.41 28.80 -16.94
N ASP A 210 -6.16 29.91 -17.00
CA ASP A 210 -5.63 31.21 -16.59
C ASP A 210 -5.28 31.22 -15.10
N HIS A 211 -6.12 30.61 -14.27
CA HIS A 211 -5.84 30.52 -12.85
C HIS A 211 -4.65 29.60 -12.57
N ILE A 212 -4.45 28.56 -13.38
CA ILE A 212 -3.30 27.68 -13.18
C ILE A 212 -2.01 28.41 -13.53
N ILE A 213 -2.03 29.20 -14.62
CA ILE A 213 -0.85 29.98 -14.99
C ILE A 213 -0.57 31.07 -13.94
N ASN A 214 -1.64 31.66 -13.38
CA ASN A 214 -1.46 32.63 -12.30
C ASN A 214 -0.88 31.98 -11.05
N LEU A 215 -1.29 30.74 -10.76
CA LEU A 215 -0.74 30.02 -9.61
C LEU A 215 0.73 29.68 -9.84
N ILE A 216 1.09 29.32 -11.08
CA ILE A 216 2.48 29.02 -11.41
C ILE A 216 3.35 30.27 -11.25
N ASP A 217 2.90 31.40 -11.78
CA ASP A 217 3.66 32.64 -11.66
C ASP A 217 3.73 33.13 -10.22
N THR A 218 2.65 32.93 -9.44
CA THR A 218 2.62 33.37 -8.06
C THR A 218 3.58 32.56 -7.19
N ILE A 219 3.60 31.24 -7.35
CA ILE A 219 4.51 30.43 -6.55
C ILE A 219 5.96 30.60 -7.03
N ASP A 220 6.16 30.81 -8.33
CA ASP A 220 7.50 31.12 -8.80
C ASP A 220 7.97 32.52 -8.43
N SER A 221 7.06 33.40 -7.98
CA SER A 221 7.43 34.74 -7.59
C SER A 221 7.71 34.89 -6.09
N ILE A 222 7.78 33.80 -5.33
CA ILE A 222 8.02 33.87 -3.89
C ILE A 222 9.54 33.86 -3.67
N ASN A 223 10.11 35.04 -3.48
CA ASN A 223 11.52 35.17 -3.12
C ASN A 223 11.62 35.19 -1.60
N LEU A 224 11.65 34.00 -1.02
CA LEU A 224 11.73 33.79 0.41
C LEU A 224 12.77 32.71 0.67
N PRO A 225 13.28 32.61 1.91
CA PRO A 225 14.21 31.52 2.24
C PRO A 225 13.56 30.14 2.15
N HIS A 226 14.44 29.13 2.20
CA HIS A 226 14.09 27.78 1.76
C HIS A 226 13.06 27.12 2.67
N ASP A 227 13.30 27.20 3.99
CA ASP A 227 12.41 26.62 4.98
C ASP A 227 11.04 27.29 4.96
N ASP A 228 11.03 28.61 4.85
CA ASP A 228 9.78 29.36 4.83
C ASP A 228 9.00 29.08 3.54
N TYR A 229 9.71 28.91 2.44
CA TYR A 229 9.07 28.60 1.16
C TYR A 229 8.38 27.25 1.21
N PHE A 230 9.04 26.24 1.76
CA PHE A 230 8.35 24.94 1.85
C PHE A 230 7.34 24.89 2.98
N THR A 231 7.40 25.84 3.92
CA THR A 231 6.29 26.02 4.85
C THR A 231 5.04 26.50 4.12
N ILE A 232 5.20 27.43 3.17
CA ILE A 232 4.04 27.86 2.36
C ILE A 232 3.59 26.74 1.43
N ILE A 233 4.52 25.98 0.87
CA ILE A 233 4.17 24.92 -0.08
C ILE A 233 3.44 23.77 0.63
N LYS A 234 3.86 23.43 1.85
CA LYS A 234 3.23 22.34 2.60
C LYS A 234 1.79 22.69 3.01
N SER A 235 1.51 23.97 3.19
CA SER A 235 0.28 24.40 3.85
C SER A 235 -0.79 24.92 2.89
N ILE A 236 -0.67 24.70 1.59
CA ILE A 236 -1.64 25.26 0.65
C ILE A 236 -2.96 24.49 0.70
N SER A 237 -2.90 23.16 0.78
CA SER A 237 -4.12 22.35 0.73
C SER A 237 -4.90 22.38 2.06
N PRO A 238 -4.26 22.29 3.25
CA PRO A 238 -5.04 22.53 4.48
C PRO A 238 -5.68 23.91 4.56
N TYR A 239 -5.03 24.95 4.02
CA TYR A 239 -5.61 26.29 4.08
C TYR A 239 -6.81 26.40 3.14
N SER A 240 -6.72 25.83 1.94
CA SER A 240 -7.86 25.89 1.02
C SER A 240 -9.04 25.10 1.56
N GLN A 241 -8.77 23.93 2.16
CA GLN A 241 -9.82 23.18 2.86
C GLN A 241 -10.41 23.98 4.01
N GLY A 242 -9.57 24.78 4.69
CA GLY A 242 -10.07 25.61 5.77
C GLY A 242 -11.00 26.71 5.30
N LEU A 243 -10.68 27.35 4.16
CA LEU A 243 -11.58 28.37 3.61
C LEU A 243 -12.91 27.77 3.17
N VAL A 244 -12.86 26.60 2.51
CA VAL A 244 -14.08 25.92 2.08
C VAL A 244 -14.95 25.54 3.27
N MET A 245 -14.32 24.99 4.32
CA MET A 245 -15.03 24.60 5.53
C MET A 245 -15.61 25.80 6.27
N GLY A 246 -14.86 26.90 6.30
CA GLY A 246 -15.33 28.08 7.00
C GLY A 246 -16.51 28.74 6.32
N ARG A 247 -16.49 28.79 4.98
CA ARG A 247 -17.59 29.46 4.30
C ARG A 247 -18.80 28.55 4.16
N HIS A 248 -18.59 27.23 4.06
CA HIS A 248 -19.70 26.34 3.75
C HIS A 248 -20.07 25.39 4.89
N ASN A 249 -19.92 25.80 6.15
CA ASN A 249 -20.49 25.06 7.27
C ASN A 249 -21.80 25.71 7.72
N VAL A 250 -22.80 24.88 8.04
CA VAL A 250 -24.14 25.41 8.31
C VAL A 250 -24.56 25.17 9.76
N SER A 251 -24.06 24.10 10.40
CA SER A 251 -24.46 23.78 11.76
C SER A 251 -23.30 23.89 12.74
N VAL A 252 -22.20 23.17 12.51
CA VAL A 252 -21.02 23.36 13.34
C VAL A 252 -20.19 24.53 12.80
N SER A 253 -19.44 25.18 13.69
CA SER A 253 -18.59 26.29 13.30
C SER A 253 -17.14 25.89 13.49
N SER A 254 -16.29 26.29 12.56
CA SER A 254 -14.89 25.87 12.57
C SER A 254 -13.99 27.06 12.30
N ASP A 255 -12.76 26.97 12.77
CA ASP A 255 -11.77 28.03 12.63
C ASP A 255 -10.41 27.42 12.25
N PHE A 256 -10.41 26.58 11.21
CA PHE A 256 -9.18 25.90 10.81
C PHE A 256 -8.23 26.82 10.06
N ALA A 257 -8.77 27.82 9.36
CA ALA A 257 -7.93 28.66 8.51
C ALA A 257 -7.06 29.63 9.31
N SER A 258 -7.39 29.82 10.59
CA SER A 258 -6.69 30.80 11.42
C SER A 258 -5.28 30.37 11.81
N VAL A 259 -4.95 29.09 11.66
CA VAL A 259 -3.62 28.63 12.06
C VAL A 259 -2.56 29.12 11.07
N PHE A 260 -2.85 29.07 9.78
CA PHE A 260 -1.81 29.15 8.76
C PHE A 260 -1.42 30.59 8.45
N THR A 261 -0.19 30.75 7.95
CA THR A 261 0.46 32.05 7.79
C THR A 261 0.48 32.54 6.33
N ILE A 262 -0.35 31.97 5.46
CA ILE A 262 -0.41 32.45 4.07
C ILE A 262 -0.87 33.89 3.92
N PRO A 263 -1.92 34.40 4.63
CA PRO A 263 -2.25 35.84 4.47
C PRO A 263 -1.18 36.81 4.94
N GLU A 264 -0.23 36.40 5.78
CA GLU A 264 0.77 37.32 6.29
C GLU A 264 2.17 37.08 5.72
N SER A 265 2.32 36.16 4.77
CA SER A 265 3.59 35.96 4.10
C SER A 265 3.51 36.16 2.59
N CYS A 266 2.55 35.51 1.93
CA CYS A 266 2.36 35.63 0.49
C CYS A 266 0.92 36.05 0.23
N PRO A 267 0.63 37.35 0.21
CA PRO A 267 -0.74 37.80 -0.08
C PRO A 267 -1.20 37.52 -1.50
N GLN A 268 -0.26 37.35 -2.43
CA GLN A 268 -0.62 37.08 -3.82
C GLN A 268 -1.22 35.69 -3.98
N LEU A 269 -0.72 34.70 -3.22
CA LEU A 269 -1.37 33.40 -3.16
C LEU A 269 -2.73 33.50 -2.47
N ASP A 270 -2.82 34.37 -1.46
CA ASP A 270 -4.05 34.50 -0.67
C ASP A 270 -5.21 35.04 -1.49
N SER A 271 -4.94 36.08 -2.29
CA SER A 271 -5.98 36.67 -3.12
C SER A 271 -6.45 35.70 -4.19
N LEU A 272 -5.51 34.92 -4.75
CA LEU A 272 -5.86 33.91 -5.76
C LEU A 272 -6.71 32.80 -5.17
N LEU A 273 -6.36 32.31 -3.98
CA LEU A 273 -7.13 31.24 -3.37
C LEU A 273 -8.52 31.73 -2.97
N LYS A 274 -8.64 32.98 -2.52
CA LYS A 274 -9.97 33.46 -2.19
C LYS A 274 -10.80 33.80 -3.43
N LYS A 275 -10.17 34.17 -4.55
CA LYS A 275 -11.02 34.37 -5.74
C LYS A 275 -11.45 33.03 -6.35
N LEU A 276 -10.59 32.00 -6.29
CA LEU A 276 -11.04 30.67 -6.70
C LEU A 276 -12.09 30.11 -5.74
N LEU A 277 -12.02 30.46 -4.46
CA LEU A 277 -13.09 30.11 -3.53
C LEU A 277 -14.39 30.83 -3.89
N GLN A 278 -14.28 32.08 -4.34
CA GLN A 278 -15.48 32.84 -4.70
C GLN A 278 -16.15 32.27 -5.94
N LEU A 279 -15.38 31.92 -6.98
CA LEU A 279 -16.00 31.34 -8.18
C LEU A 279 -16.51 29.92 -7.93
N ASP A 280 -15.63 29.00 -7.58
CA ASP A 280 -16.09 27.62 -7.50
C ASP A 280 -15.46 26.88 -6.34
N PRO A 281 -16.27 26.39 -5.39
CA PRO A 281 -15.73 25.60 -4.27
C PRO A 281 -15.04 24.31 -4.70
N VAL A 282 -15.57 23.64 -5.74
CA VAL A 282 -15.01 22.38 -6.19
C VAL A 282 -13.65 22.61 -6.84
N LEU A 283 -13.52 23.71 -7.59
CA LEU A 283 -12.29 24.03 -8.31
C LEU A 283 -11.12 24.27 -7.37
N LEU A 284 -11.38 24.89 -6.22
CA LEU A 284 -10.33 25.21 -5.25
C LEU A 284 -9.67 23.95 -4.71
N LEU A 285 -10.46 22.90 -4.46
CA LEU A 285 -9.91 21.67 -3.92
C LEU A 285 -9.07 20.92 -4.96
N MET A 286 -9.53 20.90 -6.22
CA MET A 286 -8.76 20.24 -7.28
C MET A 286 -7.44 20.95 -7.55
N VAL A 287 -7.48 22.29 -7.64
CA VAL A 287 -6.26 23.05 -7.90
C VAL A 287 -5.33 23.00 -6.69
N SER A 288 -5.88 22.95 -5.49
CA SER A 288 -5.05 23.03 -4.29
C SER A 288 -4.56 21.67 -3.84
N SER A 289 -5.08 20.60 -4.42
CA SER A 289 -4.62 19.27 -4.04
C SER A 289 -3.25 18.92 -4.59
N VAL A 290 -2.72 19.68 -5.56
CA VAL A 290 -1.42 19.34 -6.12
C VAL A 290 -0.32 19.70 -5.12
N GLN A 291 0.56 18.73 -4.86
CA GLN A 291 1.61 18.95 -3.88
C GLN A 291 2.93 18.35 -4.33
N LYS A 292 3.00 17.81 -5.55
CA LYS A 292 4.24 17.27 -6.09
C LYS A 292 4.56 17.87 -7.46
N SER A 293 3.85 18.91 -7.86
CA SER A 293 4.14 19.65 -9.08
C SER A 293 5.12 20.77 -8.84
N TRP A 294 5.63 20.90 -7.61
CA TRP A 294 6.53 21.98 -7.27
C TRP A 294 7.86 21.37 -6.90
N TYR A 295 8.79 22.21 -6.45
CA TYR A 295 10.12 21.69 -6.17
C TYR A 295 10.13 20.98 -4.82
N PHE A 296 11.22 20.27 -4.57
CA PHE A 296 11.22 19.41 -3.40
C PHE A 296 12.27 19.87 -2.39
N PRO A 297 12.00 19.69 -1.10
CA PRO A 297 12.92 20.17 -0.07
C PRO A 297 14.21 19.39 0.02
N GLU A 298 15.24 20.08 0.48
CA GLU A 298 16.48 19.49 0.95
C GLU A 298 16.39 19.31 2.46
N ILE A 299 16.62 18.09 2.93
CA ILE A 299 16.31 17.68 4.28
C ILE A 299 17.47 18.04 5.19
N ARG A 300 17.18 18.81 6.24
CA ARG A 300 18.18 19.25 7.21
C ARG A 300 18.46 18.07 8.12
N MET A 301 19.58 17.39 7.86
CA MET A 301 19.78 16.06 8.43
C MET A 301 20.18 16.08 9.89
N VAL A 302 20.99 17.06 10.30
CA VAL A 302 21.47 17.09 11.68
C VAL A 302 20.33 17.41 12.65
N ASP A 303 19.57 18.47 12.35
CA ASP A 303 18.50 18.89 13.24
C ASP A 303 17.33 17.91 13.22
N GLY A 304 16.92 17.49 12.03
CA GLY A 304 15.84 16.50 11.92
C GLY A 304 16.20 15.16 12.50
N SER A 305 17.48 14.76 12.35
CA SER A 305 17.96 13.51 12.95
C SER A 305 17.94 13.57 14.48
N ARG A 306 18.41 14.68 15.04
CA ARG A 306 18.41 14.82 16.50
C ARG A 306 16.98 14.88 17.05
N GLU A 307 16.08 15.55 16.34
CA GLU A 307 14.68 15.57 16.75
C GLU A 307 14.03 14.20 16.64
N GLN A 308 14.40 13.41 15.62
CA GLN A 308 13.84 12.07 15.49
C GLN A 308 14.28 11.16 16.64
N LEU A 309 15.58 11.17 16.94
CA LEU A 309 16.08 10.33 18.02
C LEU A 309 15.63 10.84 19.39
N HIS A 310 15.24 12.13 19.48
CA HIS A 310 14.65 12.61 20.72
C HIS A 310 13.19 12.20 20.82
N LYS A 311 12.48 12.12 19.69
CA LYS A 311 11.08 11.70 19.70
C LYS A 311 10.89 10.22 19.96
N MET A 312 11.96 9.42 19.94
CA MET A 312 11.90 8.03 20.35
C MET A 312 12.22 7.82 21.82
N ARG A 313 12.54 8.88 22.55
CA ARG A 313 12.91 8.78 23.96
C ARG A 313 12.13 9.73 24.86
N VAL A 314 11.11 10.42 24.34
CA VAL A 314 10.38 11.39 25.14
C VAL A 314 9.31 10.68 25.96
N GLU A 315 9.00 11.24 27.14
CA GLU A 315 8.03 10.67 28.08
C GLU A 315 6.99 11.74 28.40
N LEU A 316 5.93 11.81 27.59
CA LEU A 316 4.90 12.82 27.81
C LEU A 316 4.05 12.49 29.03
N GLU A 317 3.80 11.21 29.27
CA GLU A 317 3.06 10.76 30.44
C GLU A 317 3.92 9.84 31.30
N THR A 318 3.50 9.67 32.55
CA THR A 318 4.25 8.90 33.52
C THR A 318 4.19 7.42 33.17
N PRO A 319 5.21 6.64 33.56
CA PRO A 319 5.19 5.18 33.26
C PRO A 319 4.01 4.43 33.86
N GLN A 320 3.55 4.85 35.04
CA GLN A 320 2.49 4.12 35.72
C GLN A 320 1.13 4.42 35.11
N ALA A 321 0.92 5.65 34.64
CA ALA A 321 -0.37 6.02 34.07
C ALA A 321 -0.59 5.33 32.74
N LEU A 322 0.48 5.07 31.98
CA LEU A 322 0.36 4.30 30.76
C LEU A 322 -0.03 2.86 31.05
N LEU A 323 0.48 2.28 32.15
CA LEU A 323 0.14 0.91 32.49
C LEU A 323 -1.33 0.81 32.93
N SER A 324 -1.77 1.77 33.74
CA SER A 324 -3.18 1.80 34.17
C SER A 324 -4.12 2.01 32.99
N TYR A 325 -3.79 2.92 32.07
CA TYR A 325 -4.70 3.17 30.97
C TYR A 325 -4.59 2.06 29.93
N GLY A 326 -3.47 1.34 29.89
CA GLY A 326 -3.38 0.15 29.05
C GLY A 326 -4.26 -0.98 29.54
N HIS A 327 -4.36 -1.15 30.86
CA HIS A 327 -5.34 -2.08 31.42
C HIS A 327 -6.76 -1.66 31.07
N THR A 328 -7.04 -0.35 31.13
CA THR A 328 -8.35 0.16 30.75
C THR A 328 -8.66 -0.10 29.27
N LEU A 329 -7.67 0.00 28.39
CA LEU A 329 -7.88 -0.33 26.97
C LEU A 329 -8.05 -1.83 26.77
N LEU A 330 -7.37 -2.66 27.57
CA LEU A 330 -7.53 -4.11 27.52
C LEU A 330 -8.96 -4.53 27.84
N SER A 331 -9.61 -3.81 28.76
CA SER A 331 -11.00 -4.12 29.10
C SER A 331 -11.94 -3.94 27.90
N ILE A 332 -11.80 -2.85 27.16
CA ILE A 332 -12.71 -2.62 26.04
C ILE A 332 -12.33 -3.50 24.85
N PHE A 333 -11.05 -3.89 24.73
CA PHE A 333 -10.66 -4.92 23.76
C PHE A 333 -11.35 -6.25 24.02
N ARG A 334 -11.37 -6.65 25.30
CA ARG A 334 -12.04 -7.88 25.70
C ARG A 334 -13.53 -7.81 25.41
N ALA A 335 -14.15 -6.65 25.67
CA ALA A 335 -15.57 -6.47 25.43
C ALA A 335 -15.92 -6.60 23.95
N GLU A 336 -15.13 -5.97 23.08
CA GLU A 336 -15.42 -6.07 21.64
C GLU A 336 -15.16 -7.47 21.09
N PHE A 337 -14.15 -8.18 21.62
CA PHE A 337 -13.88 -9.53 21.11
C PHE A 337 -14.99 -10.50 21.50
N ILE A 338 -15.46 -10.45 22.75
CA ILE A 338 -16.59 -11.31 23.12
C ILE A 338 -17.86 -10.90 22.39
N LYS A 339 -18.07 -9.60 22.15
CA LYS A 339 -19.24 -9.17 21.39
C LYS A 339 -19.24 -9.72 19.96
N GLY A 340 -18.07 -9.67 19.30
CA GLY A 340 -17.97 -10.23 17.97
C GLY A 340 -18.13 -11.74 17.92
N TYR A 341 -17.61 -12.43 18.95
CA TYR A 341 -17.72 -13.88 18.95
C TYR A 341 -19.15 -14.35 19.22
N VAL A 342 -19.89 -13.62 20.07
CA VAL A 342 -21.32 -13.93 20.25
C VAL A 342 -22.11 -13.58 19.00
N SER A 343 -21.74 -12.48 18.32
CA SER A 343 -22.47 -12.07 17.13
C SER A 343 -22.28 -13.06 15.98
N LYS A 344 -21.09 -13.65 15.85
CA LYS A 344 -20.85 -14.55 14.73
C LYS A 344 -21.14 -16.00 15.11
N ASN A 345 -20.45 -16.54 16.11
CA ASN A 345 -20.51 -17.97 16.41
C ASN A 345 -21.57 -18.35 17.42
N ALA A 346 -22.36 -17.39 17.91
CA ALA A 346 -23.54 -17.61 18.77
C ALA A 346 -23.21 -18.33 20.08
N LYS A 347 -21.99 -18.15 20.59
CA LYS A 347 -21.61 -18.67 21.89
C LYS A 347 -20.45 -17.83 22.42
N TRP A 348 -20.07 -18.11 23.66
CA TRP A 348 -18.96 -17.35 24.23
C TRP A 348 -17.64 -18.04 23.98
N PRO A 349 -16.54 -17.28 23.88
CA PRO A 349 -15.21 -17.89 23.72
C PRO A 349 -14.77 -18.64 24.97
N PRO A 350 -13.74 -19.46 24.88
CA PRO A 350 -13.15 -20.07 26.10
C PRO A 350 -12.57 -19.00 27.01
N VAL A 351 -13.24 -18.77 28.14
CA VAL A 351 -12.93 -17.67 29.04
C VAL A 351 -12.82 -18.19 30.47
N HIS A 352 -12.21 -17.38 31.32
CA HIS A 352 -12.00 -17.70 32.73
C HIS A 352 -12.52 -16.54 33.55
N LEU A 353 -13.37 -16.83 34.54
CA LEU A 353 -13.95 -15.81 35.39
C LEU A 353 -13.21 -15.75 36.71
N LEU A 354 -12.49 -14.65 36.93
CA LEU A 354 -11.69 -14.44 38.12
C LEU A 354 -12.62 -14.17 39.31
N PRO A 355 -12.14 -14.37 40.54
CA PRO A 355 -12.97 -14.05 41.71
C PRO A 355 -13.31 -12.57 41.80
N GLY A 356 -14.58 -12.29 42.10
CA GLY A 356 -15.10 -10.95 42.09
C GLY A 356 -15.85 -10.55 40.84
N CYS A 357 -16.07 -11.50 39.93
CA CYS A 357 -16.81 -11.20 38.71
C CYS A 357 -18.29 -10.99 39.00
N ASP A 358 -18.95 -10.28 38.10
CA ASP A 358 -20.35 -9.93 38.29
C ASP A 358 -21.26 -11.11 37.97
N LYS A 359 -22.48 -11.06 38.51
CA LYS A 359 -23.46 -12.11 38.27
C LYS A 359 -24.00 -12.04 36.85
N SER A 360 -24.02 -10.85 36.27
CA SER A 360 -24.55 -10.68 34.92
C SER A 360 -23.66 -11.36 33.89
N ILE A 361 -22.34 -11.32 34.09
CA ILE A 361 -21.41 -11.98 33.18
C ILE A 361 -21.56 -13.49 33.25
N LYS A 362 -21.73 -14.04 34.45
CA LYS A 362 -21.96 -15.47 34.61
C LYS A 362 -23.28 -15.92 33.99
N ASN A 363 -24.35 -15.16 34.24
CA ASN A 363 -25.66 -15.51 33.71
C ASN A 363 -25.72 -15.36 32.21
N ALA A 364 -24.94 -14.44 31.65
CA ALA A 364 -24.89 -14.27 30.21
C ALA A 364 -23.93 -15.23 29.52
N ARG A 365 -22.94 -15.75 30.25
CA ARG A 365 -22.08 -16.79 29.71
C ARG A 365 -22.77 -18.14 29.67
N GLU A 366 -23.54 -18.47 30.72
CA GLU A 366 -24.22 -19.75 30.75
C GLU A 366 -25.40 -19.79 29.78
N LEU A 367 -26.00 -18.63 29.51
CA LEU A 367 -27.09 -18.58 28.54
C LEU A 367 -26.63 -18.29 27.12
N GLY A 368 -25.39 -17.82 26.94
CA GLY A 368 -24.88 -17.51 25.62
C GLY A 368 -25.56 -16.33 24.96
N ARG A 369 -25.58 -15.17 25.63
CA ARG A 369 -26.31 -14.02 25.15
C ARG A 369 -25.55 -12.74 25.53
N TRP A 370 -25.63 -11.74 24.67
CA TRP A 370 -25.03 -10.43 24.90
C TRP A 370 -26.15 -9.42 25.16
N SER A 371 -26.21 -8.89 26.37
CA SER A 371 -27.23 -7.90 26.69
C SER A 371 -26.78 -6.53 26.20
N PRO A 372 -27.74 -5.62 25.97
CA PRO A 372 -27.35 -4.24 25.63
C PRO A 372 -26.61 -3.50 26.73
N ALA A 373 -26.75 -3.91 27.99
CA ALA A 373 -26.21 -3.16 29.12
C ALA A 373 -24.73 -3.44 29.38
N PHE A 374 -24.14 -4.41 28.69
CA PHE A 374 -22.73 -4.72 28.93
C PHE A 374 -21.81 -3.71 28.24
N ASP A 375 -22.25 -3.14 27.12
CA ASP A 375 -21.38 -2.28 26.33
C ASP A 375 -21.10 -0.96 27.03
N ARG A 376 -22.04 -0.50 27.87
CA ARG A 376 -21.80 0.70 28.64
C ARG A 376 -21.04 0.43 29.93
N ARG A 377 -20.85 -0.83 30.32
CA ARG A 377 -20.11 -1.19 31.53
C ARG A 377 -18.98 -2.15 31.14
N TRP A 378 -17.85 -1.57 30.73
CA TRP A 378 -16.69 -2.35 30.33
C TRP A 378 -15.70 -2.55 31.47
N GLN A 379 -15.93 -1.91 32.62
CA GLN A 379 -15.06 -2.12 33.77
C GLN A 379 -15.24 -3.52 34.36
N LEU A 380 -16.41 -4.13 34.14
CA LEU A 380 -16.64 -5.50 34.59
C LEU A 380 -15.79 -6.49 33.80
N PHE A 381 -15.42 -6.15 32.57
CA PHE A 381 -14.63 -7.03 31.72
C PHE A 381 -13.13 -6.86 31.99
N ALA A 382 -12.79 -6.88 33.27
CA ALA A 382 -11.41 -6.89 33.72
C ALA A 382 -11.09 -8.17 34.47
N LYS A 383 -12.07 -9.04 34.67
CA LYS A 383 -11.91 -10.32 35.32
C LYS A 383 -12.11 -11.48 34.37
N VAL A 384 -12.51 -11.20 33.14
CA VAL A 384 -12.76 -12.22 32.12
C VAL A 384 -11.47 -12.39 31.33
N VAL A 385 -10.74 -13.47 31.59
CA VAL A 385 -9.51 -13.75 30.88
C VAL A 385 -9.82 -14.71 29.74
N ILE A 386 -9.51 -14.29 28.51
CA ILE A 386 -9.85 -15.07 27.32
C ILE A 386 -8.72 -16.07 27.06
N LEU A 387 -9.08 -17.34 26.95
CA LEU A 387 -8.13 -18.43 26.78
C LEU A 387 -7.88 -18.66 25.30
N ARG A 388 -7.32 -19.83 24.97
CA ARG A 388 -6.78 -20.15 23.66
C ARG A 388 -7.86 -20.22 22.58
N ILE A 389 -7.91 -19.20 21.72
CA ILE A 389 -8.86 -19.20 20.61
C ILE A 389 -8.32 -20.00 19.44
N ALA A 390 -7.11 -19.69 19.00
CA ALA A 390 -6.53 -20.34 17.83
C ALA A 390 -5.05 -20.56 18.08
N ASP A 391 -4.36 -21.10 17.08
CA ASP A 391 -2.93 -21.30 17.12
C ASP A 391 -2.28 -20.43 16.05
N LEU A 392 -0.97 -20.21 16.20
CA LEU A 392 -0.24 -19.28 15.35
C LEU A 392 0.31 -20.02 14.15
N ASP A 393 -0.04 -19.54 12.95
CA ASP A 393 0.49 -20.09 11.70
C ASP A 393 1.88 -19.51 11.50
N MET A 394 2.89 -20.22 12.01
CA MET A 394 4.24 -19.70 12.04
C MET A 394 4.89 -19.67 10.66
N ASP A 395 4.40 -20.50 9.73
CA ASP A 395 4.89 -20.46 8.36
C ASP A 395 3.95 -19.60 7.53
N PRO A 396 4.32 -18.40 7.14
CA PRO A 396 3.37 -17.52 6.44
C PRO A 396 3.48 -17.61 4.93
N ASP A 397 2.59 -16.91 4.23
CA ASP A 397 2.78 -16.73 2.81
C ASP A 397 3.94 -15.77 2.57
N PHE A 398 4.79 -16.12 1.61
CA PHE A 398 5.92 -15.27 1.27
C PHE A 398 5.66 -14.42 0.03
N ASN A 399 4.39 -14.18 -0.29
CA ASN A 399 4.04 -13.14 -1.25
C ASN A 399 4.46 -11.76 -0.74
N ASP A 400 4.11 -11.44 0.51
CA ASP A 400 4.42 -10.15 1.10
C ASP A 400 5.77 -10.12 1.81
N ILE A 401 6.44 -11.26 1.93
CA ILE A 401 7.73 -11.31 2.62
C ILE A 401 8.81 -10.64 1.79
N VAL A 402 8.86 -10.94 0.49
CA VAL A 402 9.97 -10.52 -0.37
C VAL A 402 9.67 -9.23 -1.12
N SER A 403 8.64 -8.50 -0.73
CA SER A 403 8.17 -7.35 -1.50
C SER A 403 8.21 -6.07 -0.68
N ASP A 404 8.48 -4.96 -1.38
CA ASP A 404 8.25 -3.57 -0.97
C ASP A 404 9.12 -3.09 0.18
N LYS A 405 10.07 -3.90 0.67
CA LYS A 405 10.92 -3.47 1.77
C LYS A 405 12.38 -3.76 1.44
N ALA A 406 13.25 -2.87 1.88
CA ALA A 406 14.70 -3.06 1.80
C ALA A 406 15.20 -3.57 3.14
N ILE A 407 15.96 -4.67 3.09
CA ILE A 407 16.31 -5.43 4.29
C ILE A 407 17.80 -5.69 4.34
N ILE A 408 18.41 -5.37 5.50
CA ILE A 408 19.82 -5.61 5.76
C ILE A 408 20.02 -7.09 6.08
N SER A 409 21.19 -7.62 5.74
CA SER A 409 21.45 -9.03 6.04
C SER A 409 21.64 -9.28 7.53
N SER A 410 22.59 -8.56 8.15
CA SER A 410 22.95 -8.84 9.53
C SER A 410 23.52 -7.56 10.15
N ARG A 411 24.21 -7.71 11.28
CA ARG A 411 24.75 -6.56 11.99
C ARG A 411 25.97 -5.99 11.26
N ARG A 412 26.80 -6.84 10.67
CA ARG A 412 28.06 -6.38 10.10
C ARG A 412 27.91 -5.79 8.70
N ASP A 413 26.70 -5.49 8.25
CA ASP A 413 26.49 -4.77 7.00
C ASP A 413 26.34 -3.27 7.21
N TRP A 414 26.56 -2.78 8.43
CA TRP A 414 26.44 -1.35 8.70
C TRP A 414 27.61 -0.57 8.11
N VAL A 415 28.75 -1.22 7.84
CA VAL A 415 29.90 -0.52 7.33
C VAL A 415 29.82 -0.22 5.85
N PHE A 416 28.75 -0.65 5.17
CA PHE A 416 28.63 -0.48 3.73
C PHE A 416 27.75 0.71 3.33
N GLU A 417 27.23 1.46 4.30
CA GLU A 417 26.45 2.65 3.99
C GLU A 417 27.21 3.95 4.21
N TYR A 418 28.52 3.90 4.43
CA TYR A 418 29.32 5.09 4.73
C TYR A 418 30.63 5.05 3.96
N ASN A 419 31.08 6.22 3.50
CA ASN A 419 32.35 6.33 2.79
C ASN A 419 33.52 6.19 3.75
N ALA A 420 34.58 5.51 3.29
CA ALA A 420 35.73 5.26 4.13
C ALA A 420 36.60 6.49 4.29
N ALA A 421 36.73 7.29 3.22
CA ALA A 421 37.58 8.47 3.25
C ALA A 421 37.01 9.54 4.20
N ALA A 422 35.70 9.71 4.19
CA ALA A 422 35.05 10.67 5.09
C ALA A 422 35.21 10.27 6.54
N PHE A 423 35.10 8.97 6.83
CA PHE A 423 35.34 8.45 8.17
C PHE A 423 36.80 8.64 8.58
N TRP A 424 37.72 8.51 7.62
CA TRP A 424 39.14 8.71 7.88
C TRP A 424 39.44 10.16 8.23
N LYS A 425 38.86 11.11 7.51
CA LYS A 425 39.09 12.51 7.84
C LYS A 425 38.34 12.93 9.10
N LYS A 426 37.20 12.29 9.38
CA LYS A 426 36.36 12.75 10.47
C LYS A 426 36.85 12.22 11.82
N TYR A 427 37.32 10.97 11.87
CA TYR A 427 37.73 10.39 13.14
C TYR A 427 39.19 9.97 13.21
N GLY A 428 39.93 10.01 12.11
CA GLY A 428 41.35 9.75 12.15
C GLY A 428 41.79 8.31 12.10
N GLU A 429 40.88 7.37 11.84
CA GLU A 429 41.29 5.99 11.66
C GLU A 429 40.41 5.34 10.59
N ARG A 430 40.92 4.26 10.01
CA ARG A 430 40.24 3.60 8.91
C ARG A 430 39.01 2.84 9.40
N LEU A 431 38.08 2.59 8.48
CA LEU A 431 36.86 1.89 8.82
C LEU A 431 37.09 0.39 8.99
N GLU A 432 38.16 -0.12 8.36
CA GLU A 432 38.52 -1.55 8.28
C GLU A 432 37.40 -2.42 7.73
N ARG A 433 36.72 -1.95 6.70
CA ARG A 433 35.58 -2.66 6.15
C ARG A 433 36.06 -3.86 5.30
N PRO A 434 35.43 -5.02 5.45
CA PRO A 434 35.73 -6.15 4.56
C PRO A 434 35.22 -5.89 3.16
N PRO A 435 36.04 -6.16 2.13
CA PRO A 435 35.65 -5.81 0.75
C PRO A 435 34.48 -6.60 0.19
N ALA A 436 34.26 -7.83 0.68
CA ALA A 436 33.14 -8.62 0.21
C ALA A 436 31.82 -8.06 0.72
N ARG A 437 30.73 -8.45 0.06
CA ARG A 437 29.40 -7.98 0.45
C ARG A 437 29.00 -8.53 1.81
N SER A 438 29.38 -9.79 2.09
CA SER A 438 29.24 -10.48 3.37
C SER A 438 27.79 -10.60 3.84
N GLY A 439 26.85 -10.78 2.92
CA GLY A 439 25.47 -11.02 3.28
C GLY A 439 24.56 -11.06 2.07
N PRO A 440 23.35 -11.60 2.24
CA PRO A 440 22.35 -11.50 1.19
C PRO A 440 21.91 -10.06 0.95
N SER A 441 21.84 -9.69 -0.31
CA SER A 441 21.41 -8.33 -0.66
C SER A 441 19.92 -8.15 -0.47
N ARG A 442 19.15 -9.23 -0.55
CA ARG A 442 17.70 -9.18 -0.39
C ARG A 442 17.25 -10.46 0.29
N LEU A 443 15.94 -10.68 0.30
CA LEU A 443 15.40 -11.85 0.98
C LEU A 443 15.59 -13.12 0.16
N VAL A 444 15.44 -13.03 -1.15
CA VAL A 444 15.56 -14.23 -1.99
C VAL A 444 17.02 -14.67 -2.07
N ASN A 445 17.97 -13.74 -1.87
CA ASN A 445 19.36 -14.13 -1.76
C ASN A 445 19.62 -14.90 -0.46
N ALA A 446 18.84 -14.60 0.59
CA ALA A 446 18.88 -15.43 1.79
C ALA A 446 18.13 -16.74 1.58
N LEU A 447 17.11 -16.74 0.69
CA LEU A 447 16.42 -17.97 0.35
C LEU A 447 17.32 -18.93 -0.43
N ILE A 448 18.25 -18.40 -1.21
CA ILE A 448 19.24 -19.25 -1.88
C ILE A 448 20.12 -19.96 -0.86
N ASP A 449 20.60 -19.22 0.16
CA ASP A 449 21.42 -19.82 1.21
C ASP A 449 20.62 -20.62 2.22
N GLY A 450 19.29 -20.62 2.11
CA GLY A 450 18.45 -21.44 2.96
C GLY A 450 18.41 -21.05 4.41
N ARG A 451 18.38 -19.76 4.74
CA ARG A 451 18.14 -19.35 6.11
C ARG A 451 16.67 -19.46 6.47
N LEU A 452 15.80 -19.30 5.48
CA LEU A 452 14.36 -19.22 5.75
C LEU A 452 13.63 -20.53 5.49
N ASP A 453 14.35 -21.67 5.49
CA ASP A 453 13.66 -22.95 5.37
C ASP A 453 12.98 -23.32 6.69
N ASN A 454 13.52 -22.84 7.81
CA ASN A 454 12.99 -23.13 9.14
C ASN A 454 12.58 -21.80 9.79
N ILE A 455 11.37 -21.35 9.45
CA ILE A 455 10.83 -20.13 10.06
C ILE A 455 10.60 -20.25 11.57
N PRO A 456 10.03 -21.35 12.12
CA PRO A 456 9.98 -21.43 13.60
C PRO A 456 11.32 -21.49 14.29
N ALA A 457 12.35 -22.06 13.66
CA ALA A 457 13.67 -22.10 14.28
C ALA A 457 14.32 -20.72 14.32
N LEU A 458 13.88 -19.81 13.45
CA LEU A 458 14.39 -18.44 13.45
C LEU A 458 13.52 -17.53 14.31
N LEU A 459 12.23 -17.84 14.45
CA LEU A 459 11.36 -17.08 15.33
C LEU A 459 11.41 -17.54 16.78
N GLU A 460 12.08 -18.65 17.04
CA GLU A 460 12.36 -19.19 18.37
C GLU A 460 13.14 -18.26 19.32
N PRO A 461 14.16 -17.50 18.90
CA PRO A 461 14.71 -16.49 19.83
C PRO A 461 13.72 -15.39 20.21
N PHE A 462 12.80 -15.02 19.32
CA PHE A 462 11.73 -14.12 19.73
C PHE A 462 10.78 -14.81 20.69
N TYR A 463 10.63 -16.13 20.54
CA TYR A 463 9.69 -16.88 21.35
C TYR A 463 10.21 -17.03 22.78
N ARG A 464 11.48 -17.41 22.95
CA ARG A 464 12.07 -17.47 24.28
C ARG A 464 12.22 -16.11 24.93
N GLY A 465 12.61 -15.09 24.17
CA GLY A 465 12.73 -13.75 24.70
C GLY A 465 14.10 -13.12 24.53
N ALA A 466 15.07 -13.83 23.97
CA ALA A 466 16.40 -13.29 23.75
C ALA A 466 16.72 -13.37 22.26
N VAL A 467 16.51 -12.28 21.54
CA VAL A 467 16.89 -12.21 20.14
C VAL A 467 18.40 -12.09 20.05
N GLU A 468 18.96 -12.51 18.92
CA GLU A 468 20.40 -12.63 18.81
C GLU A 468 21.05 -11.26 18.65
N PHE A 469 22.36 -11.22 18.91
CA PHE A 469 23.11 -9.97 18.83
C PHE A 469 23.25 -9.50 17.39
N GLU A 470 23.23 -10.45 16.45
CA GLU A 470 23.35 -10.11 15.04
C GLU A 470 22.07 -9.53 14.45
N ASP A 471 20.95 -9.57 15.17
CA ASP A 471 19.69 -9.08 14.65
C ASP A 471 19.26 -7.74 15.25
N ARG A 472 20.01 -7.21 16.22
CA ARG A 472 19.59 -6.00 16.91
C ARG A 472 20.29 -4.78 16.32
N LEU A 473 19.85 -4.42 15.12
CA LEU A 473 20.31 -3.22 14.45
C LEU A 473 19.20 -2.75 13.50
N THR A 474 19.02 -1.44 13.44
CA THR A 474 18.00 -0.83 12.59
C THR A 474 18.54 0.46 12.03
N VAL A 475 18.47 0.60 10.71
CA VAL A 475 18.97 1.76 9.99
C VAL A 475 17.77 2.60 9.56
N LEU A 476 17.81 3.89 9.86
CA LEU A 476 16.71 4.79 9.56
C LEU A 476 16.99 5.53 8.27
N VAL A 477 16.13 5.36 7.28
CA VAL A 477 16.29 5.94 5.95
C VAL A 477 15.21 7.00 5.75
N PRO A 478 15.56 8.21 5.33
CA PRO A 478 14.54 9.23 5.07
C PRO A 478 13.72 8.89 3.84
N LYS A 479 12.54 9.50 3.76
CA LYS A 479 11.58 9.17 2.71
C LYS A 479 11.60 10.24 1.62
N GLU A 480 11.56 9.78 0.38
CA GLU A 480 11.72 10.66 -0.78
C GLU A 480 10.41 11.37 -1.10
N LYS A 481 10.53 12.51 -1.77
CA LYS A 481 9.43 13.26 -2.37
C LYS A 481 8.38 13.69 -1.34
N GLU A 482 8.86 14.24 -0.23
CA GLU A 482 7.97 14.77 0.79
C GLU A 482 8.35 16.21 1.09
N LEU A 483 7.36 16.96 1.58
CA LEU A 483 7.41 18.41 1.65
C LEU A 483 7.85 18.93 3.02
N LYS A 484 8.50 18.11 3.83
CA LYS A 484 8.92 18.50 5.16
C LYS A 484 10.42 18.77 5.16
N VAL A 485 10.81 19.92 5.73
CA VAL A 485 12.21 20.36 5.64
C VAL A 485 13.09 19.55 6.59
N LYS A 486 12.50 18.95 7.61
CA LYS A 486 13.24 18.09 8.51
C LYS A 486 13.06 16.62 8.20
N GLY A 487 12.10 16.27 7.35
CA GLY A 487 12.02 14.96 6.76
C GLY A 487 11.25 13.97 7.60
N ARG A 488 10.78 12.92 6.93
CA ARG A 488 10.15 11.78 7.55
C ARG A 488 11.02 10.56 7.26
N PHE A 489 11.02 9.61 8.19
CA PHE A 489 11.95 8.51 8.16
C PHE A 489 11.21 7.18 8.25
N PHE A 490 11.78 6.17 7.61
CA PHE A 490 11.21 4.83 7.63
C PHE A 490 12.31 3.85 8.02
N SER A 491 11.90 2.72 8.55
CA SER A 491 12.82 1.75 9.14
C SER A 491 13.33 0.77 8.09
N LYS A 492 14.64 0.57 8.09
CA LYS A 492 15.28 -0.51 7.36
C LYS A 492 15.80 -1.52 8.38
N GLN A 493 15.14 -2.67 8.45
CA GLN A 493 15.42 -3.67 9.47
C GLN A 493 16.22 -4.83 8.88
N THR A 494 16.60 -5.76 9.74
CA THR A 494 17.29 -6.95 9.28
C THR A 494 16.30 -8.08 9.02
N LEU A 495 16.85 -9.28 8.80
CA LEU A 495 16.10 -10.38 8.21
C LEU A 495 14.99 -10.90 9.12
N ALA A 496 15.29 -11.07 10.41
CA ALA A 496 14.37 -11.78 11.30
C ALA A 496 13.15 -10.94 11.66
N ILE A 497 13.35 -9.63 11.85
CA ILE A 497 12.26 -8.77 12.36
C ILE A 497 11.20 -8.54 11.29
N ARG A 498 11.57 -8.59 10.00
CA ARG A 498 10.54 -8.52 8.97
C ARG A 498 9.65 -9.77 8.96
N ILE A 499 10.23 -10.95 9.15
CA ILE A 499 9.44 -12.18 9.23
C ILE A 499 8.57 -12.16 10.48
N TYR A 500 9.10 -11.61 11.58
CA TYR A 500 8.32 -11.40 12.79
C TYR A 500 7.12 -10.49 12.55
N GLN A 501 7.34 -9.39 11.83
CA GLN A 501 6.26 -8.44 11.53
C GLN A 501 5.22 -9.07 10.61
N VAL A 502 5.66 -9.89 9.65
CA VAL A 502 4.75 -10.56 8.73
C VAL A 502 3.85 -11.53 9.48
N VAL A 503 4.43 -12.34 10.37
CA VAL A 503 3.65 -13.29 11.16
C VAL A 503 2.69 -12.54 12.08
N ALA A 504 3.15 -11.46 12.71
CA ALA A 504 2.30 -10.71 13.65
C ALA A 504 1.13 -10.04 12.95
N GLU A 505 1.39 -9.33 11.84
CA GLU A 505 0.32 -8.64 11.14
C GLU A 505 -0.65 -9.61 10.46
N ALA A 506 -0.13 -10.72 9.94
CA ALA A 506 -1.00 -11.74 9.35
C ALA A 506 -1.89 -12.36 10.41
N ALA A 507 -1.34 -12.62 11.60
CA ALA A 507 -2.12 -13.21 12.68
C ALA A 507 -3.23 -12.29 13.16
N LEU A 508 -2.93 -11.00 13.34
CA LEU A 508 -3.96 -10.06 13.79
C LEU A 508 -5.02 -9.85 12.72
N LYS A 509 -4.61 -9.72 11.45
CA LYS A 509 -5.57 -9.52 10.37
C LYS A 509 -6.47 -10.74 10.17
N ASN A 510 -5.93 -11.94 10.35
CA ASN A 510 -6.77 -13.13 10.16
C ASN A 510 -7.69 -13.37 11.34
N GLU A 511 -7.15 -13.53 12.55
CA GLU A 511 -8.03 -13.93 13.64
C GLU A 511 -8.57 -12.79 14.49
N VAL A 512 -7.82 -11.72 14.72
CA VAL A 512 -8.28 -10.74 15.70
C VAL A 512 -9.28 -9.77 15.08
N MET A 513 -8.94 -9.17 13.94
CA MET A 513 -9.71 -8.04 13.44
C MET A 513 -11.12 -8.31 12.90
N PRO A 514 -11.45 -9.45 12.25
CA PRO A 514 -12.86 -9.61 11.82
C PRO A 514 -13.88 -9.72 12.94
N TYR A 515 -13.45 -10.05 14.17
CA TYR A 515 -14.41 -10.11 15.27
C TYR A 515 -14.77 -8.72 15.77
N LEU A 516 -13.81 -7.79 15.79
CA LEU A 516 -14.10 -6.44 16.23
C LEU A 516 -14.96 -5.72 15.20
N LYS A 517 -16.11 -5.20 15.65
CA LYS A 517 -17.12 -4.67 14.74
C LYS A 517 -16.66 -3.40 14.05
N THR A 518 -15.94 -2.54 14.78
CA THR A 518 -15.48 -1.26 14.23
C THR A 518 -14.46 -1.46 13.12
N HIS A 519 -13.75 -2.60 13.15
CA HIS A 519 -12.84 -2.93 12.07
C HIS A 519 -13.55 -3.74 11.00
N SER A 520 -14.52 -4.56 11.40
CA SER A 520 -15.21 -5.44 10.47
C SER A 520 -16.10 -4.68 9.51
N MET A 521 -16.62 -3.51 9.91
CA MET A 521 -17.38 -2.72 8.96
C MET A 521 -16.47 -2.10 7.91
N THR A 522 -15.22 -1.81 8.28
CA THR A 522 -14.27 -1.27 7.32
C THR A 522 -13.75 -2.35 6.38
N MET A 523 -13.61 -3.59 6.86
CA MET A 523 -13.10 -4.66 5.99
C MET A 523 -14.19 -5.41 5.25
N SER A 524 -15.43 -4.90 5.23
CA SER A 524 -16.52 -5.50 4.47
C SER A 524 -17.05 -4.49 3.48
N SER A 525 -17.24 -4.92 2.22
CA SER A 525 -17.55 -4.00 1.14
C SER A 525 -18.99 -3.48 1.24
N THR A 526 -19.94 -4.38 1.57
CA THR A 526 -21.35 -3.99 1.60
C THR A 526 -21.64 -3.06 2.77
N ALA A 527 -21.06 -3.33 3.94
CA ALA A 527 -21.29 -2.49 5.11
C ALA A 527 -20.65 -1.12 4.94
N LEU A 528 -19.45 -1.07 4.36
CA LEU A 528 -18.78 0.20 4.10
C LEU A 528 -19.52 1.00 3.04
N THR A 529 -20.03 0.32 2.01
CA THR A 529 -20.82 0.98 0.98
C THR A 529 -22.11 1.54 1.55
N HIS A 530 -22.76 0.79 2.45
CA HIS A 530 -23.97 1.28 3.11
C HIS A 530 -23.68 2.47 4.01
N LEU A 531 -22.55 2.45 4.72
CA LEU A 531 -22.20 3.56 5.60
C LEU A 531 -21.89 4.83 4.82
N LEU A 532 -21.10 4.71 3.75
CA LEU A 532 -20.77 5.88 2.94
C LEU A 532 -21.96 6.35 2.12
N ASN A 533 -22.91 5.46 1.83
CA ASN A 533 -24.12 5.88 1.15
C ASN A 533 -25.07 6.59 2.11
N ARG A 534 -25.09 6.17 3.38
CA ARG A 534 -25.94 6.86 4.35
C ARG A 534 -25.36 8.21 4.74
N LEU A 535 -24.02 8.32 4.74
CA LEU A 535 -23.38 9.59 5.07
C LEU A 535 -23.73 10.70 4.09
N SER A 536 -23.72 10.39 2.79
CA SER A 536 -23.93 11.42 1.77
C SER A 536 -25.35 11.95 1.79
N HIS A 537 -26.32 11.07 2.02
CA HIS A 537 -27.70 11.53 2.17
C HIS A 537 -27.90 12.23 3.51
N THR A 538 -27.12 11.87 4.52
CA THR A 538 -27.39 12.35 5.86
C THR A 538 -26.85 13.76 6.08
N ILE A 539 -25.64 14.06 5.60
CA ILE A 539 -24.94 15.28 6.01
C ILE A 539 -25.62 16.53 5.46
N THR A 540 -26.26 16.42 4.29
CA THR A 540 -26.85 17.59 3.65
C THR A 540 -28.16 18.02 4.28
N LYS A 541 -28.79 17.17 5.09
CA LYS A 541 -30.09 17.47 5.65
C LYS A 541 -30.06 17.77 7.15
N GLY A 542 -28.94 18.25 7.67
CA GLY A 542 -28.86 18.74 9.03
C GLY A 542 -28.56 17.69 10.08
N ASP A 543 -28.51 16.42 9.71
CA ASP A 543 -28.15 15.34 10.62
C ASP A 543 -26.69 14.98 10.37
N SER A 544 -25.98 14.62 11.44
CA SER A 544 -24.63 14.06 11.46
C SER A 544 -23.56 15.09 11.16
N PHE A 545 -22.37 14.87 11.73
CA PHE A 545 -21.21 15.70 11.49
C PHE A 545 -19.97 14.84 11.61
N VAL A 546 -18.89 15.30 10.99
CA VAL A 546 -17.67 14.51 10.84
C VAL A 546 -16.55 15.20 11.61
N ILE A 547 -15.87 14.44 12.46
CA ILE A 547 -14.72 14.92 13.23
C ILE A 547 -13.48 14.21 12.71
N ASN A 548 -12.44 14.97 12.41
CA ASN A 548 -11.19 14.44 11.88
C ASN A 548 -10.08 14.66 12.89
N LEU A 549 -9.26 13.64 13.10
CA LEU A 549 -8.11 13.74 14.00
C LEU A 549 -6.85 13.32 13.24
N ASP A 550 -5.77 14.06 13.46
CA ASP A 550 -4.48 13.75 12.86
C ASP A 550 -3.43 13.68 13.95
N TYR A 551 -2.64 12.61 13.95
CA TYR A 551 -1.60 12.37 14.94
C TYR A 551 -0.26 12.59 14.28
N SER A 552 0.44 13.65 14.68
CA SER A 552 1.70 14.00 14.04
C SER A 552 2.83 13.07 14.48
N SER A 553 2.72 12.50 15.67
CA SER A 553 3.76 11.62 16.22
C SER A 553 3.14 10.27 16.60
N TRP A 554 2.38 9.71 15.66
CA TRP A 554 1.66 8.46 15.90
C TRP A 554 2.61 7.28 16.07
N CYS A 555 3.54 7.11 15.14
CA CYS A 555 4.38 5.92 15.16
C CYS A 555 5.46 6.00 16.24
N ASN A 556 5.86 7.22 16.61
CA ASN A 556 6.90 7.39 17.61
C ASN A 556 6.35 7.58 19.02
N GLY A 557 5.01 7.65 19.16
CA GLY A 557 4.44 8.02 20.45
C GLY A 557 4.12 6.82 21.34
N PHE A 558 3.99 5.64 20.76
CA PHE A 558 3.62 4.45 21.55
C PHE A 558 4.77 4.00 22.42
N ARG A 559 4.43 3.41 23.57
CA ARG A 559 5.46 3.11 24.57
C ARG A 559 5.30 1.67 25.03
N PRO A 560 6.34 1.05 25.62
CA PRO A 560 6.21 -0.33 26.10
C PRO A 560 5.14 -0.57 27.16
N GLU A 561 4.82 0.43 27.98
CA GLU A 561 3.84 0.22 29.04
C GLU A 561 2.41 0.11 28.50
N LEU A 562 2.13 0.77 27.38
CA LEU A 562 0.77 0.77 26.85
C LEU A 562 0.45 -0.54 26.15
N GLN A 563 1.44 -1.15 25.49
CA GLN A 563 1.15 -2.29 24.63
C GLN A 563 1.10 -3.61 25.39
N ALA A 564 1.78 -3.68 26.54
CA ALA A 564 2.03 -4.96 27.19
C ALA A 564 0.80 -5.71 27.73
N PRO A 565 -0.26 -5.07 28.27
CA PRO A 565 -1.48 -5.86 28.59
C PRO A 565 -2.14 -6.54 27.40
N ILE A 566 -2.37 -5.81 26.30
CA ILE A 566 -3.00 -6.41 25.14
C ILE A 566 -2.07 -7.41 24.47
N CYS A 567 -0.77 -7.14 24.46
CA CYS A 567 0.19 -8.10 23.91
C CYS A 567 0.23 -9.38 24.73
N ARG A 568 0.11 -9.28 26.06
CA ARG A 568 0.06 -10.48 26.89
C ARG A 568 -1.22 -11.27 26.65
N GLN A 569 -2.35 -10.57 26.45
CA GLN A 569 -3.59 -11.28 26.18
C GLN A 569 -3.58 -11.94 24.80
N LEU A 570 -2.94 -11.31 23.81
CA LEU A 570 -2.75 -11.95 22.51
C LEU A 570 -1.85 -13.18 22.61
N ASP A 571 -0.81 -13.11 23.46
CA ASP A 571 0.04 -14.27 23.73
C ASP A 571 -0.76 -15.41 24.34
N GLN A 572 -1.70 -15.10 25.21
CA GLN A 572 -2.50 -16.17 25.81
C GLN A 572 -3.53 -16.71 24.82
N MET A 573 -4.07 -15.85 23.95
CA MET A 573 -5.10 -16.32 23.02
C MET A 573 -4.52 -17.18 21.89
N PHE A 574 -3.36 -16.83 21.38
CA PHE A 574 -2.78 -17.59 20.28
C PHE A 574 -1.86 -18.72 20.75
N ASN A 575 -1.74 -18.91 22.07
CA ASN A 575 -0.90 -19.95 22.69
C ASN A 575 0.56 -19.83 22.27
N CYS A 576 1.01 -18.60 22.10
CA CYS A 576 2.39 -18.29 21.73
C CYS A 576 3.07 -17.57 22.90
N GLY A 577 3.97 -18.29 23.57
CA GLY A 577 4.62 -17.79 24.76
C GLY A 577 5.62 -16.68 24.50
N TYR A 578 5.28 -15.47 24.97
CA TYR A 578 6.08 -14.25 24.94
C TYR A 578 6.51 -13.93 23.49
N PHE A 579 5.51 -13.67 22.65
CA PHE A 579 5.75 -13.37 21.25
C PHE A 579 5.34 -11.96 20.88
N PHE A 580 4.17 -11.50 21.32
CA PHE A 580 3.81 -10.10 21.09
C PHE A 580 4.48 -9.20 22.09
N ARG A 581 5.03 -9.77 23.17
CA ARG A 581 5.66 -8.96 24.21
C ARG A 581 7.16 -8.83 23.99
N THR A 582 7.70 -9.43 22.94
CA THR A 582 9.10 -9.13 22.64
C THR A 582 9.24 -7.89 21.78
N GLY A 583 8.18 -7.50 21.06
CA GLY A 583 8.26 -6.34 20.20
C GLY A 583 8.22 -5.04 20.97
N CYS A 584 7.63 -5.05 22.17
CA CYS A 584 7.61 -3.85 22.97
C CYS A 584 8.95 -3.59 23.64
N THR A 585 9.62 -4.64 24.11
CA THR A 585 10.93 -4.51 24.73
C THR A 585 12.08 -4.54 23.74
N LEU A 586 11.82 -4.87 22.48
CA LEU A 586 12.86 -4.80 21.45
C LEU A 586 13.47 -3.42 21.20
N PRO A 587 12.73 -2.28 21.20
CA PRO A 587 13.42 -0.98 21.01
C PRO A 587 14.43 -0.63 22.10
N CYS A 588 14.27 -1.16 23.31
CA CYS A 588 15.19 -0.83 24.40
C CYS A 588 16.53 -1.56 24.28
N PHE A 589 16.68 -2.48 23.34
CA PHE A 589 17.95 -3.15 23.12
C PHE A 589 18.48 -3.01 21.71
N THR A 590 17.79 -2.29 20.82
CA THR A 590 18.15 -2.24 19.41
C THR A 590 19.03 -1.02 19.11
N THR A 591 20.15 -1.26 18.42
CA THR A 591 21.02 -0.18 18.00
C THR A 591 20.42 0.56 16.81
N PHE A 592 20.36 1.88 16.89
CA PHE A 592 19.73 2.73 15.89
C PHE A 592 20.78 3.66 15.29
N ILE A 593 21.14 3.43 14.04
CA ILE A 593 22.01 4.34 13.30
C ILE A 593 21.23 4.89 12.11
N ILE A 594 21.66 6.03 11.60
CA ILE A 594 20.94 6.75 10.56
C ILE A 594 21.81 6.77 9.30
N GLN A 595 21.17 6.59 8.14
CA GLN A 595 21.90 6.39 6.89
C GLN A 595 22.05 7.72 6.16
N ASP A 596 23.23 8.32 6.30
CA ASP A 596 23.62 9.44 5.46
C ASP A 596 25.14 9.34 5.41
N ARG A 597 25.68 8.87 4.30
CA ARG A 597 27.12 8.76 4.16
C ARG A 597 27.73 10.16 4.05
N PHE A 598 29.03 10.22 4.37
CA PHE A 598 29.93 11.36 4.59
C PHE A 598 29.67 11.97 5.97
N ASN A 599 28.73 11.43 6.74
CA ASN A 599 28.60 11.70 8.18
C ASN A 599 28.46 10.38 8.92
N PRO A 600 29.55 9.65 9.14
CA PRO A 600 29.43 8.30 9.67
C PRO A 600 29.44 8.30 11.19
N PRO A 601 28.77 7.33 11.82
CA PRO A 601 28.98 7.09 13.25
C PRO A 601 30.36 6.54 13.53
N TYR A 602 30.81 6.70 14.77
CA TYR A 602 32.09 6.16 15.18
C TYR A 602 31.97 4.68 15.53
N SER A 603 33.07 3.94 15.35
CA SER A 603 33.12 2.52 15.68
C SER A 603 34.28 2.28 16.62
N PHE A 604 34.02 1.56 17.72
CA PHE A 604 35.06 1.25 18.70
C PHE A 604 35.64 -0.15 18.49
N ARG A 605 34.81 -1.18 18.65
CA ARG A 605 35.24 -2.57 18.53
C ARG A 605 34.56 -3.30 17.39
N GLY A 606 34.00 -2.59 16.43
CA GLY A 606 33.23 -3.20 15.36
C GLY A 606 31.76 -2.85 15.46
N GLU A 607 31.42 -2.08 16.48
CA GLU A 607 30.06 -1.70 16.80
C GLU A 607 29.92 -0.18 16.82
N PRO A 608 28.76 0.35 16.44
CA PRO A 608 28.57 1.80 16.48
C PRO A 608 28.51 2.34 17.91
N VAL A 609 28.95 3.59 18.05
CA VAL A 609 29.08 4.26 19.33
C VAL A 609 28.10 5.42 19.35
N GLU A 610 27.38 5.54 20.47
CA GLU A 610 26.35 6.56 20.62
C GLU A 610 26.96 7.95 20.71
N ASP A 611 26.43 8.88 19.92
CA ASP A 611 26.73 10.30 20.08
C ASP A 611 25.51 11.20 20.00
N GLY A 612 24.31 10.64 19.91
CA GLY A 612 23.09 11.38 20.02
C GLY A 612 22.50 11.85 18.70
N VAL A 613 23.31 11.90 17.64
CA VAL A 613 22.85 12.39 16.35
C VAL A 613 22.93 11.28 15.32
N THR A 614 24.07 10.61 15.25
CA THR A 614 24.33 9.62 14.20
C THR A 614 24.06 8.19 14.65
N CYS A 615 24.18 7.91 15.95
CA CYS A 615 23.89 6.58 16.49
C CYS A 615 23.10 6.73 17.79
N ALA A 616 22.28 5.73 18.09
CA ALA A 616 21.50 5.67 19.32
C ALA A 616 21.37 4.23 19.76
N VAL A 617 21.96 3.89 20.90
CA VAL A 617 21.84 2.54 21.43
C VAL A 617 20.65 2.51 22.38
N GLY A 618 19.47 2.18 21.86
CA GLY A 618 18.31 2.00 22.70
C GLY A 618 17.28 3.12 22.66
N THR A 619 16.19 2.89 21.95
CA THR A 619 15.04 3.78 21.94
C THR A 619 13.93 3.18 22.80
N LYS A 620 12.73 3.77 22.74
CA LYS A 620 11.57 3.19 23.39
C LYS A 620 10.48 2.85 22.39
N THR A 621 10.71 3.16 21.11
CA THR A 621 9.84 2.75 20.02
C THR A 621 10.68 2.41 18.80
N MET A 622 10.12 1.65 17.86
CA MET A 622 10.94 1.14 16.77
C MET A 622 10.90 2.06 15.55
N GLY A 623 9.73 2.27 14.96
CA GLY A 623 9.67 3.12 13.80
C GLY A 623 8.30 3.11 13.15
N GLU A 624 8.25 3.71 11.96
CA GLU A 624 7.02 3.90 11.20
C GLU A 624 6.67 2.63 10.45
N GLY A 625 5.42 2.18 10.59
CA GLY A 625 4.92 1.02 9.90
C GLY A 625 5.11 -0.29 10.63
N MET A 626 5.97 -0.33 11.63
CA MET A 626 6.11 -1.53 12.44
C MET A 626 4.94 -1.61 13.43
N ARG A 627 4.45 -2.84 13.64
CA ARG A 627 3.39 -3.16 14.61
C ARG A 627 2.12 -2.34 14.35
N GLN A 628 1.72 -2.25 13.08
CA GLN A 628 0.66 -1.33 12.68
C GLN A 628 -0.72 -1.77 13.18
N LYS A 629 -1.02 -3.08 13.07
CA LYS A 629 -2.37 -3.55 13.35
C LYS A 629 -2.67 -3.52 14.84
N LEU A 630 -1.63 -3.63 15.67
CA LEU A 630 -1.82 -3.44 17.10
C LEU A 630 -2.15 -1.99 17.43
N TRP A 631 -1.45 -1.05 16.81
CA TRP A 631 -1.67 0.36 17.10
C TRP A 631 -2.98 0.86 16.52
N THR A 632 -3.51 0.19 15.50
CA THR A 632 -4.82 0.58 14.98
C THR A 632 -5.94 0.22 15.97
N ILE A 633 -5.87 -0.99 16.54
CA ILE A 633 -6.80 -1.41 17.58
C ILE A 633 -6.66 -0.52 18.81
N LEU A 634 -5.42 -0.22 19.21
CA LEU A 634 -5.16 0.66 20.34
C LEU A 634 -5.70 2.06 20.10
N THR A 635 -5.58 2.57 18.88
CA THR A 635 -6.13 3.87 18.53
C THR A 635 -7.64 3.87 18.61
N SER A 636 -8.27 2.78 18.18
CA SER A 636 -9.73 2.70 18.24
C SER A 636 -10.24 2.62 19.68
N CYS A 637 -9.48 2.00 20.59
CA CYS A 637 -9.97 1.74 21.95
C CYS A 637 -10.26 3.02 22.73
N TRP A 638 -9.34 3.99 22.73
CA TRP A 638 -9.60 5.19 23.51
C TRP A 638 -10.69 6.06 22.89
N GLU A 639 -10.86 6.00 21.57
CA GLU A 639 -11.95 6.74 20.95
C GLU A 639 -13.32 6.13 21.28
N ILE A 640 -13.41 4.80 21.31
CA ILE A 640 -14.65 4.14 21.74
C ILE A 640 -14.96 4.47 23.20
N ILE A 641 -13.93 4.50 24.05
CA ILE A 641 -14.11 4.85 25.46
C ILE A 641 -14.64 6.28 25.60
N ALA A 642 -13.99 7.22 24.90
CA ALA A 642 -14.28 8.64 25.05
C ALA A 642 -15.66 8.99 24.51
N LEU A 643 -16.08 8.34 23.42
CA LEU A 643 -17.39 8.68 22.89
C LEU A 643 -18.51 7.88 23.53
N ARG A 644 -18.26 6.70 24.10
CA ARG A 644 -19.31 6.04 24.84
C ARG A 644 -19.53 6.68 26.21
N GLU A 645 -18.52 7.36 26.75
CA GLU A 645 -18.68 7.97 28.06
C GLU A 645 -19.54 9.22 28.03
N ILE A 646 -19.83 9.77 26.85
CA ILE A 646 -20.62 11.00 26.74
C ILE A 646 -21.92 10.78 25.98
N ASN A 647 -22.26 9.52 25.69
CA ASN A 647 -23.56 9.09 25.16
C ASN A 647 -23.88 9.71 23.79
N VAL A 648 -23.05 9.40 22.80
CA VAL A 648 -23.29 9.82 21.42
C VAL A 648 -23.23 8.61 20.50
N THR A 649 -24.06 8.62 19.46
CA THR A 649 -24.06 7.55 18.46
C THR A 649 -22.91 7.80 17.48
N PHE A 650 -21.99 6.85 17.38
CA PHE A 650 -20.73 7.08 16.70
C PHE A 650 -20.38 5.91 15.80
N ASN A 651 -19.72 6.21 14.69
CA ASN A 651 -19.11 5.22 13.80
C ASN A 651 -17.72 5.73 13.45
N ILE A 652 -16.73 4.86 13.58
CA ILE A 652 -15.33 5.24 13.39
C ILE A 652 -14.81 4.57 12.13
N LEU A 653 -14.34 5.38 11.18
CA LEU A 653 -13.67 4.88 9.99
C LEU A 653 -12.19 5.26 10.13
N GLY A 654 -11.32 4.26 10.06
CA GLY A 654 -9.96 4.48 10.49
C GLY A 654 -8.94 4.05 9.45
N GLN A 655 -8.04 4.96 9.13
CA GLN A 655 -6.91 4.69 8.25
C GLN A 655 -5.59 5.24 8.86
N GLY A 656 -5.03 4.46 9.76
CA GLY A 656 -3.74 4.79 10.36
C GLY A 656 -3.79 6.01 11.26
N ASP A 657 -2.90 6.98 10.99
CA ASP A 657 -2.81 8.17 11.82
C ASP A 657 -4.00 9.11 11.59
N ASN A 658 -4.67 8.97 10.46
CA ASN A 658 -5.84 9.78 10.17
C ASN A 658 -7.10 9.01 10.56
N GLN A 659 -7.83 9.55 11.53
CA GLN A 659 -9.06 8.95 11.99
C GLN A 659 -10.21 9.90 11.67
N THR A 660 -11.24 9.38 11.01
CA THR A 660 -12.44 10.16 10.76
C THR A 660 -13.59 9.52 11.53
N ILE A 661 -14.33 10.36 12.24
CA ILE A 661 -15.37 9.91 13.17
C ILE A 661 -16.69 10.51 12.73
N ILE A 662 -17.71 9.66 12.63
CA ILE A 662 -19.05 10.06 12.24
C ILE A 662 -19.92 10.11 13.48
N ILE A 663 -20.40 11.31 13.83
CA ILE A 663 -21.23 11.49 15.01
C ILE A 663 -22.59 12.03 14.60
N HIS A 664 -23.65 11.34 15.01
CA HIS A 664 -25.01 11.67 14.62
C HIS A 664 -25.68 12.54 15.68
N LYS A 665 -26.93 12.89 15.40
CA LYS A 665 -27.66 13.91 16.14
C LYS A 665 -28.32 13.32 17.38
N SER A 666 -28.27 14.09 18.48
CA SER A 666 -29.11 13.85 19.63
C SER A 666 -30.24 14.85 19.60
N ALA A 667 -31.43 14.39 20.02
CA ALA A 667 -32.65 15.18 19.82
C ALA A 667 -32.73 16.38 20.76
N SER A 668 -31.99 16.34 21.87
CA SER A 668 -32.10 17.40 22.86
C SER A 668 -31.17 18.57 22.55
N GLN A 669 -29.98 18.30 22.04
CA GLN A 669 -28.91 19.29 22.01
C GLN A 669 -28.56 19.68 20.58
N ASN A 670 -28.17 20.94 20.40
CA ASN A 670 -27.66 21.39 19.12
C ASN A 670 -26.28 20.82 18.87
N ASN A 671 -25.91 20.72 17.58
CA ASN A 671 -24.75 19.91 17.19
C ASN A 671 -23.43 20.55 17.58
N GLN A 672 -23.42 21.87 17.81
CA GLN A 672 -22.22 22.54 18.28
C GLN A 672 -21.83 22.06 19.67
N LEU A 673 -22.82 21.84 20.53
CA LEU A 673 -22.58 21.34 21.88
C LEU A 673 -22.00 19.93 21.85
N LEU A 674 -22.52 19.07 20.96
CA LEU A 674 -21.97 17.73 20.78
C LEU A 674 -20.56 17.78 20.23
N ALA A 675 -20.27 18.75 19.36
CA ALA A 675 -18.91 18.89 18.84
C ALA A 675 -17.94 19.29 19.93
N GLU A 676 -18.33 20.24 20.80
CA GLU A 676 -17.47 20.66 21.89
C GLU A 676 -17.23 19.53 22.90
N ARG A 677 -18.29 18.81 23.30
CA ARG A 677 -18.10 17.71 24.25
C ARG A 677 -17.34 16.55 23.64
N ALA A 678 -17.52 16.28 22.34
CA ALA A 678 -16.79 15.19 21.71
C ALA A 678 -15.31 15.52 21.57
N LEU A 679 -14.98 16.76 21.17
CA LEU A 679 -13.57 17.16 21.11
C LEU A 679 -12.94 17.17 22.50
N GLY A 680 -13.70 17.57 23.52
CA GLY A 680 -13.18 17.51 24.88
C GLY A 680 -12.90 16.09 25.35
N ALA A 681 -13.82 15.16 25.08
CA ALA A 681 -13.62 13.78 25.49
C ALA A 681 -12.47 13.12 24.74
N LEU A 682 -12.37 13.37 23.43
CA LEU A 682 -11.27 12.78 22.66
C LEU A 682 -9.92 13.36 23.05
N TYR A 683 -9.86 14.67 23.30
CA TYR A 683 -8.61 15.28 23.74
C TYR A 683 -8.24 14.83 25.14
N LYS A 684 -9.25 14.51 25.96
CA LYS A 684 -8.98 13.99 27.30
C LYS A 684 -8.39 12.58 27.23
N HIS A 685 -8.98 11.71 26.41
CA HIS A 685 -8.54 10.32 26.43
C HIS A 685 -7.36 10.08 25.50
N ALA A 686 -7.02 11.05 24.65
CA ALA A 686 -5.80 10.93 23.86
C ALA A 686 -4.57 11.20 24.71
N ARG A 687 -4.71 12.05 25.73
CA ARG A 687 -3.56 12.47 26.53
C ARG A 687 -3.03 11.33 27.40
N LEU A 688 -3.90 10.43 27.82
CA LEU A 688 -3.50 9.39 28.75
C LEU A 688 -2.65 8.31 28.12
N ALA A 689 -2.55 8.26 26.79
CA ALA A 689 -1.74 7.28 26.09
C ALA A 689 -0.46 7.87 25.51
N GLY A 690 -0.11 9.09 25.90
CA GLY A 690 1.09 9.72 25.40
C GLY A 690 0.98 10.28 24.01
N HIS A 691 -0.24 10.46 23.49
CA HIS A 691 -0.49 10.90 22.12
C HIS A 691 -1.33 12.16 22.20
N ASN A 692 -0.67 13.31 22.34
CA ASN A 692 -1.41 14.56 22.51
C ASN A 692 -1.82 15.12 21.16
N LEU A 693 -3.13 15.15 20.91
CA LEU A 693 -3.67 15.84 19.76
C LEU A 693 -3.55 17.35 19.95
N LYS A 694 -3.54 18.06 18.83
CA LYS A 694 -3.41 19.50 18.82
C LYS A 694 -4.69 20.13 18.28
N VAL A 695 -5.08 21.26 18.87
CA VAL A 695 -6.28 21.97 18.46
C VAL A 695 -6.12 22.61 17.09
N GLU A 696 -4.88 22.82 16.65
CA GLU A 696 -4.59 23.46 15.37
C GLU A 696 -4.58 22.49 14.21
N GLU A 697 -4.86 21.20 14.43
CA GLU A 697 -4.78 20.20 13.36
C GLU A 697 -6.02 19.32 13.27
N CYS A 698 -7.10 19.69 13.96
CA CYS A 698 -8.35 18.92 13.90
C CYS A 698 -9.51 19.85 13.58
N TRP A 699 -10.33 19.45 12.63
CA TRP A 699 -11.52 20.20 12.24
C TRP A 699 -12.75 19.32 12.41
N VAL A 700 -13.88 19.98 12.63
CA VAL A 700 -15.18 19.33 12.67
C VAL A 700 -16.03 19.97 11.59
N SER A 701 -16.53 19.16 10.65
CA SER A 701 -17.23 19.70 9.50
C SER A 701 -18.44 18.83 9.19
N ASP A 702 -19.42 19.44 8.51
CA ASP A 702 -20.58 18.71 8.03
C ASP A 702 -20.71 18.70 6.52
N CYS A 703 -19.81 19.38 5.79
CA CYS A 703 -19.84 19.44 4.34
C CYS A 703 -18.67 18.74 3.67
N LEU A 704 -17.51 18.66 4.33
CA LEU A 704 -16.30 18.16 3.73
C LEU A 704 -15.76 17.00 4.54
N TYR A 705 -15.40 15.91 3.86
CA TYR A 705 -14.73 14.80 4.51
C TYR A 705 -13.91 14.03 3.50
N GLU A 706 -13.11 13.10 4.01
CA GLU A 706 -12.11 12.36 3.25
C GLU A 706 -12.11 10.91 3.70
N TYR A 707 -12.10 10.00 2.75
CA TYR A 707 -11.93 8.58 3.04
C TYR A 707 -11.36 7.85 1.83
N GLY A 708 -10.26 7.14 2.06
CA GLY A 708 -9.67 6.32 1.00
C GLY A 708 -9.10 7.12 -0.15
N LYS A 709 -8.39 8.21 0.16
CA LYS A 709 -7.68 9.11 -0.75
C LYS A 709 -8.63 9.82 -1.72
N LYS A 710 -9.92 9.92 -1.42
CA LYS A 710 -10.87 10.63 -2.25
C LYS A 710 -11.61 11.62 -1.38
N LEU A 711 -11.61 12.88 -1.79
CA LEU A 711 -12.24 13.93 -1.01
C LEU A 711 -13.70 14.10 -1.42
N PHE A 712 -14.55 14.33 -0.42
CA PHE A 712 -16.00 14.38 -0.62
C PHE A 712 -16.51 15.74 -0.16
N PHE A 713 -17.20 16.44 -1.05
CA PHE A 713 -17.79 17.74 -0.75
C PHE A 713 -19.29 17.65 -1.01
N ARG A 714 -20.09 17.88 0.05
CA ARG A 714 -21.54 17.77 0.04
C ARG A 714 -22.02 16.41 -0.45
N GLY A 715 -21.27 15.35 -0.14
CA GLY A 715 -21.63 14.01 -0.53
C GLY A 715 -21.25 13.62 -1.94
N VAL A 716 -20.68 14.52 -2.71
CA VAL A 716 -20.25 14.25 -4.08
C VAL A 716 -18.72 14.18 -4.09
N PRO A 717 -18.12 13.19 -4.74
CA PRO A 717 -16.66 13.14 -4.84
C PRO A 717 -16.10 14.32 -5.63
N VAL A 718 -14.96 14.82 -5.19
CA VAL A 718 -14.26 15.90 -5.87
C VAL A 718 -13.46 15.27 -7.00
N PRO A 719 -13.53 15.79 -8.23
CA PRO A 719 -12.70 15.27 -9.32
C PRO A 719 -11.22 15.38 -9.02
N GLY A 720 -10.49 14.30 -9.30
CA GLY A 720 -9.09 14.24 -8.97
C GLY A 720 -8.23 13.92 -10.17
N CYS A 721 -8.62 14.47 -11.32
CA CYS A 721 -7.85 14.29 -12.55
C CYS A 721 -6.48 14.94 -12.44
N LEU A 722 -6.43 16.12 -11.83
CA LEU A 722 -5.20 16.92 -11.79
C LEU A 722 -4.12 16.26 -10.95
N LYS A 723 -4.50 15.74 -9.78
CA LYS A 723 -3.51 15.13 -8.89
C LYS A 723 -3.00 13.81 -9.45
N GLN A 724 -3.90 13.00 -10.03
CA GLN A 724 -3.50 11.69 -10.53
C GLN A 724 -2.69 11.80 -11.81
N LEU A 725 -3.07 12.72 -12.71
CA LEU A 725 -2.30 12.87 -13.94
C LEU A 725 -1.01 13.66 -13.71
N SER A 726 -0.99 14.54 -12.71
CA SER A 726 0.22 15.32 -12.46
C SER A 726 1.26 14.51 -11.72
N ARG A 727 0.88 13.35 -11.17
CA ARG A 727 1.82 12.47 -10.49
C ARG A 727 2.79 11.86 -11.49
N VAL A 728 4.07 11.84 -11.12
CA VAL A 728 5.10 11.19 -11.92
C VAL A 728 5.34 9.81 -11.33
N THR A 729 5.08 8.78 -12.12
CA THR A 729 5.25 7.41 -11.68
C THR A 729 6.74 7.04 -11.63
N ASP A 730 7.03 5.81 -11.20
CA ASP A 730 8.42 5.38 -11.02
C ASP A 730 9.14 5.29 -12.35
N SER A 731 8.44 4.85 -13.40
CA SER A 731 8.86 4.68 -14.80
C SER A 731 9.90 3.58 -14.97
N THR A 732 9.97 3.03 -16.20
CA THR A 732 10.79 1.88 -16.63
C THR A 732 10.90 0.79 -15.56
N GLY A 733 9.73 0.31 -15.12
CA GLY A 733 9.60 -0.58 -13.98
C GLY A 733 10.33 -1.89 -14.03
N GLU A 734 11.21 -2.10 -13.05
CA GLU A 734 11.90 -3.36 -12.77
C GLU A 734 12.79 -3.83 -13.92
N LEU A 735 13.32 -2.89 -14.70
CA LEU A 735 14.13 -3.25 -15.87
C LEU A 735 15.18 -2.18 -16.13
N PHE A 736 16.02 -2.44 -17.13
CA PHE A 736 16.85 -1.42 -17.73
C PHE A 736 15.97 -0.43 -18.49
N PRO A 737 16.42 0.81 -18.68
CA PRO A 737 15.56 1.82 -19.35
C PRO A 737 15.28 1.49 -20.80
N ASN A 738 13.99 1.61 -21.18
CA ASN A 738 13.54 1.29 -22.52
C ASN A 738 12.27 2.08 -22.80
N LEU A 739 11.87 2.10 -24.06
CA LEU A 739 10.64 2.79 -24.43
C LEU A 739 9.39 2.03 -24.00
N TYR A 740 9.43 0.69 -24.09
CA TYR A 740 8.26 -0.15 -23.86
C TYR A 740 7.75 -0.02 -22.43
N SER A 741 8.67 -0.01 -21.47
CA SER A 741 8.27 0.05 -20.07
C SER A 741 7.80 1.45 -19.70
N LYS A 742 8.35 2.48 -20.33
CA LYS A 742 7.84 3.84 -20.11
C LYS A 742 6.42 4.00 -20.62
N LEU A 743 6.13 3.46 -21.81
CA LEU A 743 4.75 3.53 -22.28
C LEU A 743 3.81 2.61 -21.50
N ALA A 744 4.33 1.49 -20.98
CA ALA A 744 3.53 0.65 -20.10
C ALA A 744 3.20 1.35 -18.80
N CYS A 745 4.16 2.10 -18.24
CA CYS A 745 3.91 2.87 -17.03
C CYS A 745 2.92 4.00 -17.28
N LEU A 746 3.01 4.65 -18.44
CA LEU A 746 2.04 5.69 -18.79
C LEU A 746 0.64 5.11 -18.99
N THR A 747 0.54 3.95 -19.63
CA THR A 747 -0.74 3.28 -19.84
C THR A 747 -1.35 2.85 -18.52
N SER A 748 -0.53 2.31 -17.61
CA SER A 748 -1.00 1.91 -16.30
C SER A 748 -1.41 3.13 -15.47
N SER A 749 -0.72 4.26 -15.63
CA SER A 749 -1.09 5.47 -14.93
C SER A 749 -2.41 6.03 -15.42
N CYS A 750 -2.65 5.97 -16.74
CA CYS A 750 -3.95 6.40 -17.27
C CYS A 750 -5.08 5.49 -16.80
N LEU A 751 -4.83 4.18 -16.77
CA LEU A 751 -5.85 3.24 -16.28
C LEU A 751 -6.11 3.43 -14.78
N SER A 752 -5.05 3.66 -14.00
CA SER A 752 -5.20 3.81 -12.55
C SER A 752 -5.84 5.13 -12.19
N ALA A 753 -5.60 6.17 -12.99
CA ALA A 753 -6.34 7.41 -12.84
C ALA A 753 -7.80 7.23 -13.21
N ALA A 754 -8.07 6.49 -14.29
CA ALA A 754 -9.45 6.27 -14.72
C ALA A 754 -10.20 5.35 -13.78
N MET A 755 -9.49 4.60 -12.94
CA MET A 755 -10.16 3.78 -11.93
C MET A 755 -10.87 4.62 -10.88
N ALA A 756 -10.24 5.72 -10.45
CA ALA A 756 -10.76 6.52 -9.33
C ALA A 756 -11.48 7.78 -9.81
N ASP A 757 -12.54 7.56 -10.61
CA ASP A 757 -13.54 8.57 -10.96
C ASP A 757 -12.95 9.78 -11.68
N THR A 758 -12.00 9.52 -12.58
CA THR A 758 -11.55 10.50 -13.55
C THR A 758 -12.20 10.13 -14.88
N SER A 759 -12.70 11.13 -15.60
CA SER A 759 -13.48 10.89 -16.81
C SER A 759 -12.63 10.20 -17.87
N PRO A 760 -13.17 9.19 -18.56
CA PRO A 760 -12.36 8.43 -19.53
C PRO A 760 -11.90 9.25 -20.73
N TRP A 761 -12.67 10.26 -21.12
CA TRP A 761 -12.26 11.11 -22.24
C TRP A 761 -11.05 11.96 -21.86
N VAL A 762 -11.03 12.49 -20.63
CA VAL A 762 -9.90 13.30 -20.17
C VAL A 762 -8.63 12.48 -20.06
N ALA A 763 -8.72 11.27 -19.48
CA ALA A 763 -7.57 10.40 -19.37
C ALA A 763 -7.08 9.93 -20.74
N LEU A 764 -8.01 9.64 -21.65
CA LEU A 764 -7.66 9.21 -23.00
C LEU A 764 -6.96 10.33 -23.77
N ALA A 765 -7.54 11.53 -23.77
CA ALA A 765 -6.99 12.63 -24.55
C ALA A 765 -5.71 13.16 -23.93
N THR A 766 -5.54 12.99 -22.62
CA THR A 766 -4.25 13.27 -22.02
C THR A 766 -3.23 12.22 -22.47
N GLY A 767 -3.60 10.94 -22.43
CA GLY A 767 -2.64 9.88 -22.65
C GLY A 767 -2.18 9.77 -24.09
N VAL A 768 -3.01 10.19 -25.05
CA VAL A 768 -2.60 10.23 -26.45
C VAL A 768 -1.45 11.22 -26.64
N CYS A 769 -1.61 12.42 -26.11
CA CYS A 769 -0.56 13.44 -26.21
C CYS A 769 0.69 13.05 -25.43
N LEU A 770 0.51 12.48 -24.25
CA LEU A 770 1.66 12.04 -23.45
C LEU A 770 2.42 10.90 -24.12
N TYR A 771 1.68 9.97 -24.76
CA TYR A 771 2.30 8.89 -25.51
C TYR A 771 3.09 9.43 -26.69
N LEU A 772 2.55 10.46 -27.36
CA LEU A 772 3.25 11.05 -28.50
C LEU A 772 4.53 11.76 -28.08
N ILE A 773 4.49 12.52 -26.98
CA ILE A 773 5.71 13.19 -26.51
C ILE A 773 6.72 12.16 -26.00
N GLU A 774 6.26 11.09 -25.36
CA GLU A 774 7.18 10.05 -24.89
C GLU A 774 7.82 9.31 -26.04
N LEU A 775 7.13 9.23 -27.18
CA LEU A 775 7.80 8.78 -28.40
C LEU A 775 8.81 9.81 -28.90
N TYR A 776 8.44 11.11 -28.85
CA TYR A 776 9.26 12.14 -29.49
C TYR A 776 10.58 12.34 -28.76
N VAL A 777 10.64 11.99 -27.48
CA VAL A 777 11.91 12.03 -26.75
C VAL A 777 12.93 11.06 -27.34
N GLU A 778 12.49 9.84 -27.70
CA GLU A 778 13.46 8.83 -28.10
C GLU A 778 13.57 8.61 -29.61
N LEU A 779 12.46 8.68 -30.34
CA LEU A 779 12.49 8.29 -31.76
C LEU A 779 13.22 9.34 -32.61
N PRO A 780 13.91 8.92 -33.67
CA PRO A 780 14.67 9.84 -34.50
C PRO A 780 13.75 10.72 -35.33
N PRO A 781 14.25 11.83 -35.89
CA PRO A 781 13.36 12.74 -36.63
C PRO A 781 12.80 12.18 -37.93
N ALA A 782 13.28 11.02 -38.40
CA ALA A 782 12.73 10.44 -39.62
C ALA A 782 11.31 9.95 -39.41
N ILE A 783 11.05 9.30 -38.27
CA ILE A 783 9.72 8.76 -38.00
C ILE A 783 8.74 9.89 -37.69
N MET A 784 9.18 10.87 -36.91
CA MET A 784 8.24 11.79 -36.28
C MET A 784 7.80 12.94 -37.18
N GLN A 785 8.23 12.94 -38.44
CA GLN A 785 7.68 13.86 -39.43
C GLN A 785 6.77 13.17 -40.43
N ASP A 786 6.32 11.95 -40.12
CA ASP A 786 5.35 11.24 -40.94
C ASP A 786 4.03 11.14 -40.18
N GLU A 787 2.98 11.71 -40.76
CA GLU A 787 1.69 11.81 -40.08
C GLU A 787 0.98 10.47 -40.04
N SER A 788 0.96 9.77 -41.17
CA SER A 788 0.22 8.51 -41.25
C SER A 788 0.87 7.42 -40.42
N LEU A 789 2.20 7.39 -40.38
CA LEU A 789 2.92 6.44 -39.53
C LEU A 789 2.63 6.71 -38.05
N LEU A 790 2.59 7.97 -37.65
CA LEU A 790 2.30 8.30 -36.25
C LEU A 790 0.85 8.00 -35.90
N THR A 791 -0.06 8.12 -36.86
CA THR A 791 -1.45 7.77 -36.60
C THR A 791 -1.63 6.27 -36.46
N THR A 792 -0.97 5.48 -37.33
CA THR A 792 -1.08 4.03 -37.22
C THR A 792 -0.36 3.48 -35.99
N LEU A 793 0.78 4.06 -35.63
CA LEU A 793 1.60 3.47 -34.58
C LEU A 793 1.00 3.69 -33.19
N CYS A 794 0.07 4.63 -33.06
CA CYS A 794 -0.68 4.84 -31.83
C CYS A 794 -1.94 4.00 -31.78
N LEU A 795 -2.18 3.15 -32.77
CA LEU A 795 -3.43 2.42 -32.87
C LEU A 795 -3.22 0.91 -33.03
N VAL A 796 -2.04 0.41 -32.66
CA VAL A 796 -1.72 -1.01 -32.82
C VAL A 796 -1.92 -1.78 -31.52
N GLY A 797 -1.35 -1.30 -30.42
CA GLY A 797 -1.57 -1.91 -29.14
C GLY A 797 -0.76 -3.18 -28.93
N PRO A 798 -0.68 -3.65 -27.68
CA PRO A 798 0.12 -4.86 -27.40
C PRO A 798 -0.58 -6.14 -27.77
N SER A 799 -1.84 -6.08 -28.22
CA SER A 799 -2.59 -7.29 -28.55
C SER A 799 -2.07 -7.96 -29.80
N ILE A 800 -1.73 -7.19 -30.84
CA ILE A 800 -1.29 -7.75 -32.10
C ILE A 800 0.20 -7.50 -32.37
N GLY A 801 0.99 -7.22 -31.33
CA GLY A 801 2.43 -7.19 -31.47
C GLY A 801 3.07 -5.82 -31.40
N GLY A 802 2.31 -4.78 -31.05
CA GLY A 802 2.83 -3.43 -31.04
C GLY A 802 3.24 -2.94 -29.66
N LEU A 803 3.22 -1.62 -29.51
CA LEU A 803 3.63 -0.95 -28.29
C LEU A 803 2.46 -0.83 -27.31
N PRO A 804 2.73 -0.66 -26.01
CA PRO A 804 1.65 -0.38 -25.06
C PRO A 804 1.02 0.98 -25.33
N THR A 805 -0.31 1.01 -25.26
CA THR A 805 -1.04 2.17 -25.72
C THR A 805 -2.22 2.47 -24.80
N PRO A 806 -2.36 3.72 -24.34
CA PRO A 806 -3.56 4.06 -23.55
C PRO A 806 -4.85 4.07 -24.35
N ALA A 807 -4.77 4.17 -25.68
CA ALA A 807 -5.97 4.23 -26.50
C ALA A 807 -6.61 2.86 -26.67
N THR A 808 -5.81 1.80 -26.68
CA THR A 808 -6.31 0.49 -27.11
C THR A 808 -7.00 -0.28 -25.99
N LEU A 809 -6.95 0.22 -24.76
CA LEU A 809 -7.56 -0.49 -23.65
C LEU A 809 -9.07 -0.32 -23.66
N PRO A 810 -9.86 -1.39 -23.55
CA PRO A 810 -11.28 -1.26 -23.24
C PRO A 810 -11.55 -1.17 -21.75
N SER A 811 -10.52 -1.30 -20.91
CA SER A 811 -10.72 -1.26 -19.46
C SER A 811 -10.85 0.18 -18.96
N VAL A 812 -10.59 1.16 -19.81
CA VAL A 812 -10.78 2.57 -19.42
C VAL A 812 -12.26 2.88 -19.34
N PHE A 813 -13.01 2.56 -20.38
CA PHE A 813 -14.43 2.93 -20.43
C PHE A 813 -15.30 1.97 -19.62
N PHE A 814 -14.86 0.71 -19.49
CA PHE A 814 -15.63 -0.32 -18.81
C PHE A 814 -14.81 -0.88 -17.66
N ARG A 815 -15.47 -1.13 -16.53
CA ARG A 815 -14.77 -1.60 -15.33
C ARG A 815 -14.19 -3.01 -15.47
N GLY A 816 -15.01 -3.96 -15.92
CA GLY A 816 -14.59 -5.34 -15.97
C GLY A 816 -13.63 -5.63 -17.11
N MET A 817 -12.94 -6.76 -16.99
CA MET A 817 -12.03 -7.19 -18.03
C MET A 817 -12.80 -7.68 -19.26
N SER A 818 -12.24 -7.44 -20.45
CA SER A 818 -12.91 -7.75 -21.69
C SER A 818 -11.90 -8.34 -22.67
N ASP A 819 -12.40 -8.69 -23.86
CA ASP A 819 -11.56 -9.26 -24.91
C ASP A 819 -11.08 -8.15 -25.83
N PRO A 820 -9.77 -7.90 -25.93
CA PRO A 820 -9.31 -6.69 -26.61
C PRO A 820 -9.37 -6.74 -28.14
N LEU A 821 -9.41 -7.93 -28.74
CA LEU A 821 -9.26 -8.03 -30.19
C LEU A 821 -10.39 -7.41 -31.04
N PRO A 822 -11.69 -7.55 -30.72
CA PRO A 822 -12.70 -6.83 -31.53
C PRO A 822 -12.57 -5.32 -31.51
N PHE A 823 -12.19 -4.74 -30.36
CA PHE A 823 -11.92 -3.31 -30.28
C PHE A 823 -10.75 -2.90 -31.16
N GLN A 824 -9.68 -3.70 -31.14
CA GLN A 824 -8.50 -3.39 -31.92
C GLN A 824 -8.78 -3.45 -33.42
N LEU A 825 -9.52 -4.47 -33.84
CA LEU A 825 -9.88 -4.56 -35.25
C LEU A 825 -10.90 -3.50 -35.63
N ALA A 826 -11.71 -3.03 -34.67
CA ALA A 826 -12.64 -1.94 -34.95
C ALA A 826 -11.91 -0.63 -35.21
N LEU A 827 -10.90 -0.32 -34.38
CA LEU A 827 -10.08 0.87 -34.62
C LEU A 827 -9.31 0.77 -35.94
N LEU A 828 -8.72 -0.39 -36.22
CA LEU A 828 -7.93 -0.53 -37.44
C LEU A 828 -8.81 -0.60 -38.68
N GLN A 829 -10.06 -1.02 -38.54
CA GLN A 829 -10.99 -0.97 -39.66
C GLN A 829 -11.50 0.44 -39.90
N THR A 830 -11.74 1.19 -38.83
CA THR A 830 -12.17 2.59 -38.95
C THR A 830 -11.07 3.44 -39.56
N LEU A 831 -9.81 3.13 -39.25
CA LEU A 831 -8.66 3.88 -39.76
C LEU A 831 -8.56 3.84 -41.28
N ILE A 832 -8.85 2.69 -41.89
CA ILE A 832 -8.74 2.58 -43.35
C ILE A 832 -9.88 3.32 -44.04
N LYS A 833 -11.09 3.22 -43.50
CA LYS A 833 -12.23 3.82 -44.18
C LYS A 833 -12.30 5.33 -43.99
N THR A 834 -11.88 5.84 -42.83
CA THR A 834 -11.98 7.26 -42.57
C THR A 834 -10.71 8.04 -42.92
N THR A 835 -9.58 7.71 -42.29
CA THR A 835 -8.32 8.39 -42.55
C THR A 835 -7.68 7.80 -43.80
N GLY A 836 -6.99 8.64 -44.58
CA GLY A 836 -6.37 8.18 -45.81
C GLY A 836 -5.14 7.32 -45.61
N VAL A 837 -5.31 6.15 -45.01
CA VAL A 837 -4.24 5.20 -44.76
C VAL A 837 -4.60 3.89 -45.45
N THR A 838 -3.68 3.37 -46.24
CA THR A 838 -3.85 2.10 -46.92
C THR A 838 -3.52 0.96 -45.97
N CYS A 839 -3.87 -0.26 -46.39
CA CYS A 839 -3.57 -1.44 -45.57
C CYS A 839 -2.09 -1.79 -45.56
N SER A 840 -1.32 -1.25 -46.51
CA SER A 840 0.12 -1.53 -46.56
C SER A 840 0.85 -0.98 -45.35
N LEU A 841 0.45 0.20 -44.87
CA LEU A 841 1.09 0.76 -43.68
C LEU A 841 0.71 0.00 -42.42
N VAL A 842 -0.53 -0.52 -42.39
CA VAL A 842 -0.96 -1.36 -41.27
C VAL A 842 -0.17 -2.65 -41.24
N ASN A 843 0.02 -3.29 -42.40
CA ASN A 843 0.87 -4.47 -42.46
C ASN A 843 2.34 -4.14 -42.20
N ARG A 844 2.74 -2.88 -42.41
CA ARG A 844 4.11 -2.48 -42.10
C ARG A 844 4.31 -2.34 -40.59
N VAL A 845 3.33 -1.78 -39.88
CA VAL A 845 3.50 -1.52 -38.45
C VAL A 845 3.10 -2.70 -37.57
N VAL A 846 2.19 -3.57 -38.03
CA VAL A 846 1.76 -4.69 -37.20
C VAL A 846 2.78 -5.81 -37.26
N LYS A 847 3.20 -6.18 -38.48
CA LYS A 847 4.23 -7.19 -38.75
C LYS A 847 3.86 -8.55 -38.14
N LEU A 848 2.69 -9.06 -38.55
CA LEU A 848 2.15 -10.25 -37.94
C LEU A 848 2.94 -11.48 -38.35
N ARG A 849 3.68 -12.05 -37.40
CA ARG A 849 4.46 -13.25 -37.63
C ARG A 849 3.85 -14.41 -36.85
N ILE A 850 3.08 -15.24 -37.55
CA ILE A 850 2.40 -16.37 -36.92
C ILE A 850 3.44 -17.46 -36.68
N ALA A 851 3.44 -18.00 -35.48
CA ALA A 851 4.38 -19.06 -35.14
C ALA A 851 3.80 -20.42 -35.56
N PRO A 852 4.58 -21.26 -36.23
CA PRO A 852 4.09 -22.62 -36.55
C PRO A 852 3.84 -23.47 -35.32
N TYR A 853 4.61 -23.27 -34.25
CA TYR A 853 4.39 -24.03 -33.03
C TYR A 853 3.36 -23.32 -32.16
N PRO A 854 2.27 -24.00 -31.78
CA PRO A 854 1.32 -23.40 -30.84
C PRO A 854 1.90 -23.39 -29.43
N ASP A 855 1.87 -22.23 -28.79
CA ASP A 855 2.37 -22.06 -27.43
C ASP A 855 1.15 -21.92 -26.51
N TRP A 856 0.68 -23.06 -25.99
CA TRP A 856 -0.55 -23.08 -25.20
C TRP A 856 -0.34 -22.46 -23.82
N LEU A 857 0.92 -22.43 -23.37
CA LEU A 857 1.27 -21.77 -22.11
C LEU A 857 0.98 -20.28 -22.15
N SER A 858 1.19 -19.63 -23.29
CA SER A 858 0.82 -18.22 -23.43
C SER A 858 -0.70 -18.06 -23.43
N LEU A 859 -1.43 -19.10 -23.86
CA LEU A 859 -2.88 -19.01 -23.85
C LEU A 859 -3.42 -19.19 -22.43
N VAL A 860 -2.72 -19.92 -21.58
CA VAL A 860 -3.28 -20.13 -20.23
C VAL A 860 -2.71 -19.12 -19.25
N THR A 861 -1.61 -18.45 -19.59
CA THR A 861 -1.21 -17.28 -18.81
C THR A 861 -2.11 -16.09 -19.11
N ASP A 862 -2.68 -16.04 -20.31
CA ASP A 862 -3.60 -14.98 -20.71
C ASP A 862 -4.65 -15.54 -21.66
N PRO A 863 -5.92 -15.60 -21.27
CA PRO A 863 -6.94 -16.32 -22.06
C PRO A 863 -7.30 -15.67 -23.39
N THR A 864 -6.88 -14.43 -23.65
CA THR A 864 -7.20 -13.76 -24.89
C THR A 864 -5.98 -13.57 -25.80
N SER A 865 -4.81 -14.06 -25.39
CA SER A 865 -3.58 -13.81 -26.12
C SER A 865 -3.56 -14.57 -27.44
N LEU A 866 -2.69 -14.12 -28.35
CA LEU A 866 -2.59 -14.64 -29.69
C LEU A 866 -1.21 -15.24 -29.89
N ASN A 867 -1.12 -16.30 -30.70
CA ASN A 867 0.16 -16.92 -31.00
C ASN A 867 0.88 -16.08 -32.04
N ILE A 868 1.49 -14.99 -31.58
CA ILE A 868 2.15 -14.01 -32.43
C ILE A 868 3.57 -13.81 -31.90
N ALA A 869 4.32 -12.96 -32.58
CA ALA A 869 5.68 -12.62 -32.19
C ALA A 869 5.72 -11.17 -31.75
N GLN A 870 5.98 -10.94 -30.47
CA GLN A 870 6.12 -9.59 -29.93
C GLN A 870 7.61 -9.29 -29.73
N VAL A 871 8.17 -8.50 -30.64
CA VAL A 871 9.61 -8.25 -30.63
C VAL A 871 9.97 -7.07 -29.74
N TYR A 872 8.99 -6.26 -29.33
CA TYR A 872 9.29 -5.07 -28.55
C TYR A 872 9.39 -5.35 -27.06
N ARG A 873 8.94 -6.51 -26.60
CA ARG A 873 9.00 -6.85 -25.17
C ARG A 873 10.43 -7.17 -24.77
N PRO A 874 10.96 -6.56 -23.72
CA PRO A 874 12.37 -6.76 -23.35
C PRO A 874 12.62 -8.12 -22.73
N GLU A 875 13.88 -8.54 -22.78
CA GLU A 875 14.31 -9.75 -22.10
C GLU A 875 14.26 -9.57 -20.59
N ARG A 876 13.69 -10.57 -19.91
CA ARG A 876 13.44 -10.44 -18.48
C ARG A 876 14.72 -10.53 -17.65
N GLN A 877 15.58 -11.51 -17.95
CA GLN A 877 16.97 -11.65 -17.46
C GLN A 877 17.03 -12.06 -15.97
N ILE A 878 15.89 -12.05 -15.28
CA ILE A 878 15.84 -12.49 -13.89
C ILE A 878 14.97 -13.74 -13.75
N ARG A 879 14.12 -14.02 -14.75
CA ARG A 879 13.13 -15.10 -14.86
C ARG A 879 13.59 -16.47 -14.38
N ARG A 880 14.56 -17.05 -15.08
CA ARG A 880 15.32 -18.19 -14.58
C ARG A 880 16.76 -18.12 -15.05
N TRP A 881 17.22 -16.91 -15.36
CA TRP A 881 18.46 -16.68 -16.08
C TRP A 881 19.53 -16.02 -15.23
N ILE A 882 19.27 -15.84 -13.93
CA ILE A 882 20.27 -15.33 -12.99
C ILE A 882 20.65 -16.52 -12.11
N GLU A 883 20.45 -17.73 -12.66
CA GLU A 883 20.60 -18.99 -11.94
C GLU A 883 22.07 -19.33 -11.65
N GLU A 884 23.02 -18.58 -12.22
CA GLU A 884 24.44 -18.87 -12.06
C GLU A 884 24.91 -18.75 -10.62
N ALA A 885 24.26 -17.92 -9.81
CA ALA A 885 24.65 -17.77 -8.42
C ALA A 885 24.21 -18.98 -7.59
N ILE A 886 23.19 -19.70 -8.05
CA ILE A 886 22.62 -20.80 -7.27
C ILE A 886 23.58 -21.99 -7.24
N ALA A 887 24.18 -22.31 -8.39
CA ALA A 887 25.02 -23.50 -8.50
C ALA A 887 26.34 -23.30 -7.75
N THR A 888 26.74 -22.05 -7.53
CA THR A 888 28.03 -21.77 -6.90
C THR A 888 27.91 -21.36 -5.43
N SER A 889 26.98 -20.45 -5.10
CA SER A 889 26.98 -19.82 -3.78
C SER A 889 26.48 -20.76 -2.69
N SER A 890 25.43 -21.53 -2.97
CA SER A 890 24.80 -22.36 -1.95
C SER A 890 24.58 -23.77 -2.48
N HIS A 891 24.10 -24.65 -1.59
CA HIS A 891 23.92 -26.05 -1.91
C HIS A 891 22.48 -26.53 -1.73
N SER A 892 21.88 -26.27 -0.58
CA SER A 892 20.58 -26.83 -0.22
C SER A 892 19.63 -25.72 0.16
N SER A 893 18.52 -25.62 -0.56
CA SER A 893 17.45 -24.69 -0.25
C SER A 893 16.17 -25.17 -0.93
N ARG A 894 15.04 -24.62 -0.51
CA ARG A 894 13.76 -25.04 -1.05
C ARG A 894 13.37 -24.22 -2.27
N ILE A 895 13.92 -23.01 -2.43
CA ILE A 895 13.59 -22.18 -3.58
C ILE A 895 14.37 -22.66 -4.80
N ALA A 896 15.55 -23.26 -4.58
CA ALA A 896 16.29 -23.89 -5.65
C ALA A 896 15.56 -25.08 -6.26
N THR A 897 14.65 -25.72 -5.50
CA THR A 897 13.80 -26.75 -6.08
C THR A 897 12.91 -26.19 -7.18
N PHE A 898 12.41 -24.96 -6.98
CA PHE A 898 11.65 -24.31 -8.05
C PHE A 898 12.56 -23.81 -9.17
N PHE A 899 13.79 -23.38 -8.83
CA PHE A 899 14.60 -22.73 -9.87
C PHE A 899 15.35 -23.72 -10.77
N GLN A 900 15.99 -24.75 -10.19
CA GLN A 900 16.95 -25.52 -10.99
C GLN A 900 16.26 -26.45 -11.98
N GLN A 901 15.04 -26.88 -11.68
CA GLN A 901 14.33 -27.73 -12.61
C GLN A 901 13.42 -26.89 -13.49
N PRO A 902 13.18 -27.30 -14.74
CA PRO A 902 12.27 -26.52 -15.58
C PRO A 902 10.81 -26.83 -15.32
N LEU A 903 10.11 -25.86 -14.71
CA LEU A 903 8.66 -25.90 -14.66
C LEU A 903 8.03 -25.43 -15.96
N THR A 904 8.81 -24.80 -16.84
CA THR A 904 8.30 -24.48 -18.17
C THR A 904 8.06 -25.73 -19.00
N GLU A 905 8.96 -26.72 -18.88
CA GLU A 905 8.79 -27.96 -19.62
C GLU A 905 7.62 -28.76 -19.09
N MET A 906 7.45 -28.80 -17.76
CA MET A 906 6.29 -29.46 -17.17
C MET A 906 5.00 -28.71 -17.50
N ALA A 907 5.06 -27.38 -17.54
CA ALA A 907 3.94 -26.57 -17.97
C ALA A 907 3.56 -26.81 -19.42
N GLN A 908 4.56 -26.94 -20.30
CA GLN A 908 4.29 -27.23 -21.70
C GLN A 908 3.75 -28.64 -21.88
N LEU A 909 4.21 -29.57 -21.04
CA LEU A 909 3.67 -30.93 -21.05
C LEU A 909 2.19 -30.94 -20.66
N LEU A 910 1.85 -30.24 -19.57
CA LEU A 910 0.44 -30.17 -19.16
C LEU A 910 -0.38 -29.34 -20.14
N ALA A 911 0.27 -28.41 -20.84
CA ALA A 911 -0.40 -27.66 -21.90
C ALA A 911 -0.77 -28.56 -23.07
N ARG A 912 0.14 -29.45 -23.48
CA ARG A 912 -0.20 -30.40 -24.54
C ARG A 912 -1.20 -31.44 -24.03
N ASP A 913 -1.21 -31.71 -22.73
CA ASP A 913 -2.25 -32.57 -22.17
C ASP A 913 -3.62 -31.93 -22.26
N LEU A 914 -3.72 -30.65 -21.90
CA LEU A 914 -5.02 -29.98 -21.89
C LEU A 914 -5.39 -29.36 -23.22
N SER A 915 -4.52 -29.46 -24.22
CA SER A 915 -4.89 -29.02 -25.57
C SER A 915 -5.81 -30.03 -26.26
N THR A 916 -5.92 -31.24 -25.71
CA THR A 916 -6.67 -32.30 -26.38
C THR A 916 -8.18 -32.20 -26.16
N MET A 917 -8.64 -31.27 -25.33
CA MET A 917 -10.06 -31.04 -25.14
C MET A 917 -10.68 -30.53 -26.43
N MET A 918 -11.65 -31.29 -26.98
CA MET A 918 -12.12 -30.98 -28.33
C MET A 918 -13.06 -29.78 -28.35
N PRO A 919 -14.01 -29.60 -27.40
CA PRO A 919 -14.54 -28.22 -27.24
C PRO A 919 -13.62 -27.39 -26.33
N LEU A 920 -12.57 -26.84 -26.93
CA LEU A 920 -11.53 -26.17 -26.15
C LEU A 920 -12.03 -24.84 -25.58
N ARG A 921 -11.86 -24.68 -24.26
CA ARG A 921 -12.16 -23.45 -23.58
C ARG A 921 -10.93 -22.94 -22.86
N PRO A 922 -10.34 -21.83 -23.32
CA PRO A 922 -9.15 -21.29 -22.63
C PRO A 922 -9.44 -20.81 -21.22
N ARG A 923 -10.68 -20.39 -20.93
CA ARG A 923 -11.03 -20.01 -19.57
C ARG A 923 -10.99 -21.21 -18.63
N ASP A 924 -11.53 -22.34 -19.08
CA ASP A 924 -11.47 -23.57 -18.29
C ASP A 924 -10.04 -24.08 -18.17
N MET A 925 -9.24 -23.96 -19.24
CA MET A 925 -7.84 -24.36 -19.18
C MET A 925 -7.06 -23.51 -18.20
N SER A 926 -7.29 -22.19 -18.22
CA SER A 926 -6.62 -21.28 -17.30
C SER A 926 -7.10 -21.51 -15.87
N ALA A 927 -8.32 -22.02 -15.71
CA ALA A 927 -8.77 -22.46 -14.39
C ALA A 927 -8.03 -23.70 -13.93
N LEU A 928 -7.87 -24.70 -14.81
CA LEU A 928 -7.29 -25.97 -14.39
C LEU A 928 -5.78 -25.87 -14.15
N PHE A 929 -5.09 -24.99 -14.85
CA PHE A 929 -3.73 -24.65 -14.44
C PHE A 929 -3.71 -23.91 -13.10
N ALA A 930 -4.68 -23.02 -12.87
CA ALA A 930 -4.70 -22.27 -11.61
C ALA A 930 -4.97 -23.18 -10.42
N LEU A 931 -5.84 -24.17 -10.58
CA LEU A 931 -6.11 -25.13 -9.51
C LEU A 931 -5.01 -26.17 -9.38
N SER A 932 -4.07 -26.23 -10.30
CA SER A 932 -2.99 -27.21 -10.25
C SER A 932 -1.77 -26.60 -9.59
N ASN A 933 -0.75 -27.45 -9.42
CA ASN A 933 0.49 -26.99 -8.82
C ASN A 933 1.35 -26.23 -9.83
N VAL A 934 1.05 -26.39 -11.12
CA VAL A 934 1.93 -25.90 -12.17
C VAL A 934 1.88 -24.37 -12.26
N ALA A 935 0.71 -23.81 -12.53
CA ALA A 935 0.61 -22.36 -12.65
C ALA A 935 0.74 -21.68 -11.29
N TYR A 936 0.49 -22.43 -10.21
CA TYR A 936 0.83 -21.94 -8.88
C TYR A 936 2.34 -21.73 -8.73
N GLY A 937 3.13 -22.72 -9.17
CA GLY A 937 4.58 -22.56 -9.13
C GLY A 937 5.09 -21.49 -10.06
N LEU A 938 4.48 -21.36 -11.24
CA LEU A 938 4.78 -20.22 -12.12
C LEU A 938 4.42 -18.89 -11.47
N SER A 939 3.35 -18.86 -10.66
CA SER A 939 3.02 -17.65 -9.91
C SER A 939 4.08 -17.35 -8.85
N ILE A 940 4.61 -18.37 -8.18
CA ILE A 940 5.70 -18.18 -7.23
C ILE A 940 6.96 -17.62 -7.91
N ILE A 941 7.31 -18.19 -9.07
CA ILE A 941 8.45 -17.69 -9.83
C ILE A 941 8.17 -16.26 -10.33
N ASP A 942 6.91 -15.96 -10.63
CA ASP A 942 6.51 -14.60 -10.96
C ASP A 942 6.65 -13.66 -9.77
N LEU A 943 6.43 -14.16 -8.55
CA LEU A 943 6.61 -13.33 -7.36
C LEU A 943 8.06 -12.99 -7.12
N PHE A 944 8.98 -13.91 -7.42
CA PHE A 944 10.39 -13.56 -7.26
C PHE A 944 10.87 -12.53 -8.27
N GLN A 945 10.42 -12.59 -9.52
CA GLN A 945 10.89 -11.61 -10.50
C GLN A 945 10.20 -10.25 -10.31
N LYS A 946 8.90 -10.26 -9.99
CA LYS A 946 8.16 -9.02 -9.75
C LYS A 946 8.17 -8.70 -8.25
N SER A 947 9.33 -8.24 -7.78
CA SER A 947 9.48 -7.91 -6.37
C SER A 947 10.45 -6.75 -6.22
N SER A 948 10.27 -5.99 -5.13
CA SER A 948 11.22 -4.95 -4.78
C SER A 948 12.42 -5.56 -4.07
N THR A 949 13.54 -4.81 -4.10
CA THR A 949 14.81 -5.02 -3.38
C THR A 949 15.61 -6.18 -4.01
N VAL A 950 14.99 -6.96 -4.90
CA VAL A 950 15.73 -7.92 -5.69
C VAL A 950 16.18 -7.29 -7.01
N VAL A 951 15.35 -6.40 -7.56
CA VAL A 951 15.66 -5.82 -8.87
C VAL A 951 16.78 -4.79 -8.74
N SER A 952 16.68 -3.91 -7.75
CA SER A 952 17.69 -2.88 -7.55
C SER A 952 19.03 -3.47 -7.12
N ALA A 953 19.00 -4.49 -6.25
CA ALA A 953 20.24 -5.10 -5.79
C ALA A 953 20.87 -5.96 -6.87
N SER A 954 20.06 -6.70 -7.63
CA SER A 954 20.59 -7.49 -8.74
C SER A 954 20.95 -6.60 -9.92
N GLN A 955 20.45 -5.36 -9.94
CA GLN A 955 20.82 -4.38 -10.95
C GLN A 955 22.13 -3.70 -10.58
N ALA A 956 22.39 -3.54 -9.29
CA ALA A 956 23.64 -2.94 -8.83
C ALA A 956 24.81 -3.90 -8.97
N VAL A 957 24.53 -5.20 -9.04
CA VAL A 957 25.54 -6.22 -9.35
C VAL A 957 25.42 -6.49 -10.84
N HIS A 958 26.53 -6.88 -11.49
CA HIS A 958 26.63 -7.08 -12.94
C HIS A 958 26.29 -5.79 -13.69
N ILE A 959 27.15 -4.79 -13.50
CA ILE A 959 26.80 -3.39 -13.71
C ILE A 959 26.63 -3.06 -15.20
N GLU A 960 27.45 -3.65 -16.07
CA GLU A 960 27.55 -3.14 -17.43
C GLU A 960 26.45 -3.70 -18.33
N ASP A 961 25.88 -4.85 -17.94
CA ASP A 961 24.99 -5.59 -18.82
C ASP A 961 23.66 -4.87 -19.02
N VAL A 962 23.16 -4.19 -17.98
CA VAL A 962 21.89 -3.49 -18.11
C VAL A 962 22.02 -2.25 -18.97
N ALA A 963 23.19 -1.60 -18.97
CA ALA A 963 23.39 -0.46 -19.85
C ALA A 963 23.61 -0.91 -21.29
N LEU A 964 24.37 -1.99 -21.48
CA LEU A 964 24.60 -2.51 -22.83
C LEU A 964 23.31 -3.05 -23.44
N GLU A 965 22.45 -3.65 -22.62
CA GLU A 965 21.15 -4.10 -23.09
C GLU A 965 20.26 -2.92 -23.46
N SER A 966 20.43 -1.79 -22.77
CA SER A 966 19.67 -0.58 -23.12
C SER A 966 20.08 -0.04 -24.48
N VAL A 967 21.40 0.03 -24.74
CA VAL A 967 21.89 0.48 -26.04
C VAL A 967 21.44 -0.47 -27.15
N ARG A 968 21.54 -1.79 -26.89
CA ARG A 968 21.13 -2.79 -27.86
C ARG A 968 19.64 -2.72 -28.17
N TYR A 969 18.81 -2.55 -27.14
CA TYR A 969 17.37 -2.51 -27.34
C TYR A 969 16.96 -1.23 -28.06
N LYS A 970 17.64 -0.12 -27.77
CA LYS A 970 17.33 1.14 -28.46
C LYS A 970 17.66 1.05 -29.94
N GLU A 971 18.86 0.51 -30.27
CA GLU A 971 19.23 0.33 -31.67
C GLU A 971 18.28 -0.63 -32.38
N SER A 972 17.87 -1.70 -31.67
CA SER A 972 16.96 -2.68 -32.25
C SER A 972 15.60 -2.10 -32.55
N ILE A 973 15.03 -1.32 -31.61
CA ILE A 973 13.69 -0.79 -31.83
C ILE A 973 13.70 0.30 -32.90
N ILE A 974 14.79 1.07 -33.00
CA ILE A 974 14.86 2.11 -34.03
C ILE A 974 15.00 1.49 -35.42
N GLN A 975 15.87 0.48 -35.55
CA GLN A 975 16.06 -0.19 -36.83
C GLN A 975 14.81 -0.97 -37.23
N GLY A 976 14.08 -1.53 -36.26
CA GLY A 976 12.83 -2.20 -36.56
C GLY A 976 11.74 -1.25 -37.00
N LEU A 977 11.64 -0.09 -36.33
CA LEU A 977 10.59 0.87 -36.65
C LEU A 977 10.81 1.52 -38.00
N LEU A 978 12.07 1.77 -38.37
CA LEU A 978 12.34 2.35 -39.68
C LEU A 978 12.31 1.32 -40.80
N ASP A 979 12.21 0.04 -40.48
CA ASP A 979 12.15 -0.99 -41.52
C ASP A 979 10.78 -1.02 -42.18
N THR A 980 10.77 -1.23 -43.50
CA THR A 980 9.56 -1.17 -44.30
C THR A 980 9.10 -2.55 -44.80
N THR A 981 9.68 -3.63 -44.29
CA THR A 981 9.26 -4.96 -44.73
C THR A 981 7.92 -5.33 -44.14
N GLU A 982 6.98 -5.76 -45.00
CA GLU A 982 5.64 -6.07 -44.54
C GLU A 982 5.56 -7.48 -43.94
N GLY A 983 4.42 -7.75 -43.32
CA GLY A 983 4.15 -9.04 -42.71
C GLY A 983 2.94 -9.73 -43.31
N TYR A 984 2.06 -10.25 -42.47
CA TYR A 984 0.93 -11.02 -42.96
C TYR A 984 -0.15 -10.09 -43.50
N ASN A 985 -0.77 -10.48 -44.61
CA ASN A 985 -1.83 -9.69 -45.20
C ASN A 985 -3.12 -9.85 -44.39
N MET A 986 -3.62 -8.73 -43.85
CA MET A 986 -4.75 -8.75 -42.93
C MET A 986 -5.98 -8.06 -43.51
N GLN A 987 -6.10 -8.00 -44.84
CA GLN A 987 -7.27 -7.40 -45.46
C GLN A 987 -8.60 -8.15 -45.21
N PRO A 988 -8.69 -9.49 -45.32
CA PRO A 988 -9.99 -10.10 -44.99
C PRO A 988 -10.35 -10.04 -43.52
N TYR A 989 -9.36 -9.96 -42.62
CA TYR A 989 -9.67 -9.84 -41.20
C TYR A 989 -10.08 -8.43 -40.81
N LEU A 990 -9.93 -7.45 -41.71
CA LEU A 990 -10.30 -6.07 -41.43
C LEU A 990 -11.48 -5.61 -42.25
N GLU A 991 -12.42 -6.51 -42.56
CA GLU A 991 -13.64 -6.16 -43.28
C GLU A 991 -14.81 -6.90 -42.66
N GLY A 992 -15.99 -6.30 -42.77
CA GLY A 992 -17.18 -6.92 -42.19
C GLY A 992 -17.20 -6.83 -40.67
N CYS A 993 -17.88 -7.80 -40.07
CA CYS A 993 -17.93 -7.89 -38.61
C CYS A 993 -16.57 -8.27 -38.04
N THR A 994 -16.27 -7.75 -36.85
CA THR A 994 -15.01 -8.02 -36.18
C THR A 994 -15.06 -9.23 -35.26
N TYR A 995 -16.25 -9.72 -34.93
CA TYR A 995 -16.38 -10.85 -34.02
C TYR A 995 -15.91 -12.14 -34.71
N LEU A 996 -16.41 -12.37 -35.92
CA LEU A 996 -15.94 -13.48 -36.75
C LEU A 996 -14.49 -13.27 -37.15
N ALA A 997 -14.06 -12.02 -37.32
CA ALA A 997 -12.68 -11.72 -37.67
C ALA A 997 -11.72 -12.15 -36.56
N ALA A 998 -12.08 -11.87 -35.30
CA ALA A 998 -11.27 -12.32 -34.18
C ALA A 998 -11.27 -13.84 -34.08
N LYS A 999 -12.41 -14.48 -34.37
CA LYS A 999 -12.46 -15.94 -34.39
C LYS A 999 -11.53 -16.55 -35.44
N GLN A 1000 -11.55 -15.99 -36.66
CA GLN A 1000 -10.70 -16.53 -37.73
C GLN A 1000 -9.22 -16.24 -37.47
N LEU A 1001 -8.92 -15.09 -36.87
CA LEU A 1001 -7.51 -14.79 -36.56
C LEU A 1001 -6.98 -15.70 -35.47
N ARG A 1002 -7.83 -16.02 -34.48
CA ARG A 1002 -7.44 -16.96 -33.44
C ARG A 1002 -7.28 -18.37 -34.01
N ARG A 1003 -8.11 -18.75 -34.98
CA ARG A 1003 -7.92 -20.03 -35.66
C ARG A 1003 -6.61 -20.05 -36.46
N LEU A 1004 -6.26 -18.92 -37.08
CA LEU A 1004 -5.04 -18.86 -37.87
C LEU A 1004 -3.79 -19.00 -36.99
N THR A 1005 -3.76 -18.32 -35.85
CA THR A 1005 -2.57 -18.43 -35.00
C THR A 1005 -2.54 -19.75 -34.23
N TRP A 1006 -3.69 -20.22 -33.74
CA TRP A 1006 -3.69 -21.38 -32.84
C TRP A 1006 -3.84 -22.69 -33.58
N GLY A 1007 -4.52 -22.69 -34.72
CA GLY A 1007 -4.72 -23.90 -35.50
C GLY A 1007 -6.04 -24.58 -35.25
N ARG A 1008 -6.69 -24.31 -34.12
CA ARG A 1008 -7.99 -24.87 -33.82
C ARG A 1008 -8.93 -23.75 -33.40
N ASP A 1009 -10.22 -24.02 -33.58
CA ASP A 1009 -11.24 -23.04 -33.24
C ASP A 1009 -11.42 -22.94 -31.73
N LEU A 1010 -11.80 -21.75 -31.28
CA LEU A 1010 -12.04 -21.47 -29.86
C LEU A 1010 -13.39 -20.80 -29.71
N VAL A 1011 -14.18 -21.27 -28.74
CA VAL A 1011 -15.49 -20.73 -28.43
C VAL A 1011 -15.54 -20.38 -26.95
N GLY A 1012 -15.93 -19.14 -26.64
CA GLY A 1012 -16.11 -18.71 -25.27
C GLY A 1012 -15.26 -17.54 -24.82
N VAL A 1013 -14.13 -17.28 -25.47
CA VAL A 1013 -13.26 -16.17 -25.10
C VAL A 1013 -13.47 -14.94 -25.99
N THR A 1014 -14.41 -15.01 -26.92
CA THR A 1014 -14.62 -13.92 -27.87
C THR A 1014 -15.81 -13.08 -27.42
N MET A 1015 -15.53 -11.89 -26.90
CA MET A 1015 -16.54 -10.93 -26.46
C MET A 1015 -16.72 -9.88 -27.52
N PRO A 1016 -17.88 -9.80 -28.19
CA PRO A 1016 -18.07 -8.79 -29.23
C PRO A 1016 -18.11 -7.38 -28.65
N PHE A 1017 -17.57 -6.42 -29.40
CA PHE A 1017 -17.48 -5.06 -28.89
C PHE A 1017 -18.81 -4.35 -29.05
N VAL A 1018 -19.12 -3.48 -28.09
CA VAL A 1018 -20.49 -3.01 -27.87
C VAL A 1018 -20.94 -2.06 -28.98
N ALA A 1019 -20.05 -1.16 -29.42
CA ALA A 1019 -20.43 -0.24 -30.48
C ALA A 1019 -20.53 -0.95 -31.82
N GLU A 1020 -19.72 -2.00 -32.03
CA GLU A 1020 -19.97 -2.93 -33.12
C GLU A 1020 -21.32 -3.62 -32.95
N GLN A 1021 -21.62 -4.06 -31.72
CA GLN A 1021 -22.84 -4.81 -31.47
C GLN A 1021 -24.07 -3.92 -31.52
N PHE A 1022 -23.99 -2.74 -30.90
CA PHE A 1022 -25.16 -1.90 -30.72
C PHE A 1022 -24.90 -0.51 -31.30
N HIS A 1023 -25.85 -0.02 -32.10
CA HIS A 1023 -25.73 1.25 -32.78
C HIS A 1023 -26.67 2.25 -32.13
N PRO A 1024 -26.16 3.31 -31.50
CA PRO A 1024 -27.04 4.39 -31.03
C PRO A 1024 -27.76 5.07 -32.17
N HIS A 1025 -29.05 5.32 -31.97
CA HIS A 1025 -29.87 5.97 -32.98
C HIS A 1025 -30.75 7.00 -32.31
N SER A 1026 -31.09 8.05 -33.06
CA SER A 1026 -31.97 9.09 -32.55
C SER A 1026 -33.38 8.54 -32.35
N SER A 1027 -34.06 9.06 -31.33
CA SER A 1027 -35.39 8.56 -31.01
C SER A 1027 -36.42 8.93 -32.07
N VAL A 1028 -36.31 10.13 -32.64
CA VAL A 1028 -37.26 10.55 -33.66
C VAL A 1028 -36.97 9.87 -35.00
N GLY A 1029 -35.70 9.59 -35.29
CA GLY A 1029 -35.29 9.11 -36.59
C GLY A 1029 -34.94 7.63 -36.70
N ALA A 1030 -35.27 6.82 -35.70
CA ALA A 1030 -34.93 5.41 -35.74
C ALA A 1030 -35.84 4.65 -36.70
N LYS A 1031 -35.25 3.70 -37.44
CA LYS A 1031 -36.02 2.84 -38.31
C LYS A 1031 -36.79 1.80 -37.48
N ALA A 1032 -37.87 1.28 -38.07
CA ALA A 1032 -38.77 0.39 -37.35
C ALA A 1032 -38.12 -0.95 -37.04
N GLU A 1033 -37.32 -1.48 -37.99
CA GLU A 1033 -36.57 -2.71 -37.70
C GLU A 1033 -35.47 -2.46 -36.68
N LEU A 1034 -34.93 -1.24 -36.65
CA LEU A 1034 -34.00 -0.86 -35.59
C LEU A 1034 -34.73 -0.64 -34.28
N TYR A 1035 -35.97 -0.15 -34.34
CA TYR A 1035 -36.75 0.12 -33.13
C TYR A 1035 -37.26 -1.18 -32.50
N LEU A 1036 -37.42 -2.23 -33.32
CA LEU A 1036 -38.04 -3.46 -32.83
C LEU A 1036 -37.14 -4.18 -31.82
N ASP A 1037 -35.84 -4.20 -32.06
CA ASP A 1037 -34.89 -4.87 -31.18
C ASP A 1037 -33.96 -3.81 -30.61
N ALA A 1038 -34.30 -3.27 -29.44
CA ALA A 1038 -33.53 -2.20 -28.83
C ALA A 1038 -33.76 -2.18 -27.33
N ILE A 1039 -32.86 -1.47 -26.63
CA ILE A 1039 -32.98 -1.22 -25.20
C ILE A 1039 -33.32 0.26 -25.04
N ILE A 1040 -34.46 0.55 -24.42
CA ILE A 1040 -35.01 1.89 -24.34
C ILE A 1040 -34.57 2.54 -23.03
N TYR A 1041 -34.00 3.73 -23.12
CA TYR A 1041 -33.47 4.46 -21.98
C TYR A 1041 -34.33 5.70 -21.76
N CYS A 1042 -35.28 5.63 -20.84
CA CYS A 1042 -36.26 6.70 -20.65
C CYS A 1042 -35.79 7.65 -19.56
N PRO A 1043 -35.61 8.95 -19.86
CA PRO A 1043 -35.42 9.93 -18.79
C PRO A 1043 -36.75 10.36 -18.18
N GLN A 1044 -36.74 10.62 -16.88
CA GLN A 1044 -37.96 11.06 -16.22
C GLN A 1044 -38.26 12.53 -16.50
N GLU A 1045 -37.24 13.36 -16.65
CA GLU A 1045 -37.40 14.77 -17.00
C GLU A 1045 -36.35 15.14 -18.04
N THR A 1046 -36.37 16.41 -18.44
CA THR A 1046 -35.35 16.91 -19.35
C THR A 1046 -34.01 17.04 -18.64
N LEU A 1047 -32.96 16.55 -19.28
CA LEU A 1047 -31.63 16.48 -18.70
C LEU A 1047 -30.72 17.53 -19.32
N ARG A 1048 -30.05 18.29 -18.46
CA ARG A 1048 -29.11 19.33 -18.87
C ARG A 1048 -27.77 19.10 -18.17
N SER A 1049 -26.90 20.12 -18.19
CA SER A 1049 -25.52 19.95 -17.73
C SER A 1049 -25.42 19.68 -16.24
N HIS A 1050 -26.28 20.31 -15.44
CA HIS A 1050 -26.16 20.18 -13.99
C HIS A 1050 -26.76 18.87 -13.46
N HIS A 1051 -27.39 18.08 -14.32
CA HIS A 1051 -27.93 16.79 -13.90
C HIS A 1051 -26.84 15.76 -13.63
N LEU A 1052 -25.62 15.99 -14.12
CA LEU A 1052 -24.51 15.08 -13.86
C LEU A 1052 -23.98 15.23 -12.43
N THR A 1053 -24.36 16.30 -11.74
CA THR A 1053 -23.87 16.51 -10.38
C THR A 1053 -24.86 15.96 -9.34
N THR A 1054 -26.15 16.19 -9.54
CA THR A 1054 -27.16 15.88 -8.53
C THR A 1054 -27.78 14.52 -8.81
N ARG A 1055 -27.82 13.67 -7.78
CA ARG A 1055 -28.38 12.33 -7.90
C ARG A 1055 -29.91 12.41 -7.99
N GLY A 1056 -30.49 11.58 -8.86
CA GLY A 1056 -31.91 11.62 -9.13
C GLY A 1056 -32.74 10.71 -8.23
N ASP A 1057 -34.04 10.68 -8.54
CA ASP A 1057 -34.99 9.92 -7.73
C ASP A 1057 -34.94 8.43 -8.03
N GLN A 1058 -34.66 8.07 -9.28
CA GLN A 1058 -34.67 6.67 -9.67
C GLN A 1058 -33.47 5.95 -9.08
N PRO A 1059 -33.59 4.68 -8.72
CA PRO A 1059 -32.48 3.97 -8.08
C PRO A 1059 -31.36 3.66 -9.06
N LEU A 1060 -30.16 3.47 -8.50
CA LEU A 1060 -28.98 3.14 -9.29
C LEU A 1060 -29.07 1.73 -9.85
N GLN A 1145 -27.58 -3.34 -12.81
CA GLN A 1145 -27.29 -1.97 -12.43
C GLN A 1145 -26.00 -1.88 -11.61
N GLY A 1146 -25.52 -0.66 -11.41
CA GLY A 1146 -24.30 -0.42 -10.65
C GLY A 1146 -23.21 0.26 -11.46
N LEU A 1147 -23.04 -0.18 -12.71
CA LEU A 1147 -22.21 0.46 -13.74
C LEU A 1147 -20.78 0.77 -13.34
N THR A 1148 -20.29 1.98 -13.67
CA THR A 1148 -18.86 2.28 -13.58
C THR A 1148 -18.49 3.37 -12.58
N GLY A 1149 -19.44 4.21 -12.15
CA GLY A 1149 -19.15 5.27 -11.21
C GLY A 1149 -19.03 6.66 -11.81
N TYR A 1150 -18.70 6.76 -13.09
CA TYR A 1150 -18.69 8.05 -13.77
C TYR A 1150 -20.04 8.41 -14.35
N VAL A 1151 -20.85 7.41 -14.71
CA VAL A 1151 -22.21 7.61 -15.16
C VAL A 1151 -23.24 7.19 -14.10
N ASN A 1152 -22.80 7.00 -12.86
CA ASN A 1152 -23.71 6.57 -11.80
C ASN A 1152 -24.73 7.66 -11.45
N ILE A 1153 -24.29 8.92 -11.45
CA ILE A 1153 -25.22 10.02 -11.18
C ILE A 1153 -26.19 10.19 -12.33
N LEU A 1154 -25.72 10.00 -13.57
CA LEU A 1154 -26.60 10.10 -14.71
C LEU A 1154 -27.52 8.89 -14.83
N SER A 1155 -27.14 7.76 -14.22
CA SER A 1155 -27.98 6.58 -14.24
C SER A 1155 -29.24 6.74 -13.40
N THR A 1156 -29.22 7.62 -12.41
CA THR A 1156 -30.37 7.84 -11.53
C THR A 1156 -31.44 8.71 -12.16
N TRP A 1157 -31.22 9.22 -13.37
CA TRP A 1157 -32.21 9.98 -14.10
C TRP A 1157 -32.76 9.22 -15.29
N LEU A 1158 -32.36 7.96 -15.47
CA LEU A 1158 -32.70 7.17 -16.65
C LEU A 1158 -33.31 5.84 -16.23
N ARG A 1159 -34.30 5.39 -16.99
CA ARG A 1159 -34.92 4.08 -16.79
C ARG A 1159 -34.62 3.23 -18.01
N PHE A 1160 -33.98 2.08 -17.80
CA PHE A 1160 -33.66 1.15 -18.87
C PHE A 1160 -34.25 -0.23 -18.59
N SER A 1161 -34.71 -0.90 -19.65
CA SER A 1161 -35.27 -2.23 -19.54
C SER A 1161 -34.93 -3.02 -20.80
N SER A 1162 -34.98 -4.34 -20.70
CA SER A 1162 -34.63 -5.25 -21.78
C SER A 1162 -35.89 -5.52 -22.60
N ASP A 1163 -36.00 -4.85 -23.75
CA ASP A 1163 -37.15 -5.00 -24.63
C ASP A 1163 -36.76 -5.48 -26.02
N TYR A 1164 -35.67 -6.25 -26.13
CA TYR A 1164 -35.31 -6.91 -27.38
C TYR A 1164 -35.80 -8.35 -27.43
N LEU A 1165 -36.85 -8.67 -26.66
CA LEU A 1165 -37.29 -10.06 -26.48
C LEU A 1165 -37.98 -10.62 -27.72
N HIS A 1166 -38.29 -9.78 -28.71
CA HIS A 1166 -38.84 -10.28 -29.97
C HIS A 1166 -37.83 -11.16 -30.71
N SER A 1167 -36.55 -10.80 -30.64
CA SER A 1167 -35.53 -11.60 -31.29
C SER A 1167 -34.87 -12.57 -30.31
N PHE A 1168 -34.53 -12.08 -29.12
CA PHE A 1168 -33.79 -12.87 -28.14
C PHE A 1168 -34.41 -12.65 -26.77
N SER A 1169 -34.98 -13.70 -26.18
CA SER A 1169 -35.78 -13.59 -24.96
C SER A 1169 -34.89 -13.43 -23.73
N LYS A 1170 -34.19 -12.29 -23.70
CA LYS A 1170 -33.47 -11.66 -22.59
C LYS A 1170 -32.17 -12.39 -22.22
N SER A 1171 -31.95 -13.59 -22.79
CA SER A 1171 -30.67 -14.31 -22.82
C SER A 1171 -29.96 -14.46 -21.48
N SER A 1172 -30.57 -15.18 -20.54
CA SER A 1172 -30.07 -15.23 -19.17
C SER A 1172 -28.71 -15.92 -19.07
N ASP A 1173 -28.59 -17.12 -19.65
CA ASP A 1173 -27.29 -17.78 -19.81
C ASP A 1173 -27.30 -18.47 -21.17
N ASP A 1174 -27.82 -17.77 -22.18
CA ASP A 1174 -27.97 -18.33 -23.51
C ASP A 1174 -27.20 -17.62 -24.61
N TYR A 1175 -26.91 -16.32 -24.48
CA TYR A 1175 -26.30 -15.59 -25.58
C TYR A 1175 -25.18 -14.70 -25.04
N THR A 1176 -24.42 -14.11 -25.97
CA THR A 1176 -23.23 -13.33 -25.63
C THR A 1176 -23.60 -11.85 -25.57
N ILE A 1177 -24.36 -11.50 -24.53
CA ILE A 1177 -24.62 -10.11 -24.17
C ILE A 1177 -24.25 -9.92 -22.71
N HIS A 1178 -23.30 -9.03 -22.45
CA HIS A 1178 -22.90 -8.67 -21.09
C HIS A 1178 -23.60 -7.35 -20.79
N PHE A 1179 -24.54 -7.38 -19.85
CA PHE A 1179 -25.51 -6.30 -19.69
C PHE A 1179 -24.89 -5.04 -19.10
N GLN A 1180 -23.88 -5.19 -18.23
CA GLN A 1180 -23.22 -4.04 -17.62
C GLN A 1180 -22.55 -3.18 -18.68
N HIS A 1181 -21.91 -3.80 -19.67
CA HIS A 1181 -21.27 -3.06 -20.76
C HIS A 1181 -22.30 -2.31 -21.60
N VAL A 1182 -23.45 -2.93 -21.89
CA VAL A 1182 -24.45 -2.29 -22.73
C VAL A 1182 -25.11 -1.11 -22.01
N PHE A 1183 -25.44 -1.28 -20.72
CA PHE A 1183 -26.05 -0.18 -19.98
C PHE A 1183 -25.05 0.95 -19.75
N THR A 1184 -23.77 0.61 -19.53
CA THR A 1184 -22.73 1.62 -19.41
C THR A 1184 -22.55 2.37 -20.73
N TYR A 1185 -22.68 1.67 -21.86
CA TYR A 1185 -22.51 2.33 -23.16
C TYR A 1185 -23.68 3.25 -23.48
N GLY A 1186 -24.89 2.86 -23.08
CA GLY A 1186 -26.03 3.76 -23.24
C GLY A 1186 -25.91 5.01 -22.37
N CYS A 1187 -25.44 4.84 -21.13
CA CYS A 1187 -25.22 6.00 -20.27
C CYS A 1187 -24.07 6.87 -20.78
N LEU A 1188 -23.07 6.26 -21.44
CA LEU A 1188 -22.02 7.05 -22.09
C LEU A 1188 -22.55 7.82 -23.28
N TYR A 1189 -23.54 7.26 -24.00
CA TYR A 1189 -24.22 8.02 -25.04
C TYR A 1189 -24.93 9.24 -24.47
N ALA A 1190 -25.62 9.06 -23.34
CA ALA A 1190 -26.30 10.19 -22.70
C ALA A 1190 -25.29 11.24 -22.23
N ASP A 1191 -24.16 10.80 -21.68
CA ASP A 1191 -23.11 11.71 -21.24
C ASP A 1191 -22.49 12.47 -22.42
N SER A 1192 -22.29 11.81 -23.55
CA SER A 1192 -21.73 12.49 -24.72
C SER A 1192 -22.71 13.47 -25.32
N VAL A 1193 -24.02 13.21 -25.23
CA VAL A 1193 -24.99 14.18 -25.71
C VAL A 1193 -25.02 15.41 -24.80
N ILE A 1194 -25.01 15.21 -23.47
CA ILE A 1194 -25.11 16.34 -22.56
C ILE A 1194 -23.83 17.19 -22.58
N ARG A 1195 -22.66 16.56 -22.54
CA ARG A 1195 -21.44 17.34 -22.39
C ARG A 1195 -21.00 18.04 -23.67
N SER A 1196 -21.62 17.73 -24.81
CA SER A 1196 -21.30 18.38 -26.08
C SER A 1196 -22.26 19.49 -26.43
N GLY A 1197 -23.05 19.96 -25.46
CA GLY A 1197 -23.93 21.09 -25.68
C GLY A 1197 -25.36 20.74 -26.02
N GLY A 1198 -25.72 19.46 -26.04
CA GLY A 1198 -27.06 19.03 -26.33
C GLY A 1198 -27.81 18.62 -25.08
N VAL A 1199 -29.11 18.43 -25.26
CA VAL A 1199 -30.01 18.03 -24.18
C VAL A 1199 -30.72 16.75 -24.59
N ILE A 1200 -31.20 16.02 -23.59
CA ILE A 1200 -31.91 14.77 -23.78
C ILE A 1200 -33.34 14.97 -23.29
N SER A 1201 -34.32 14.77 -24.18
CA SER A 1201 -35.72 15.00 -23.86
C SER A 1201 -36.61 13.78 -24.11
N THR A 1202 -36.18 12.85 -24.96
CA THR A 1202 -37.00 11.70 -25.32
C THR A 1202 -36.22 10.44 -24.95
N PRO A 1203 -36.93 9.33 -24.71
CA PRO A 1203 -36.24 8.04 -24.48
C PRO A 1203 -35.40 7.62 -25.69
N TYR A 1204 -34.10 7.45 -25.46
CA TYR A 1204 -33.18 7.03 -26.50
C TYR A 1204 -33.00 5.52 -26.45
N LEU A 1205 -32.44 4.97 -27.52
CA LEU A 1205 -32.46 3.53 -27.78
C LEU A 1205 -31.12 3.07 -28.32
N LEU A 1206 -30.70 1.88 -27.90
CA LEU A 1206 -29.55 1.21 -28.48
C LEU A 1206 -30.04 0.07 -29.36
N SER A 1207 -29.91 0.23 -30.68
CA SER A 1207 -30.43 -0.74 -31.63
C SER A 1207 -29.33 -1.71 -32.05
N ALA A 1208 -29.73 -2.96 -32.30
CA ALA A 1208 -28.79 -3.97 -32.78
C ALA A 1208 -28.34 -3.64 -34.20
N SER A 1209 -27.06 -3.85 -34.47
CA SER A 1209 -26.51 -3.49 -35.78
C SER A 1209 -25.87 -4.67 -36.50
N CYS A 1210 -25.06 -5.47 -35.81
CA CYS A 1210 -24.37 -6.61 -36.41
C CYS A 1210 -25.16 -7.87 -36.06
N LYS A 1211 -25.69 -8.52 -37.10
CA LYS A 1211 -26.46 -9.75 -36.89
C LYS A 1211 -25.56 -10.88 -36.42
N THR A 1212 -24.36 -10.97 -36.99
CA THR A 1212 -23.42 -12.03 -36.67
C THR A 1212 -22.87 -11.93 -35.25
N CYS A 1213 -22.98 -10.76 -34.64
CA CYS A 1213 -22.44 -10.53 -33.29
C CYS A 1213 -23.30 -11.19 -32.22
N PHE A 1214 -24.49 -11.67 -32.60
CA PHE A 1214 -25.37 -12.40 -31.70
C PHE A 1214 -25.33 -13.87 -32.11
N GLU A 1215 -24.35 -14.60 -31.56
CA GLU A 1215 -24.16 -16.02 -31.87
C GLU A 1215 -24.28 -16.80 -30.56
N LYS A 1216 -24.81 -18.03 -30.65
CA LYS A 1216 -25.21 -18.79 -29.48
C LYS A 1216 -24.03 -19.19 -28.60
N ILE A 1217 -24.29 -19.29 -27.31
CA ILE A 1217 -23.52 -20.15 -26.41
C ILE A 1217 -24.51 -21.20 -25.89
N ASP A 1218 -24.13 -22.46 -26.04
CA ASP A 1218 -25.08 -23.55 -25.82
C ASP A 1218 -24.91 -24.13 -24.42
N SER A 1219 -25.64 -25.21 -24.14
CA SER A 1219 -25.32 -26.12 -23.05
C SER A 1219 -24.34 -27.17 -23.58
N GLU A 1220 -23.15 -26.68 -23.94
CA GLU A 1220 -22.19 -27.43 -24.75
C GLU A 1220 -21.28 -28.23 -23.83
N GLU A 1221 -21.41 -29.55 -23.88
CA GLU A 1221 -20.53 -30.41 -23.12
C GLU A 1221 -19.15 -30.47 -23.76
N PHE A 1222 -18.13 -30.43 -22.94
CA PHE A 1222 -16.75 -30.54 -23.40
C PHE A 1222 -16.15 -31.85 -22.92
N VAL A 1223 -15.53 -32.57 -23.85
CA VAL A 1223 -14.96 -33.89 -23.58
C VAL A 1223 -13.44 -33.76 -23.76
N LEU A 1224 -12.71 -34.08 -22.70
CA LEU A 1224 -11.25 -34.05 -22.74
C LEU A 1224 -10.78 -35.41 -23.24
N ALA A 1225 -10.27 -35.46 -24.47
CA ALA A 1225 -10.19 -36.71 -25.22
C ALA A 1225 -9.06 -37.61 -24.72
N CYS A 1226 -7.82 -37.12 -24.79
CA CYS A 1226 -6.68 -37.92 -24.40
C CYS A 1226 -6.60 -38.03 -22.88
N GLU A 1227 -5.85 -39.02 -22.41
CA GLU A 1227 -5.67 -39.19 -20.97
C GLU A 1227 -4.72 -38.12 -20.44
N PRO A 1228 -4.97 -37.60 -19.23
CA PRO A 1228 -4.03 -36.63 -18.66
C PRO A 1228 -2.72 -37.29 -18.27
N GLN A 1229 -1.61 -36.67 -18.70
CA GLN A 1229 -0.28 -37.11 -18.36
C GLN A 1229 0.34 -36.27 -17.24
N TYR A 1230 -0.48 -35.75 -16.34
CA TYR A 1230 -0.02 -34.88 -15.27
C TYR A 1230 0.46 -35.70 -14.07
N HIS B 127 -22.01 -45.10 41.75
CA HIS B 127 -20.66 -44.80 42.17
C HIS B 127 -20.43 -43.29 42.05
N SER B 128 -21.09 -42.54 42.92
CA SER B 128 -21.21 -41.10 42.75
C SER B 128 -20.03 -40.35 43.34
N ASP B 129 -19.83 -40.52 44.67
CA ASP B 129 -19.03 -39.60 45.46
C ASP B 129 -17.57 -39.58 45.04
N SER B 130 -16.97 -40.77 44.87
CA SER B 130 -15.57 -40.92 44.46
C SER B 130 -15.29 -40.17 43.17
N ILE B 131 -15.95 -40.61 42.08
CA ILE B 131 -15.60 -40.16 40.74
C ILE B 131 -15.91 -38.67 40.58
N ARG B 132 -17.14 -38.23 40.93
CA ARG B 132 -17.42 -36.85 40.55
C ARG B 132 -16.98 -35.84 41.61
N ILE B 133 -16.88 -36.20 42.89
CA ILE B 133 -16.35 -35.21 43.83
C ILE B 133 -14.82 -35.06 43.65
N LEU B 134 -14.10 -36.15 43.32
CA LEU B 134 -12.68 -35.97 43.00
C LEU B 134 -12.50 -35.21 41.69
N GLY B 135 -13.37 -35.44 40.70
CA GLY B 135 -13.32 -34.65 39.47
C GLY B 135 -13.59 -33.18 39.71
N GLU B 136 -14.53 -32.87 40.61
CA GLU B 136 -14.80 -31.48 40.99
C GLU B 136 -13.60 -30.86 41.70
N ASN B 137 -12.88 -31.65 42.50
CA ASN B 137 -11.66 -31.16 43.14
C ASN B 137 -10.59 -30.80 42.11
N ILE B 138 -10.42 -31.63 41.07
CA ILE B 138 -9.45 -31.28 40.02
C ILE B 138 -9.90 -30.06 39.23
N LYS B 139 -11.21 -29.89 39.02
CA LYS B 139 -11.71 -28.68 38.37
C LYS B 139 -11.43 -27.42 39.19
N ILE B 140 -11.62 -27.50 40.51
CA ILE B 140 -11.32 -26.37 41.40
C ILE B 140 -9.82 -26.08 41.40
N LEU B 141 -9.00 -27.13 41.32
CA LEU B 141 -7.55 -26.97 41.22
C LEU B 141 -7.16 -26.24 39.93
N ASP B 142 -7.82 -26.58 38.81
CA ASP B 142 -7.53 -25.92 37.55
C ASP B 142 -7.93 -24.44 37.56
N ARG B 143 -9.10 -24.14 38.17
CA ARG B 143 -9.52 -22.76 38.40
C ARG B 143 -8.46 -21.97 39.18
N SER B 144 -7.96 -22.57 40.28
CA SER B 144 -6.98 -21.89 41.11
C SER B 144 -5.65 -21.69 40.39
N MET B 145 -5.27 -22.65 39.53
CA MET B 145 -4.01 -22.49 38.80
C MET B 145 -4.08 -21.39 37.75
N LYS B 146 -5.20 -21.27 37.04
CA LYS B 146 -5.31 -20.14 36.10
C LYS B 146 -5.38 -18.80 36.83
N THR B 147 -6.01 -18.78 38.02
CA THR B 147 -6.00 -17.59 38.85
C THR B 147 -4.58 -17.21 39.28
N MET B 148 -3.74 -18.20 39.58
CA MET B 148 -2.34 -17.91 39.91
C MET B 148 -1.55 -17.47 38.68
N MET B 149 -1.87 -18.04 37.51
CA MET B 149 -1.17 -17.73 36.27
C MET B 149 -1.35 -16.27 35.87
N GLU B 150 -2.56 -15.74 36.07
CA GLU B 150 -2.80 -14.32 35.78
C GLU B 150 -1.93 -13.40 36.64
N THR B 151 -1.82 -13.71 37.93
CA THR B 151 -1.01 -12.89 38.84
C THR B 151 0.48 -12.96 38.51
N MET B 152 0.96 -14.16 38.19
CA MET B 152 2.36 -14.31 37.77
C MET B 152 2.62 -13.58 36.45
N LYS B 153 1.61 -13.51 35.58
CA LYS B 153 1.75 -12.77 34.34
C LYS B 153 1.86 -11.27 34.57
N LEU B 154 1.08 -10.73 35.52
CA LEU B 154 1.24 -9.30 35.87
C LEU B 154 2.59 -8.99 36.48
N MET B 155 3.09 -9.89 37.34
CA MET B 155 4.45 -9.72 37.89
C MET B 155 5.50 -9.75 36.80
N MET B 156 5.32 -10.64 35.82
CA MET B 156 6.20 -10.69 34.65
C MET B 156 6.18 -9.40 33.85
N GLU B 157 4.99 -8.81 33.64
CA GLU B 157 4.90 -7.53 32.95
C GLU B 157 5.69 -6.44 33.66
N LYS B 158 5.53 -6.33 34.98
CA LYS B 158 6.19 -5.25 35.71
C LYS B 158 7.70 -5.42 35.72
N VAL B 159 8.21 -6.64 35.91
CA VAL B 159 9.66 -6.80 35.94
C VAL B 159 10.26 -6.64 34.54
N ASP B 160 9.53 -7.04 33.49
CA ASP B 160 10.06 -6.89 32.14
C ASP B 160 10.10 -5.42 31.71
N LEU B 161 9.06 -4.65 32.03
CA LEU B 161 9.10 -3.24 31.65
C LEU B 161 10.11 -2.46 32.50
N LEU B 162 10.32 -2.86 33.75
CA LEU B 162 11.34 -2.17 34.55
C LEU B 162 12.74 -2.48 34.05
N TYR B 163 13.00 -3.74 33.65
CA TYR B 163 14.32 -4.07 33.08
C TYR B 163 14.52 -3.41 31.72
N ALA B 164 13.43 -3.28 30.94
CA ALA B 164 13.53 -2.61 29.65
C ALA B 164 13.81 -1.11 29.82
N SER B 165 13.20 -0.47 30.81
CA SER B 165 13.48 0.95 31.06
C SER B 165 14.89 1.13 31.61
N THR B 166 15.40 0.14 32.36
CA THR B 166 16.79 0.18 32.79
C THR B 166 17.75 0.04 31.61
N ALA B 167 17.35 -0.75 30.60
CA ALA B 167 18.27 -1.09 29.52
C ALA B 167 18.43 0.04 28.50
N VAL B 168 17.60 1.08 28.59
CA VAL B 168 17.67 2.17 27.61
C VAL B 168 18.94 2.99 27.81
N GLY B 169 19.72 3.12 26.75
CA GLY B 169 20.93 3.92 26.77
C GLY B 169 22.19 3.18 27.15
N THR B 170 22.11 1.91 27.53
CA THR B 170 23.26 1.12 27.91
C THR B 170 23.39 -0.04 26.94
N SER B 171 24.38 -0.90 27.19
CA SER B 171 24.57 -2.13 26.44
C SER B 171 24.16 -3.37 27.22
N ALA B 172 23.06 -3.30 27.97
CA ALA B 172 22.61 -4.45 28.75
C ALA B 172 22.09 -5.55 27.84
N PRO B 173 22.41 -6.82 28.11
CA PRO B 173 21.92 -7.90 27.27
C PRO B 173 20.42 -8.16 27.44
N MET B 174 19.82 -8.69 26.38
CA MET B 174 18.45 -9.18 26.45
C MET B 174 18.47 -10.56 27.08
N LEU B 175 17.66 -10.76 28.07
CA LEU B 175 17.54 -12.05 28.73
C LEU B 175 16.13 -12.61 28.57
N PRO B 176 15.97 -13.93 28.44
CA PRO B 176 14.66 -14.47 28.07
C PRO B 176 13.67 -14.49 29.23
N SER B 177 12.40 -14.62 28.87
CA SER B 177 11.28 -14.62 29.81
C SER B 177 10.52 -15.94 29.81
N HIS B 178 10.22 -16.50 28.63
CA HIS B 178 9.56 -17.79 28.43
C HIS B 178 10.60 -18.87 28.16
N PRO B 179 10.44 -20.06 28.77
CA PRO B 179 11.55 -21.04 28.81
C PRO B 179 11.98 -21.62 27.47
N ALA B 180 11.08 -22.32 26.77
CA ALA B 180 11.40 -23.07 25.56
C ALA B 180 10.15 -23.55 24.85
N PRO B 181 10.17 -23.69 23.52
CA PRO B 181 9.08 -24.36 22.82
C PRO B 181 9.04 -25.84 23.17
N PRO B 182 7.84 -26.45 23.21
CA PRO B 182 7.69 -27.89 23.48
C PRO B 182 8.28 -28.77 22.38
N HIS C 127 -12.80 -50.47 44.33
CA HIS C 127 -11.40 -50.15 44.63
C HIS C 127 -11.33 -48.85 45.44
N SER C 128 -12.11 -48.80 46.52
CA SER C 128 -12.26 -47.56 47.29
C SER C 128 -11.02 -47.25 48.10
N ASP C 129 -10.19 -48.26 48.39
CA ASP C 129 -9.02 -48.06 49.24
C ASP C 129 -7.97 -47.18 48.56
N SER C 130 -7.68 -47.44 47.28
CA SER C 130 -6.70 -46.64 46.57
C SER C 130 -7.26 -45.25 46.28
N ILE C 131 -8.59 -45.14 46.16
CA ILE C 131 -9.26 -43.84 46.10
C ILE C 131 -9.01 -43.04 47.36
N ARG C 132 -9.12 -43.69 48.53
CA ARG C 132 -8.84 -43.01 49.79
C ARG C 132 -7.37 -42.59 49.90
N ILE C 133 -6.47 -43.46 49.43
CA ILE C 133 -5.02 -43.17 49.43
C ILE C 133 -4.71 -41.96 48.56
N LEU C 134 -5.32 -41.85 47.38
CA LEU C 134 -5.10 -40.67 46.56
C LEU C 134 -5.85 -39.46 47.14
N GLY C 135 -6.94 -39.69 47.87
CA GLY C 135 -7.72 -38.58 48.41
C GLY C 135 -7.00 -37.83 49.50
N GLU C 136 -6.29 -38.58 50.36
CA GLU C 136 -5.51 -37.96 51.45
C GLU C 136 -4.41 -37.05 50.92
N ASN C 137 -3.96 -37.27 49.68
CA ASN C 137 -2.97 -36.36 49.11
C ASN C 137 -3.62 -35.28 48.24
N ILE C 138 -4.80 -35.59 47.66
CA ILE C 138 -5.40 -34.61 46.75
C ILE C 138 -6.03 -33.47 47.53
N LYS C 139 -6.35 -33.70 48.80
CA LYS C 139 -6.77 -32.57 49.65
C LYS C 139 -5.57 -31.66 49.97
N ILE C 140 -4.41 -32.27 50.18
CA ILE C 140 -3.17 -31.53 50.46
C ILE C 140 -2.77 -30.70 49.24
N LEU C 141 -3.11 -31.18 48.03
CA LEU C 141 -2.86 -30.37 46.83
C LEU C 141 -3.59 -29.03 46.85
N ASP C 142 -4.88 -29.03 47.20
CA ASP C 142 -5.63 -27.78 47.26
C ASP C 142 -5.16 -26.89 48.41
N ARG C 143 -4.78 -27.49 49.54
CA ARG C 143 -4.22 -26.70 50.65
C ARG C 143 -2.90 -26.03 50.23
N SER C 144 -2.07 -26.76 49.49
CA SER C 144 -0.82 -26.21 48.97
C SER C 144 -1.08 -25.11 47.96
N MET C 145 -2.11 -25.27 47.12
CA MET C 145 -2.47 -24.21 46.18
C MET C 145 -2.89 -22.93 46.90
N LYS C 146 -3.64 -23.07 47.99
CA LYS C 146 -4.04 -21.89 48.76
C LYS C 146 -2.84 -21.20 49.40
N THR C 147 -1.88 -21.96 49.95
CA THR C 147 -0.74 -21.30 50.58
C THR C 147 0.22 -20.70 49.54
N MET C 148 0.27 -21.27 48.34
CA MET C 148 1.07 -20.62 47.29
C MET C 148 0.37 -19.38 46.74
N MET C 149 -0.97 -19.34 46.76
CA MET C 149 -1.65 -18.07 46.48
C MET C 149 -1.31 -17.01 47.51
N GLU C 150 -1.24 -17.41 48.78
CA GLU C 150 -0.86 -16.48 49.86
C GLU C 150 0.54 -15.91 49.63
N THR C 151 1.51 -16.78 49.32
CA THR C 151 2.86 -16.25 49.11
C THR C 151 2.99 -15.51 47.77
N MET C 152 2.10 -15.79 46.80
CA MET C 152 2.10 -15.01 45.57
C MET C 152 1.62 -13.58 45.79
N LYS C 153 0.56 -13.39 46.59
CA LYS C 153 0.16 -12.01 46.94
C LYS C 153 1.22 -11.31 47.78
N LEU C 154 1.87 -12.01 48.71
CA LEU C 154 2.95 -11.39 49.48
C LEU C 154 4.17 -11.10 48.62
N MET C 155 4.33 -11.80 47.50
CA MET C 155 5.36 -11.42 46.54
C MET C 155 4.93 -10.20 45.74
N MET C 156 3.64 -10.16 45.38
CA MET C 156 3.08 -9.13 44.52
C MET C 156 3.15 -7.75 45.17
N GLU C 157 3.02 -7.70 46.50
CA GLU C 157 3.08 -6.41 47.21
C GLU C 157 4.44 -5.74 47.04
N LYS C 158 5.53 -6.49 47.23
CA LYS C 158 6.85 -5.89 47.10
C LYS C 158 7.28 -5.77 45.64
N VAL C 159 6.62 -6.50 44.74
CA VAL C 159 6.80 -6.21 43.31
C VAL C 159 6.17 -4.86 42.97
N ASP C 160 4.96 -4.63 43.46
CA ASP C 160 4.26 -3.38 43.16
C ASP C 160 4.94 -2.18 43.78
N LEU C 161 5.28 -2.28 45.07
CA LEU C 161 5.97 -1.19 45.75
C LEU C 161 7.20 -0.83 44.96
N LEU C 162 7.91 -1.85 44.49
CA LEU C 162 9.12 -1.62 43.69
C LEU C 162 8.80 -0.83 42.43
N TYR C 163 7.76 -1.24 41.69
CA TYR C 163 7.43 -0.55 40.44
C TYR C 163 6.87 0.84 40.68
N ALA C 164 6.36 1.11 41.89
CA ALA C 164 5.82 2.43 42.19
C ALA C 164 6.93 3.49 42.28
N SER C 165 8.03 3.17 42.97
CA SER C 165 9.08 4.14 43.25
C SER C 165 10.42 3.59 42.77
N THR C 166 11.12 4.39 41.94
CA THR C 166 12.44 4.00 41.46
C THR C 166 13.44 5.14 41.65
N HIS D 127 -9.34 -52.12 37.52
CA HIS D 127 -8.88 -50.83 37.04
C HIS D 127 -7.84 -50.25 37.99
N SER D 128 -7.17 -51.14 38.73
CA SER D 128 -6.32 -50.72 39.84
C SER D 128 -5.02 -50.07 39.36
N ASP D 129 -4.50 -50.52 38.22
CA ASP D 129 -3.22 -50.01 37.73
C ASP D 129 -3.31 -48.54 37.30
N SER D 130 -4.43 -48.16 36.67
CA SER D 130 -4.65 -46.77 36.30
C SER D 130 -4.78 -45.89 37.52
N ILE D 131 -5.44 -46.39 38.58
CA ILE D 131 -5.60 -45.63 39.81
C ILE D 131 -4.25 -45.48 40.52
N ARG D 132 -3.41 -46.52 40.46
CA ARG D 132 -2.09 -46.46 41.08
C ARG D 132 -1.19 -45.47 40.36
N ILE D 133 -1.18 -45.49 39.02
CA ILE D 133 -0.36 -44.54 38.28
C ILE D 133 -0.94 -43.12 38.40
N LEU D 134 -2.26 -43.02 38.64
CA LEU D 134 -2.89 -41.75 38.97
C LEU D 134 -2.36 -41.18 40.28
N GLY D 135 -2.27 -42.04 41.30
CA GLY D 135 -1.72 -41.61 42.58
C GLY D 135 -0.25 -41.22 42.48
N GLU D 136 0.50 -41.90 41.61
CA GLU D 136 1.88 -41.50 41.35
C GLU D 136 1.95 -40.12 40.69
N ASN D 137 1.02 -39.82 39.77
CA ASN D 137 0.97 -38.50 39.14
C ASN D 137 0.61 -37.41 40.16
N ILE D 138 -0.32 -37.71 41.07
CA ILE D 138 -0.67 -36.77 42.14
C ILE D 138 0.52 -36.55 43.08
N LYS D 139 1.29 -37.61 43.34
CA LYS D 139 2.46 -37.49 44.22
C LYS D 139 3.56 -36.64 43.59
N ILE D 140 3.82 -36.83 42.29
CA ILE D 140 4.85 -35.99 41.66
C ILE D 140 4.36 -34.56 41.45
N LEU D 141 3.05 -34.34 41.31
CA LEU D 141 2.53 -32.98 41.33
C LEU D 141 2.73 -32.31 42.69
N ASP D 142 2.56 -33.09 43.77
CA ASP D 142 2.84 -32.56 45.12
C ASP D 142 4.32 -32.23 45.29
N ARG D 143 5.20 -33.07 44.74
CA ARG D 143 6.64 -32.78 44.74
C ARG D 143 6.95 -31.51 43.96
N SER D 144 6.27 -31.32 42.82
CA SER D 144 6.43 -30.11 42.02
C SER D 144 5.98 -28.86 42.77
N MET D 145 4.88 -28.96 43.51
CA MET D 145 4.41 -27.80 44.28
C MET D 145 5.34 -27.50 45.45
N LYS D 146 5.93 -28.53 46.06
CA LYS D 146 6.91 -28.31 47.12
C LYS D 146 8.16 -27.60 46.60
N THR D 147 8.66 -28.03 45.43
CA THR D 147 9.80 -27.34 44.82
C THR D 147 9.44 -25.93 44.40
N MET D 148 8.19 -25.71 43.95
CA MET D 148 7.73 -24.37 43.60
C MET D 148 7.68 -23.46 44.82
N MET D 149 7.22 -23.99 45.97
CA MET D 149 7.16 -23.21 47.20
C MET D 149 8.57 -22.84 47.68
N GLU D 150 9.51 -23.78 47.59
CA GLU D 150 10.91 -23.50 47.93
C GLU D 150 11.49 -22.44 47.00
N THR D 151 11.17 -22.51 45.70
CA THR D 151 11.64 -21.52 44.74
C THR D 151 11.07 -20.13 45.04
N MET D 152 9.80 -20.06 45.46
CA MET D 152 9.22 -18.75 45.79
C MET D 152 9.81 -18.17 47.07
N LYS D 153 10.13 -19.02 48.06
CA LYS D 153 10.81 -18.53 49.25
C LYS D 153 12.21 -18.01 48.92
N LEU D 154 12.94 -18.71 48.04
CA LEU D 154 14.23 -18.23 47.56
C LEU D 154 14.08 -16.92 46.79
N MET D 155 13.00 -16.79 46.02
CA MET D 155 12.71 -15.54 45.33
C MET D 155 12.48 -14.38 46.29
N MET D 156 11.79 -14.62 47.39
CA MET D 156 11.54 -13.54 48.33
C MET D 156 12.82 -13.13 49.04
N GLU D 157 13.68 -14.10 49.38
CA GLU D 157 14.99 -13.79 49.95
C GLU D 157 15.84 -13.00 48.96
N LYS D 158 15.69 -13.29 47.65
CA LYS D 158 16.37 -12.52 46.63
C LYS D 158 15.84 -11.08 46.56
N VAL D 159 14.51 -10.92 46.54
CA VAL D 159 13.95 -9.60 46.25
C VAL D 159 13.92 -8.71 47.48
N ASP D 160 14.32 -9.22 48.64
CA ASP D 160 14.53 -8.30 49.77
C ASP D 160 15.75 -7.38 49.57
N LEU D 161 16.64 -7.69 48.63
CA LEU D 161 17.84 -6.87 48.43
C LEU D 161 17.53 -5.57 47.69
N LEU D 162 16.33 -5.49 47.08
CA LEU D 162 15.88 -4.33 46.32
C LEU D 162 15.89 -3.05 47.14
N TYR D 163 15.61 -3.16 48.43
CA TYR D 163 15.22 -1.97 49.18
C TYR D 163 16.41 -1.41 49.94
N ALA D 164 17.38 -2.27 50.28
CA ALA D 164 18.68 -1.79 50.71
C ALA D 164 19.51 -1.34 49.51
N SER D 165 19.22 -1.88 48.32
CA SER D 165 19.91 -1.42 47.11
C SER D 165 19.54 0.03 46.77
N THR D 166 18.27 0.40 46.93
CA THR D 166 17.82 1.76 46.66
C THR D 166 17.76 2.58 47.94
N HIS E 127 -15.57 -47.39 35.81
CA HIS E 127 -15.30 -47.39 34.38
C HIS E 127 -13.94 -46.74 34.12
N SER E 128 -13.25 -47.19 33.06
CA SER E 128 -11.89 -46.74 32.81
C SER E 128 -11.84 -45.32 32.26
N ASP E 129 -12.78 -44.98 31.37
CA ASP E 129 -12.71 -43.72 30.64
C ASP E 129 -12.90 -42.50 31.53
N SER E 130 -13.78 -42.61 32.54
CA SER E 130 -13.98 -41.51 33.47
C SER E 130 -12.75 -41.31 34.35
N ILE E 131 -11.97 -42.38 34.56
CA ILE E 131 -10.66 -42.24 35.19
C ILE E 131 -9.70 -41.55 34.24
N ARG E 132 -9.78 -41.85 32.93
CA ARG E 132 -8.87 -41.26 31.95
C ARG E 132 -9.03 -39.74 31.82
N ILE E 133 -10.28 -39.25 31.89
CA ILE E 133 -10.52 -37.80 31.75
C ILE E 133 -9.84 -37.03 32.88
N LEU E 134 -10.08 -37.47 34.11
CA LEU E 134 -9.48 -36.80 35.27
C LEU E 134 -7.98 -37.10 35.37
N GLY E 135 -7.52 -38.19 34.77
CA GLY E 135 -6.09 -38.44 34.67
C GLY E 135 -5.38 -37.44 33.76
N GLU E 136 -5.96 -37.15 32.60
CA GLU E 136 -5.42 -36.09 31.75
C GLU E 136 -5.51 -34.72 32.43
N ASN E 137 -6.61 -34.48 33.15
CA ASN E 137 -6.81 -33.23 33.86
C ASN E 137 -5.79 -33.05 34.98
N ILE E 138 -5.30 -34.14 35.58
CA ILE E 138 -4.30 -33.98 36.62
C ILE E 138 -2.88 -34.00 36.01
N LYS E 139 -2.74 -34.56 34.80
CA LYS E 139 -1.43 -34.58 34.15
C LYS E 139 -1.00 -33.22 33.62
N ILE E 140 -1.93 -32.43 33.06
CA ILE E 140 -1.51 -31.21 32.36
C ILE E 140 -0.99 -30.14 33.34
N LEU E 141 -1.45 -30.19 34.59
CA LEU E 141 -1.05 -29.17 35.55
C LEU E 141 0.39 -29.35 36.01
N ASP E 142 0.90 -30.59 35.96
CA ASP E 142 2.30 -30.83 36.29
C ASP E 142 3.24 -30.21 35.28
N ARG E 143 2.84 -30.19 34.01
CA ARG E 143 3.59 -29.45 32.99
C ARG E 143 3.50 -27.96 33.23
N SER E 144 2.31 -27.47 33.59
CA SER E 144 2.10 -26.04 33.85
C SER E 144 2.98 -25.54 35.00
N MET E 145 3.14 -26.37 36.03
CA MET E 145 4.01 -26.02 37.17
C MET E 145 5.46 -25.84 36.74
N LYS E 146 5.95 -26.72 35.87
CA LYS E 146 7.34 -26.64 35.42
C LYS E 146 7.57 -25.41 34.56
N THR E 147 6.60 -25.07 33.70
CA THR E 147 6.72 -23.82 32.92
C THR E 147 6.74 -22.60 33.83
N MET E 148 5.88 -22.58 34.87
CA MET E 148 5.88 -21.44 35.80
C MET E 148 7.19 -21.35 36.58
N MET E 149 7.74 -22.49 36.99
CA MET E 149 8.99 -22.49 37.76
C MET E 149 10.16 -21.98 36.92
N GLU E 150 10.30 -22.47 35.67
CA GLU E 150 11.39 -22.01 34.83
C GLU E 150 11.23 -20.55 34.43
N THR E 151 9.99 -20.11 34.21
CA THR E 151 9.70 -18.70 33.93
C THR E 151 10.12 -17.80 35.10
N MET E 152 9.82 -18.25 36.32
CA MET E 152 10.11 -17.40 37.48
C MET E 152 11.60 -17.43 37.80
N LYS E 153 12.30 -18.49 37.41
CA LYS E 153 13.77 -18.48 37.50
C LYS E 153 14.40 -17.53 36.48
N LEU E 154 13.80 -17.40 35.29
CA LEU E 154 14.27 -16.39 34.34
C LEU E 154 14.03 -14.97 34.89
N MET E 155 12.90 -14.77 35.58
CA MET E 155 12.68 -13.48 36.25
C MET E 155 13.66 -13.28 37.41
N MET E 156 14.10 -14.37 38.05
CA MET E 156 15.15 -14.28 39.05
C MET E 156 16.46 -13.77 38.47
N GLU E 157 16.83 -14.26 37.28
CA GLU E 157 18.03 -13.75 36.62
C GLU E 157 17.87 -12.28 36.25
N LYS E 158 16.67 -11.89 35.80
CA LYS E 158 16.42 -10.48 35.47
C LYS E 158 16.54 -9.57 36.70
N VAL E 159 15.97 -9.99 37.84
CA VAL E 159 16.07 -9.12 39.02
C VAL E 159 17.47 -9.18 39.61
N ASP E 160 18.23 -10.25 39.35
CA ASP E 160 19.64 -10.28 39.74
C ASP E 160 20.44 -9.21 39.00
N LEU E 161 20.18 -9.09 37.68
CA LEU E 161 20.79 -7.99 36.94
C LEU E 161 20.27 -6.63 37.39
N LEU E 162 19.04 -6.57 37.89
CA LEU E 162 18.53 -5.31 38.45
C LEU E 162 19.24 -4.93 39.75
N TYR E 163 19.60 -5.91 40.57
CA TYR E 163 20.43 -5.61 41.75
C TYR E 163 21.82 -5.17 41.32
N ALA E 164 22.36 -5.79 40.27
CA ALA E 164 23.69 -5.43 39.79
C ALA E 164 23.72 -4.01 39.21
N SER E 165 22.61 -3.58 38.59
CA SER E 165 22.55 -2.24 38.03
C SER E 165 22.47 -1.18 39.13
N THR E 166 21.63 -1.40 40.13
CA THR E 166 21.45 -0.43 41.20
C THR E 166 22.27 -0.83 42.43
ZN ZN F . -20.26 -6.73 -35.65
#